data_1NHC
#
_entry.id   1NHC
#
_cell.length_a   68.012
_cell.length_b   84.130
_cell.length_c   96.035
_cell.angle_alpha   114.32
_cell.angle_beta   98.00
_cell.angle_gamma   89.75
#
_symmetry.space_group_name_H-M   'P 1'
#
loop_
_entity.id
_entity.type
_entity.pdbx_description
1 polymer 'Polygalacturonase I'
2 branched 2-acetamido-2-deoxy-beta-D-glucopyranose-(1-4)-2-acetamido-2-deoxy-beta-D-glucopyranose
3 branched alpha-D-mannopyranose-(1-3)-[alpha-D-mannopyranose-(1-6)]alpha-D-mannopyranose-(1-6)-beta-D-mannopyranose-(1-4)-2-acetamido-2-deoxy-beta-D-glucopyranose-(1-4)-2-acetamido-2-deoxy-beta-D-glucopyranose
4 branched alpha-D-mannopyranose-(1-4)-2-acetamido-2-deoxy-beta-D-glucopyranose-(1-4)-2-acetamido-2-deoxy-beta-D-glucopyranose
5 non-polymer alpha-D-mannopyranose
6 non-polymer 'SULFATE ION'
7 non-polymer GLYCEROL
8 non-polymer 2-acetamido-2-deoxy-beta-D-glucopyranose
9 water water
#
_entity_poly.entity_id   1
_entity_poly.type   'polypeptide(L)'
_entity_poly.pdbx_seq_one_letter_code
;STCTFTSASEASESISSCSDVVLSSIEVPAGETLDLSDAADGSTITFEGTTSFGYKEWKGPLIRFGGKDLTVTMADGAVI
DGDGSRWWDSKGTNGGKTKPKFMYIHDVEDSTFKGINIKNTPVQAISVQATNVHLNDFTIDNSDGDDNGGHNTDGFDISE
STGVYISGATVKNQDDCIAINSGESISFTGGTCSGGHGLSIGSVGGRDDNTVKNVTISDSTVSNSANGVRIKTIYKETGD
VSEITYSNIQLSGITDYGIVIEQDYENGSPTGTPSTGIPITDVTVDGVTGTLEDDATQVYILCGDGSCSDWTWSGVDLSG
GKTSDKCENVPSGASC
;
_entity_poly.pdbx_strand_id   A,B,C,D,E,F
#
# COMPACT_ATOMS: atom_id res chain seq x y z
N SER A 1 -15.98 2.59 5.93
CA SER A 1 -15.68 1.13 6.14
C SER A 1 -16.87 0.33 6.67
N THR A 2 -18.01 0.49 6.03
CA THR A 2 -19.15 -0.42 6.14
C THR A 2 -18.75 -1.88 6.41
N CYS A 3 -19.35 -2.47 7.44
CA CYS A 3 -19.11 -3.87 7.74
C CYS A 3 -20.18 -4.67 7.02
N THR A 4 -19.76 -5.64 6.21
CA THR A 4 -20.71 -6.50 5.52
C THR A 4 -20.67 -7.92 6.09
N PHE A 5 -21.83 -8.39 6.55
CA PHE A 5 -21.93 -9.70 7.16
C PHE A 5 -22.80 -10.62 6.30
N THR A 6 -22.29 -11.82 6.08
CA THR A 6 -22.97 -12.80 5.26
C THR A 6 -23.47 -13.96 6.09
N SER A 7 -23.18 -13.95 7.38
CA SER A 7 -23.69 -14.97 8.27
C SER A 7 -24.10 -14.38 9.59
N ALA A 8 -24.94 -15.12 10.29
CA ALA A 8 -25.43 -14.71 11.60
C ALA A 8 -24.29 -14.58 12.64
N SER A 9 -23.32 -15.50 12.58
CA SER A 9 -22.19 -15.51 13.51
C SER A 9 -21.38 -14.22 13.31
N GLU A 10 -21.11 -13.86 12.07
CA GLU A 10 -20.33 -12.65 11.82
C GLU A 10 -21.02 -11.46 12.48
N ALA A 11 -22.32 -11.37 12.25
CA ALA A 11 -23.10 -10.26 12.78
C ALA A 11 -22.99 -10.16 14.27
N SER A 12 -23.32 -11.25 14.96
CA SER A 12 -23.33 -11.30 16.40
C SER A 12 -21.96 -11.00 16.95
N GLU A 13 -20.95 -11.51 16.29
CA GLU A 13 -19.61 -11.30 16.78
C GLU A 13 -19.07 -9.89 16.55
N SER A 14 -19.44 -9.27 15.45
CA SER A 14 -18.79 -8.03 15.02
C SER A 14 -19.63 -6.76 14.96
N ILE A 15 -20.95 -6.87 15.08
CA ILE A 15 -21.78 -5.71 14.94
C ILE A 15 -21.41 -4.53 15.87
N SER A 16 -21.04 -4.79 17.12
CA SER A 16 -20.75 -3.71 18.08
C SER A 16 -19.58 -2.84 17.68
N SER A 17 -18.74 -3.34 16.78
CA SER A 17 -17.56 -2.60 16.36
C SER A 17 -17.83 -1.81 15.08
N CYS A 18 -19.07 -1.80 14.62
CA CYS A 18 -19.38 -1.19 13.33
C CYS A 18 -20.41 -0.07 13.41
N SER A 19 -20.20 0.97 12.64
CA SER A 19 -21.12 2.10 12.61
C SER A 19 -22.04 1.98 11.41
N ASP A 20 -21.64 1.19 10.42
CA ASP A 20 -22.44 1.03 9.23
C ASP A 20 -22.42 -0.44 8.94
N VAL A 21 -23.61 -1.05 8.96
CA VAL A 21 -23.69 -2.48 8.82
C VAL A 21 -24.58 -2.93 7.67
N VAL A 22 -24.10 -3.89 6.87
CA VAL A 22 -24.87 -4.47 5.78
C VAL A 22 -25.03 -5.96 6.09
N LEU A 23 -26.27 -6.44 6.05
CA LEU A 23 -26.58 -7.83 6.36
C LEU A 23 -26.96 -8.40 5.01
N SER A 24 -26.03 -9.14 4.41
CA SER A 24 -26.13 -9.58 3.04
C SER A 24 -26.63 -11.02 2.88
N SER A 25 -27.90 -11.15 2.50
CA SER A 25 -28.50 -12.47 2.23
C SER A 25 -28.17 -13.54 3.26
N ILE A 26 -28.34 -13.23 4.55
CA ILE A 26 -28.00 -14.14 5.65
C ILE A 26 -29.00 -15.29 5.74
N GLU A 27 -28.48 -16.51 5.75
CA GLU A 27 -29.28 -17.72 5.97
C GLU A 27 -29.03 -18.03 7.44
N VAL A 28 -29.95 -17.61 8.32
CA VAL A 28 -29.79 -17.81 9.74
C VAL A 28 -29.99 -19.27 10.09
N PRO A 29 -29.05 -19.88 10.82
CA PRO A 29 -29.20 -21.31 11.08
C PRO A 29 -30.47 -21.63 11.86
N ALA A 30 -30.97 -22.82 11.64
CA ALA A 30 -32.14 -23.28 12.34
C ALA A 30 -31.94 -23.23 13.82
N GLY A 31 -32.94 -22.73 14.54
CA GLY A 31 -32.94 -22.72 15.99
C GLY A 31 -32.10 -21.61 16.59
N GLU A 32 -31.68 -20.66 15.75
CA GLU A 32 -30.86 -19.55 16.18
C GLU A 32 -31.51 -18.19 15.93
N THR A 33 -31.17 -17.25 16.78
CA THR A 33 -31.63 -15.88 16.60
C THR A 33 -30.55 -15.13 15.87
N LEU A 34 -30.96 -14.33 14.88
CA LEU A 34 -30.11 -13.35 14.25
C LEU A 34 -30.06 -12.20 15.25
N ASP A 35 -28.96 -12.18 15.99
CA ASP A 35 -28.78 -11.30 17.13
C ASP A 35 -28.04 -10.03 16.80
N LEU A 36 -28.82 -8.96 16.68
CA LEU A 36 -28.29 -7.66 16.41
C LEU A 36 -28.36 -6.76 17.65
N SER A 37 -28.55 -7.33 18.84
CA SER A 37 -28.83 -6.52 20.04
C SER A 37 -27.64 -5.68 20.51
N ASP A 38 -26.43 -6.09 20.13
CA ASP A 38 -25.23 -5.35 20.57
C ASP A 38 -24.78 -4.32 19.55
N ALA A 39 -25.70 -3.89 18.71
CA ALA A 39 -25.42 -2.88 17.74
C ALA A 39 -24.93 -1.59 18.43
N ALA A 40 -23.95 -0.94 17.81
CA ALA A 40 -23.37 0.30 18.34
C ALA A 40 -24.37 1.43 18.27
N ASP A 41 -24.42 2.19 19.35
CA ASP A 41 -25.22 3.37 19.38
C ASP A 41 -24.91 4.23 18.17
N GLY A 42 -25.97 4.71 17.52
CA GLY A 42 -25.86 5.58 16.38
C GLY A 42 -25.59 4.96 15.04
N SER A 43 -25.56 3.62 15.01
CA SER A 43 -25.22 2.92 13.79
C SER A 43 -26.39 2.80 12.81
N THR A 44 -26.04 2.47 11.58
CA THR A 44 -27.00 2.18 10.55
C THR A 44 -26.92 0.68 10.18
N ILE A 45 -28.07 0.04 10.08
CA ILE A 45 -28.15 -1.36 9.68
C ILE A 45 -28.99 -1.47 8.41
N THR A 46 -28.45 -2.10 7.36
CA THR A 46 -29.15 -2.27 6.13
C THR A 46 -29.26 -3.76 5.76
N PHE A 47 -30.48 -4.19 5.45
CA PHE A 47 -30.76 -5.55 5.02
C PHE A 47 -30.66 -5.58 3.51
N GLU A 48 -29.90 -6.55 2.98
CA GLU A 48 -29.72 -6.74 1.55
C GLU A 48 -30.10 -8.19 1.16
N GLY A 49 -30.62 -8.34 -0.04
CA GLY A 49 -31.06 -9.60 -0.61
C GLY A 49 -32.16 -10.23 0.22
N THR A 50 -32.15 -11.54 0.34
CA THR A 50 -33.19 -12.25 1.09
C THR A 50 -32.60 -12.79 2.39
N THR A 51 -33.15 -12.37 3.51
CA THR A 51 -32.76 -12.91 4.82
C THR A 51 -33.69 -14.10 5.10
N SER A 52 -33.10 -15.26 5.40
CA SER A 52 -33.88 -16.48 5.61
C SER A 52 -33.45 -17.18 6.89
N PHE A 53 -34.22 -18.22 7.27
CA PHE A 53 -34.10 -18.94 8.51
C PHE A 53 -34.34 -20.43 8.36
N GLY A 54 -33.48 -21.22 9.00
CA GLY A 54 -33.63 -22.66 8.97
C GLY A 54 -34.81 -23.13 9.77
N TYR A 55 -35.31 -24.30 9.43
CA TYR A 55 -36.50 -24.84 10.08
C TYR A 55 -36.18 -25.57 11.37
N LYS A 56 -36.81 -25.12 12.44
CA LYS A 56 -36.81 -25.80 13.73
C LYS A 56 -38.11 -25.41 14.42
N GLU A 57 -38.73 -26.33 15.13
CA GLU A 57 -39.93 -26.04 15.96
C GLU A 57 -39.42 -25.56 17.31
N TRP A 58 -39.28 -24.26 17.42
CA TRP A 58 -38.79 -23.61 18.60
C TRP A 58 -39.49 -22.28 18.78
N LYS A 59 -39.23 -21.62 19.91
CA LYS A 59 -39.94 -20.37 20.24
C LYS A 59 -39.42 -19.05 19.72
N GLY A 60 -38.23 -19.03 19.10
CA GLY A 60 -37.55 -17.83 18.65
C GLY A 60 -37.04 -16.95 19.77
N PRO A 61 -36.81 -15.68 19.51
CA PRO A 61 -37.10 -15.04 18.23
C PRO A 61 -36.11 -15.29 17.09
N LEU A 62 -36.57 -15.06 15.87
CA LEU A 62 -35.72 -15.27 14.69
C LEU A 62 -34.75 -14.08 14.52
N ILE A 63 -35.17 -12.88 14.94
CA ILE A 63 -34.37 -11.67 14.83
C ILE A 63 -34.55 -10.83 16.07
N ARG A 64 -33.44 -10.35 16.63
CA ARG A 64 -33.48 -9.56 17.84
C ARG A 64 -32.71 -8.26 17.64
N PHE A 65 -33.38 -7.13 17.74
CA PHE A 65 -32.68 -5.82 17.68
C PHE A 65 -32.38 -5.37 19.12
N GLY A 66 -31.58 -4.32 19.23
CA GLY A 66 -31.24 -3.75 20.52
C GLY A 66 -30.37 -2.54 20.27
N GLY A 67 -30.47 -1.51 21.12
CA GLY A 67 -29.57 -0.37 21.02
C GLY A 67 -30.26 0.98 20.94
N LYS A 68 -29.48 2.04 20.70
CA LYS A 68 -29.99 3.41 20.71
C LYS A 68 -29.52 4.22 19.51
N ASP A 69 -30.38 5.12 19.03
CA ASP A 69 -30.10 6.01 17.91
C ASP A 69 -29.78 5.23 16.67
N LEU A 70 -30.45 4.09 16.51
CA LEU A 70 -30.22 3.27 15.34
C LEU A 70 -31.01 3.73 14.15
N THR A 71 -30.48 3.44 12.98
CA THR A 71 -31.24 3.61 11.77
C THR A 71 -31.23 2.25 11.06
N VAL A 72 -32.42 1.69 10.84
CA VAL A 72 -32.52 0.36 10.23
C VAL A 72 -33.31 0.45 8.92
N THR A 73 -32.75 -0.09 7.83
CA THR A 73 -33.38 -0.01 6.53
C THR A 73 -33.14 -1.26 5.66
N MET A 74 -33.73 -1.23 4.47
CA MET A 74 -33.67 -2.31 3.48
C MET A 74 -33.12 -1.76 2.20
N ALA A 75 -32.24 -2.52 1.57
CA ALA A 75 -31.79 -2.20 0.23
C ALA A 75 -32.90 -2.48 -0.79
N ASP A 76 -32.77 -1.92 -1.99
CA ASP A 76 -33.77 -2.14 -3.01
C ASP A 76 -33.97 -3.65 -3.21
N GLY A 77 -35.22 -4.11 -3.26
CA GLY A 77 -35.56 -5.51 -3.48
C GLY A 77 -35.35 -6.48 -2.32
N ALA A 78 -34.78 -6.00 -1.21
CA ALA A 78 -34.48 -6.85 -0.09
C ALA A 78 -35.76 -7.28 0.64
N VAL A 79 -35.70 -8.45 1.25
CA VAL A 79 -36.86 -9.00 1.98
C VAL A 79 -36.37 -9.89 3.13
N ILE A 80 -37.11 -9.91 4.23
CA ILE A 80 -36.85 -10.80 5.33
C ILE A 80 -37.97 -11.81 5.22
N ASP A 81 -37.63 -13.04 4.85
CA ASP A 81 -38.59 -14.07 4.52
C ASP A 81 -38.59 -15.15 5.61
N GLY A 82 -39.68 -15.25 6.36
CA GLY A 82 -39.77 -16.24 7.40
C GLY A 82 -40.09 -17.62 6.86
N ASP A 83 -40.58 -17.67 5.61
CA ASP A 83 -41.06 -18.91 4.96
C ASP A 83 -41.90 -19.69 5.95
N GLY A 84 -42.86 -18.96 6.53
CA GLY A 84 -43.70 -19.47 7.60
C GLY A 84 -44.56 -20.70 7.30
N SER A 85 -44.86 -20.94 6.04
CA SER A 85 -45.73 -22.05 5.67
C SER A 85 -45.13 -23.39 6.13
N ARG A 86 -43.82 -23.40 6.41
CA ARG A 86 -43.18 -24.60 6.95
C ARG A 86 -43.78 -24.99 8.30
N TRP A 87 -44.15 -23.98 9.11
CA TRP A 87 -44.75 -24.21 10.39
C TRP A 87 -46.27 -24.18 10.36
N TRP A 88 -46.87 -23.34 9.50
CA TRP A 88 -48.31 -23.11 9.51
C TRP A 88 -49.06 -24.45 9.51
N ASP A 89 -50.04 -24.54 10.40
CA ASP A 89 -50.82 -25.78 10.59
C ASP A 89 -52.26 -25.48 11.06
N SER A 90 -52.68 -24.24 10.82
CA SER A 90 -54.01 -23.72 11.19
C SER A 90 -54.18 -23.48 12.69
N LYS A 91 -53.14 -23.73 13.49
CA LYS A 91 -53.25 -23.61 14.93
C LYS A 91 -52.43 -22.50 15.58
N GLY A 92 -51.49 -21.94 14.84
CA GLY A 92 -50.70 -20.81 15.30
C GLY A 92 -50.12 -21.05 16.68
N THR A 93 -50.32 -20.09 17.59
CA THR A 93 -49.80 -20.21 18.96
C THR A 93 -50.68 -21.06 19.89
N ASN A 94 -51.85 -21.48 19.44
CA ASN A 94 -52.78 -22.24 20.31
C ASN A 94 -52.49 -23.74 20.38
N GLY A 95 -51.79 -24.28 19.40
CA GLY A 95 -51.50 -25.69 19.39
C GLY A 95 -50.63 -26.09 18.21
N GLY A 96 -50.57 -27.38 17.97
CA GLY A 96 -49.79 -27.89 16.85
C GLY A 96 -48.31 -27.70 17.13
N LYS A 97 -47.60 -27.38 16.07
CA LYS A 97 -46.16 -27.20 16.15
C LYS A 97 -45.79 -26.01 17.00
N THR A 98 -44.65 -26.11 17.68
CA THR A 98 -44.05 -24.95 18.32
C THR A 98 -43.52 -24.04 17.20
N LYS A 99 -43.91 -22.77 17.21
CA LYS A 99 -43.59 -21.83 16.14
C LYS A 99 -42.87 -20.61 16.67
N PRO A 100 -41.78 -20.23 16.01
CA PRO A 100 -40.96 -19.15 16.58
C PRO A 100 -41.47 -17.76 16.37
N LYS A 101 -41.33 -16.94 17.40
CA LYS A 101 -41.55 -15.51 17.26
C LYS A 101 -40.59 -15.00 16.23
N PHE A 102 -40.98 -13.94 15.51
CA PHE A 102 -40.22 -13.41 14.38
C PHE A 102 -39.26 -12.31 14.76
N MET A 103 -39.72 -11.06 14.83
CA MET A 103 -38.84 -9.94 15.06
C MET A 103 -39.10 -9.22 16.39
N TYR A 104 -38.05 -9.16 17.20
CA TYR A 104 -38.12 -8.45 18.47
C TYR A 104 -37.46 -7.08 18.34
N ILE A 105 -38.25 -6.03 18.46
CA ILE A 105 -37.73 -4.69 18.57
C ILE A 105 -37.93 -4.37 20.05
N HIS A 106 -37.04 -4.94 20.84
CA HIS A 106 -37.01 -4.84 22.29
C HIS A 106 -35.74 -4.10 22.65
N ASP A 107 -35.71 -3.48 23.82
CA ASP A 107 -34.47 -2.81 24.28
C ASP A 107 -33.86 -1.87 23.24
N VAL A 108 -34.75 -1.19 22.51
CA VAL A 108 -34.40 -0.23 21.50
C VAL A 108 -34.96 1.13 21.89
N GLU A 109 -34.16 2.17 21.68
CA GLU A 109 -34.58 3.54 21.97
C GLU A 109 -34.13 4.51 20.91
N ASP A 110 -34.95 5.54 20.70
CA ASP A 110 -34.62 6.68 19.82
C ASP A 110 -34.10 6.23 18.47
N SER A 111 -34.79 5.24 17.90
CA SER A 111 -34.35 4.70 16.63
C SER A 111 -35.48 4.72 15.62
N THR A 112 -35.11 4.68 14.33
CA THR A 112 -36.03 4.67 13.22
C THR A 112 -35.81 3.44 12.33
N PHE A 113 -36.89 2.72 12.04
CA PHE A 113 -36.85 1.59 11.12
C PHE A 113 -37.64 2.01 9.87
N LYS A 114 -37.04 1.88 8.70
CA LYS A 114 -37.69 2.34 7.49
C LYS A 114 -37.76 1.31 6.41
N GLY A 115 -38.94 1.17 5.81
CA GLY A 115 -39.11 0.29 4.65
C GLY A 115 -38.94 -1.17 4.89
N ILE A 116 -38.97 -1.59 6.15
CA ILE A 116 -38.78 -2.99 6.51
C ILE A 116 -39.81 -3.86 5.78
N ASN A 117 -39.30 -4.81 4.99
CA ASN A 117 -40.13 -5.60 4.12
C ASN A 117 -40.06 -7.06 4.55
N ILE A 118 -41.20 -7.61 4.99
CA ILE A 118 -41.26 -8.94 5.64
C ILE A 118 -42.30 -9.80 4.93
N LYS A 119 -42.00 -11.09 4.78
CA LYS A 119 -42.94 -12.03 4.22
C LYS A 119 -43.04 -13.30 5.08
N ASN A 120 -44.26 -13.78 5.28
CA ASN A 120 -44.55 -15.08 5.85
C ASN A 120 -43.88 -15.43 7.16
N THR A 121 -44.30 -14.75 8.20
CA THR A 121 -43.79 -15.02 9.52
C THR A 121 -44.47 -16.29 10.03
N PRO A 122 -43.78 -17.09 10.84
CA PRO A 122 -44.40 -18.30 11.40
C PRO A 122 -45.69 -18.04 12.20
N VAL A 123 -45.60 -17.05 13.11
CA VAL A 123 -46.71 -16.56 13.95
C VAL A 123 -46.59 -15.05 13.98
N GLN A 124 -46.55 -14.40 15.15
CA GLN A 124 -46.52 -12.95 15.18
C GLN A 124 -45.28 -12.37 14.55
N ALA A 125 -45.47 -11.24 13.84
CA ALA A 125 -44.40 -10.66 13.06
C ALA A 125 -43.47 -9.79 13.89
N ILE A 126 -44.01 -8.71 14.48
CA ILE A 126 -43.15 -7.77 15.22
C ILE A 126 -43.62 -7.59 16.66
N SER A 127 -42.72 -7.85 17.60
CA SER A 127 -42.97 -7.58 19.01
C SER A 127 -42.21 -6.27 19.36
N VAL A 128 -42.93 -5.24 19.79
CA VAL A 128 -42.31 -3.95 20.06
C VAL A 128 -42.33 -3.69 21.57
N GLN A 129 -41.13 -3.43 22.13
CA GLN A 129 -40.98 -3.09 23.55
C GLN A 129 -39.87 -2.07 23.49
N ALA A 130 -40.25 -0.82 23.27
CA ALA A 130 -39.30 0.21 22.94
C ALA A 130 -39.72 1.58 23.38
N THR A 131 -38.78 2.51 23.25
CA THR A 131 -38.99 3.88 23.67
C THR A 131 -38.60 4.81 22.57
N ASN A 132 -39.54 5.63 22.14
CA ASN A 132 -39.27 6.62 21.14
C ASN A 132 -38.71 6.02 19.84
N VAL A 133 -39.54 5.24 19.17
CA VAL A 133 -39.14 4.62 17.93
C VAL A 133 -40.16 4.90 16.85
N HIS A 134 -39.63 5.12 15.67
CA HIS A 134 -40.44 5.29 14.48
C HIS A 134 -40.32 4.06 13.60
N LEU A 135 -41.47 3.51 13.21
CA LEU A 135 -41.50 2.30 12.38
C LEU A 135 -42.25 2.73 11.13
N ASN A 136 -41.50 3.05 10.07
CA ASN A 136 -42.06 3.61 8.86
C ASN A 136 -42.07 2.76 7.62
N ASP A 137 -43.18 2.83 6.91
CA ASP A 137 -43.34 2.10 5.63
C ASP A 137 -43.03 0.61 5.67
N PHE A 138 -43.41 -0.04 6.76
CA PHE A 138 -43.27 -1.49 6.87
C PHE A 138 -44.26 -2.20 5.96
N THR A 139 -43.84 -3.35 5.43
CA THR A 139 -44.75 -4.25 4.74
C THR A 139 -44.60 -5.60 5.43
N ILE A 140 -45.70 -6.15 5.94
CA ILE A 140 -45.68 -7.41 6.60
C ILE A 140 -46.67 -8.25 5.80
N ASP A 141 -46.18 -9.03 4.85
CA ASP A 141 -47.02 -9.74 3.94
C ASP A 141 -47.15 -11.21 4.31
N ASN A 142 -48.18 -11.49 5.10
CA ASN A 142 -48.52 -12.85 5.46
C ASN A 142 -49.75 -13.36 4.69
N SER A 143 -50.04 -12.77 3.52
CA SER A 143 -51.19 -13.16 2.74
C SER A 143 -51.19 -14.63 2.35
N ASP A 144 -50.00 -15.23 2.18
CA ASP A 144 -49.90 -16.66 1.87
C ASP A 144 -50.57 -17.50 2.96
N GLY A 145 -50.66 -16.95 4.17
CA GLY A 145 -51.25 -17.68 5.26
C GLY A 145 -52.73 -17.97 5.11
N ASP A 146 -53.43 -17.21 4.28
CA ASP A 146 -54.86 -17.41 4.12
C ASP A 146 -55.19 -18.81 3.62
N ASP A 147 -54.39 -19.30 2.67
CA ASP A 147 -54.61 -20.61 2.06
C ASP A 147 -53.63 -21.67 2.53
N ASN A 148 -52.68 -21.31 3.41
CA ASN A 148 -51.63 -22.21 3.80
C ASN A 148 -51.56 -22.40 5.31
N GLY A 149 -52.62 -22.02 6.02
CA GLY A 149 -52.76 -22.36 7.45
C GLY A 149 -52.20 -21.36 8.45
N GLY A 150 -52.03 -20.09 8.02
CA GLY A 150 -51.54 -19.07 8.93
C GLY A 150 -52.54 -18.79 10.04
N HIS A 151 -52.05 -18.58 11.25
CA HIS A 151 -52.90 -18.28 12.39
C HIS A 151 -52.03 -17.55 13.42
N ASN A 152 -52.61 -16.54 14.10
CA ASN A 152 -51.84 -15.72 15.05
C ASN A 152 -50.64 -15.01 14.40
N THR A 153 -50.85 -14.53 13.16
CA THR A 153 -49.80 -13.86 12.38
C THR A 153 -49.90 -12.32 12.49
N ASP A 154 -50.04 -11.88 13.73
CA ASP A 154 -50.17 -10.47 14.08
C ASP A 154 -49.10 -9.63 13.38
N GLY A 155 -49.48 -8.42 12.98
CA GLY A 155 -48.55 -7.45 12.46
C GLY A 155 -47.61 -6.88 13.53
N PHE A 156 -48.15 -6.01 14.38
CA PHE A 156 -47.39 -5.39 15.46
C PHE A 156 -48.05 -5.65 16.80
N ASP A 157 -47.32 -6.30 17.69
CA ASP A 157 -47.75 -6.50 19.04
C ASP A 157 -46.94 -5.54 19.89
N ILE A 158 -47.62 -4.65 20.62
CA ILE A 158 -46.94 -3.59 21.36
C ILE A 158 -47.21 -3.67 22.87
N SER A 159 -46.15 -3.62 23.67
CA SER A 159 -46.31 -3.66 25.14
C SER A 159 -45.16 -2.88 25.79
N GLU A 160 -45.36 -2.42 27.03
CA GLU A 160 -44.21 -1.83 27.72
C GLU A 160 -43.42 -0.85 26.87
N SER A 161 -44.11 -0.01 26.13
CA SER A 161 -43.48 0.97 25.28
C SER A 161 -43.96 2.38 25.59
N THR A 162 -43.13 3.34 25.20
CA THR A 162 -43.45 4.75 25.32
C THR A 162 -42.98 5.41 24.06
N GLY A 163 -43.89 6.04 23.33
CA GLY A 163 -43.52 6.68 22.08
C GLY A 163 -43.17 5.75 20.92
N VAL A 164 -44.18 5.06 20.37
CA VAL A 164 -44.02 4.17 19.23
C VAL A 164 -44.92 4.73 18.14
N TYR A 165 -44.30 5.19 17.06
CA TYR A 165 -44.93 5.85 15.96
C TYR A 165 -44.84 5.00 14.70
N ILE A 166 -45.97 4.40 14.34
CA ILE A 166 -46.03 3.58 13.12
C ILE A 166 -46.70 4.38 12.02
N SER A 167 -46.03 4.45 10.88
CA SER A 167 -46.54 5.19 9.76
C SER A 167 -46.44 4.36 8.51
N GLY A 168 -47.49 4.40 7.72
CA GLY A 168 -47.47 3.77 6.40
C GLY A 168 -47.32 2.26 6.36
N ALA A 169 -47.74 1.58 7.41
CA ALA A 169 -47.63 0.11 7.40
C ALA A 169 -48.66 -0.55 6.50
N THR A 170 -48.28 -1.68 5.89
CA THR A 170 -49.20 -2.53 5.14
C THR A 170 -49.04 -3.86 5.81
N VAL A 171 -50.15 -4.40 6.27
CA VAL A 171 -50.18 -5.68 6.99
C VAL A 171 -51.27 -6.54 6.39
N LYS A 172 -50.87 -7.67 5.81
CA LYS A 172 -51.77 -8.67 5.23
C LYS A 172 -51.59 -9.93 6.04
N ASN A 173 -52.60 -10.29 6.80
CA ASN A 173 -52.42 -11.40 7.72
C ASN A 173 -53.71 -12.13 8.15
N GLN A 174 -53.63 -12.90 9.24
CA GLN A 174 -54.71 -13.70 9.76
C GLN A 174 -55.06 -13.34 11.23
N ASP A 175 -54.53 -12.25 11.75
CA ASP A 175 -54.82 -11.85 13.12
C ASP A 175 -54.73 -10.32 13.20
N ASP A 176 -54.62 -9.77 14.39
CA ASP A 176 -54.53 -8.35 14.53
C ASP A 176 -53.48 -7.68 13.63
N CYS A 177 -53.90 -6.58 13.03
CA CYS A 177 -53.02 -5.67 12.29
C CYS A 177 -52.05 -5.08 13.29
N ILE A 178 -52.60 -4.53 14.36
CA ILE A 178 -51.83 -4.11 15.52
C ILE A 178 -52.58 -4.56 16.74
N ALA A 179 -51.85 -4.90 17.79
CA ALA A 179 -52.45 -5.23 19.07
C ALA A 179 -51.63 -4.50 20.13
N ILE A 180 -52.23 -3.51 20.79
CA ILE A 180 -51.58 -2.78 21.89
C ILE A 180 -51.97 -3.36 23.22
N ASN A 181 -51.10 -4.15 23.82
CA ASN A 181 -51.42 -4.76 25.11
C ASN A 181 -51.14 -3.77 26.25
N SER A 182 -50.18 -2.89 26.02
CA SER A 182 -49.87 -1.82 26.96
C SER A 182 -49.01 -0.84 26.22
N GLY A 183 -48.97 0.38 26.72
CA GLY A 183 -48.13 1.42 26.16
C GLY A 183 -48.63 2.81 26.38
N GLU A 184 -47.73 3.77 26.14
CA GLU A 184 -48.07 5.18 26.24
C GLU A 184 -47.53 5.90 25.04
N SER A 185 -48.36 6.77 24.48
CA SER A 185 -48.01 7.58 23.34
C SER A 185 -47.66 6.68 22.15
N ILE A 186 -48.69 5.98 21.68
CA ILE A 186 -48.56 5.02 20.57
C ILE A 186 -49.39 5.56 19.40
N SER A 187 -48.82 5.63 18.22
CA SER A 187 -49.63 6.06 17.10
C SER A 187 -49.45 5.14 15.92
N PHE A 188 -50.52 5.00 15.16
CA PHE A 188 -50.54 4.20 13.94
C PHE A 188 -51.33 5.03 12.95
N THR A 189 -50.71 5.44 11.86
CA THR A 189 -51.39 6.22 10.86
C THR A 189 -50.98 5.83 9.45
N GLY A 190 -51.86 6.12 8.50
CA GLY A 190 -51.60 5.89 7.08
C GLY A 190 -51.40 4.42 6.79
N GLY A 191 -52.08 3.56 7.55
CA GLY A 191 -51.95 2.13 7.44
C GLY A 191 -52.97 1.43 6.57
N THR A 192 -52.55 0.29 6.06
CA THR A 192 -53.42 -0.52 5.22
C THR A 192 -53.43 -1.92 5.84
N CYS A 193 -54.57 -2.34 6.41
CA CYS A 193 -54.64 -3.61 7.10
C CYS A 193 -55.60 -4.48 6.30
N SER A 194 -55.22 -5.72 6.01
CA SER A 194 -56.12 -6.60 5.33
C SER A 194 -56.03 -8.02 5.86
N GLY A 195 -57.15 -8.72 5.77
CA GLY A 195 -57.25 -10.13 6.09
C GLY A 195 -57.39 -10.49 7.54
N GLY A 196 -57.12 -9.58 8.43
CA GLY A 196 -56.97 -10.15 9.77
C GLY A 196 -58.09 -9.89 10.74
N HIS A 197 -57.68 -9.38 11.88
CA HIS A 197 -58.64 -9.09 12.94
C HIS A 197 -58.75 -7.62 13.27
N GLY A 198 -58.06 -6.75 12.53
CA GLY A 198 -58.24 -5.33 12.76
C GLY A 198 -57.23 -4.61 13.63
N LEU A 199 -57.65 -3.40 14.02
CA LEU A 199 -56.80 -2.49 14.76
C LEU A 199 -57.22 -2.56 16.20
N SER A 200 -56.41 -3.24 17.00
CA SER A 200 -56.86 -3.58 18.37
C SER A 200 -56.03 -3.02 19.49
N ILE A 201 -56.75 -2.53 20.49
CA ILE A 201 -56.19 -2.28 21.82
C ILE A 201 -56.54 -3.52 22.62
N GLY A 202 -55.54 -4.15 23.24
CA GLY A 202 -55.75 -5.32 24.06
C GLY A 202 -55.39 -6.64 23.41
N SER A 203 -55.67 -7.75 24.06
CA SER A 203 -56.31 -7.76 25.37
C SER A 203 -55.46 -7.05 26.40
N VAL A 204 -56.14 -6.33 27.29
CA VAL A 204 -55.47 -5.61 28.35
C VAL A 204 -55.77 -6.31 29.66
N GLY A 205 -54.71 -6.53 30.45
CA GLY A 205 -54.82 -7.10 31.78
C GLY A 205 -53.99 -8.36 32.00
N GLY A 206 -53.77 -8.68 33.27
CA GLY A 206 -53.06 -9.89 33.66
C GLY A 206 -51.58 -9.91 33.34
N ARG A 207 -51.03 -8.79 32.89
CA ARG A 207 -49.62 -8.72 32.54
C ARG A 207 -48.82 -7.83 33.50
N ASP A 208 -47.55 -7.70 33.17
CA ASP A 208 -46.64 -6.88 33.94
C ASP A 208 -47.05 -5.44 33.79
N ASP A 209 -47.67 -5.09 32.66
CA ASP A 209 -48.10 -3.71 32.42
C ASP A 209 -49.50 -3.82 31.83
N ASN A 210 -50.45 -3.11 32.44
CA ASN A 210 -51.85 -3.16 32.04
C ASN A 210 -52.43 -1.79 31.79
N THR A 211 -51.58 -0.88 31.39
CA THR A 211 -51.96 0.48 31.12
C THR A 211 -51.73 0.86 29.66
N VAL A 212 -52.81 1.31 29.01
CA VAL A 212 -52.72 1.91 27.71
C VAL A 212 -53.17 3.34 27.85
N LYS A 213 -52.35 4.27 27.36
CA LYS A 213 -52.69 5.70 27.44
C LYS A 213 -52.10 6.48 26.30
N ASN A 214 -52.92 7.32 25.72
CA ASN A 214 -52.48 8.21 24.66
C ASN A 214 -52.16 7.48 23.37
N VAL A 215 -53.20 6.97 22.74
CA VAL A 215 -53.10 6.18 21.51
C VAL A 215 -53.87 6.87 20.44
N THR A 216 -53.24 7.02 19.30
CA THR A 216 -53.92 7.61 18.18
C THR A 216 -53.81 6.69 16.98
N ILE A 217 -54.94 6.22 16.50
CA ILE A 217 -55.04 5.32 15.33
C ILE A 217 -55.86 6.07 14.31
N SER A 218 -55.23 6.43 13.19
CA SER A 218 -55.88 7.29 12.22
C SER A 218 -55.51 7.09 10.75
N ASP A 219 -56.38 7.58 9.88
CA ASP A 219 -56.14 7.68 8.44
C ASP A 219 -55.69 6.33 7.92
N SER A 220 -56.46 5.31 8.21
CA SER A 220 -56.03 3.97 7.87
C SER A 220 -57.20 3.20 7.34
N THR A 221 -56.92 2.11 6.64
CA THR A 221 -57.95 1.23 6.20
C THR A 221 -57.83 -0.21 6.72
N VAL A 222 -58.97 -0.84 6.90
CA VAL A 222 -59.08 -2.20 7.34
C VAL A 222 -60.07 -2.93 6.41
N SER A 223 -59.56 -3.92 5.67
CA SER A 223 -60.34 -4.67 4.68
C SER A 223 -60.34 -6.15 4.88
N ASN A 224 -61.46 -6.78 4.59
CA ASN A 224 -61.63 -8.22 4.70
C ASN A 224 -61.06 -8.77 6.01
N SER A 225 -61.47 -8.14 7.11
CA SER A 225 -61.03 -8.47 8.46
C SER A 225 -62.23 -8.74 9.34
N ALA A 226 -62.04 -9.47 10.43
CA ALA A 226 -63.10 -9.78 11.39
C ALA A 226 -63.64 -8.52 12.09
N ASN A 227 -62.71 -7.63 12.38
CA ASN A 227 -63.07 -6.41 13.11
C ASN A 227 -62.41 -5.21 12.45
N GLY A 228 -63.03 -4.05 12.64
CA GLY A 228 -62.48 -2.77 12.24
C GLY A 228 -61.57 -2.19 13.34
N VAL A 229 -62.26 -1.64 14.36
CA VAL A 229 -61.69 -0.96 15.53
C VAL A 229 -62.04 -1.84 16.70
N ARG A 230 -61.10 -2.16 17.58
CA ARG A 230 -61.41 -2.99 18.72
C ARG A 230 -60.64 -2.62 19.98
N ILE A 231 -61.36 -2.62 21.11
CA ILE A 231 -60.72 -2.58 22.43
C ILE A 231 -61.23 -3.77 23.25
N LYS A 232 -60.30 -4.58 23.74
CA LYS A 232 -60.63 -5.72 24.53
C LYS A 232 -59.92 -5.66 25.87
N THR A 233 -60.67 -5.86 26.93
CA THR A 233 -60.06 -5.99 28.27
C THR A 233 -60.49 -7.30 28.93
N ILE A 234 -59.65 -7.80 29.83
CA ILE A 234 -59.85 -9.13 30.45
C ILE A 234 -60.69 -9.12 31.70
N TYR A 235 -61.61 -10.08 31.76
CA TYR A 235 -62.56 -10.23 32.84
C TYR A 235 -61.86 -10.32 34.18
N LYS A 236 -62.37 -9.53 35.11
CA LYS A 236 -61.85 -9.56 36.48
C LYS A 236 -60.40 -9.17 36.67
N GLU A 237 -59.77 -8.52 35.70
CA GLU A 237 -58.41 -8.01 35.89
C GLU A 237 -58.40 -6.48 36.08
N THR A 238 -57.24 -5.94 36.34
CA THR A 238 -57.10 -4.51 36.58
C THR A 238 -56.16 -3.91 35.56
N GLY A 239 -56.33 -2.61 35.37
CA GLY A 239 -55.54 -1.85 34.44
C GLY A 239 -56.26 -0.55 34.15
N ASP A 240 -55.89 0.11 33.05
CA ASP A 240 -56.45 1.41 32.66
C ASP A 240 -56.24 1.62 31.18
N VAL A 241 -57.30 1.98 30.47
CA VAL A 241 -57.23 2.31 29.03
C VAL A 241 -57.81 3.71 28.88
N SER A 242 -57.04 4.67 28.40
CA SER A 242 -57.52 6.02 28.33
C SER A 242 -56.80 6.83 27.28
N GLU A 243 -57.50 7.90 26.84
CA GLU A 243 -57.02 8.84 25.83
C GLU A 243 -56.73 8.06 24.55
N ILE A 244 -57.78 7.46 24.00
CA ILE A 244 -57.67 6.67 22.76
C ILE A 244 -58.45 7.39 21.67
N THR A 245 -57.81 7.60 20.52
CA THR A 245 -58.49 8.25 19.43
C THR A 245 -58.42 7.43 18.17
N TYR A 246 -59.59 7.19 17.57
CA TYR A 246 -59.71 6.56 16.27
C TYR A 246 -60.27 7.62 15.35
N SER A 247 -59.54 7.95 14.30
CA SER A 247 -59.99 8.99 13.38
C SER A 247 -59.76 8.61 11.94
N ASN A 248 -60.78 8.84 11.12
CA ASN A 248 -60.71 8.62 9.67
C ASN A 248 -60.24 7.18 9.38
N ILE A 249 -61.02 6.23 9.87
CA ILE A 249 -60.80 4.81 9.62
C ILE A 249 -61.84 4.32 8.63
N GLN A 250 -61.39 3.70 7.55
CA GLN A 250 -62.30 3.21 6.57
C GLN A 250 -62.28 1.71 6.54
N LEU A 251 -63.45 1.10 6.62
CA LEU A 251 -63.59 -0.35 6.69
C LEU A 251 -64.20 -0.90 5.41
N SER A 252 -63.78 -2.09 5.02
CA SER A 252 -64.50 -2.84 3.96
C SER A 252 -64.51 -4.31 4.21
N GLY A 253 -65.64 -4.92 3.89
CA GLY A 253 -65.81 -6.35 3.99
C GLY A 253 -65.58 -6.91 5.38
N ILE A 254 -65.97 -6.13 6.38
CA ILE A 254 -65.80 -6.54 7.76
C ILE A 254 -66.79 -7.67 8.05
N THR A 255 -66.34 -8.75 8.67
CA THR A 255 -67.19 -9.92 8.85
C THR A 255 -67.80 -10.12 10.23
N ASP A 256 -67.18 -9.56 11.28
CA ASP A 256 -67.65 -9.75 12.65
C ASP A 256 -68.19 -8.50 13.33
N TYR A 257 -67.32 -7.52 13.53
CA TYR A 257 -67.65 -6.26 14.20
C TYR A 257 -67.02 -5.06 13.57
N GLY A 258 -67.82 -4.05 13.25
CA GLY A 258 -67.29 -2.77 12.79
C GLY A 258 -66.40 -2.14 13.87
N ILE A 259 -67.03 -1.86 15.00
CA ILE A 259 -66.41 -1.34 16.20
C ILE A 259 -66.83 -2.24 17.33
N VAL A 260 -65.86 -2.74 18.08
CA VAL A 260 -66.20 -3.61 19.22
C VAL A 260 -65.33 -3.25 20.44
N ILE A 261 -65.98 -2.95 21.56
CA ILE A 261 -65.27 -2.57 22.77
C ILE A 261 -65.89 -3.40 23.85
N GLU A 262 -65.14 -4.32 24.46
CA GLU A 262 -65.77 -5.25 25.39
C GLU A 262 -64.81 -5.56 26.50
N GLN A 263 -65.36 -5.69 27.71
CA GLN A 263 -64.60 -5.88 28.95
C GLN A 263 -64.75 -7.29 29.51
N ASP A 264 -65.04 -8.27 28.66
CA ASP A 264 -65.36 -9.61 29.10
C ASP A 264 -64.45 -10.74 28.60
N TYR A 265 -63.21 -10.44 28.29
CA TYR A 265 -62.32 -11.51 27.81
C TYR A 265 -61.73 -12.38 28.90
N GLU A 266 -61.71 -13.68 28.66
CA GLU A 266 -61.07 -14.59 29.59
C GLU A 266 -60.51 -15.73 28.77
N ASN A 267 -59.23 -16.02 28.95
CA ASN A 267 -58.63 -17.17 28.26
C ASN A 267 -58.75 -17.02 26.74
N GLY A 268 -58.64 -15.78 26.29
CA GLY A 268 -58.68 -15.43 24.87
C GLY A 268 -60.04 -15.39 24.19
N SER A 269 -61.13 -15.49 24.94
CA SER A 269 -62.46 -15.45 24.34
C SER A 269 -63.46 -14.71 25.25
N PRO A 270 -64.47 -14.14 24.62
CA PRO A 270 -65.50 -13.38 25.35
C PRO A 270 -66.36 -14.28 26.20
N THR A 271 -66.59 -13.91 27.45
CA THR A 271 -67.48 -14.65 28.33
C THR A 271 -68.92 -14.19 28.23
N GLY A 272 -69.18 -12.95 27.81
CA GLY A 272 -70.52 -12.41 27.78
C GLY A 272 -70.84 -11.55 28.97
N THR A 273 -69.98 -11.63 29.98
CA THR A 273 -70.10 -10.87 31.22
C THR A 273 -68.90 -9.95 31.45
N PRO A 274 -69.09 -8.62 31.41
CA PRO A 274 -68.00 -7.70 31.64
C PRO A 274 -67.71 -7.48 33.12
N SER A 275 -66.56 -6.90 33.42
CA SER A 275 -66.22 -6.53 34.80
C SER A 275 -65.75 -5.08 34.76
N THR A 276 -65.36 -4.51 35.91
CA THR A 276 -65.10 -3.07 36.01
C THR A 276 -63.72 -2.60 36.45
N GLY A 277 -62.75 -3.49 36.54
CA GLY A 277 -61.43 -3.14 37.00
C GLY A 277 -60.51 -2.52 35.97
N ILE A 278 -60.93 -2.48 34.70
CA ILE A 278 -60.11 -1.85 33.66
C ILE A 278 -60.96 -0.76 32.99
N PRO A 279 -60.95 0.44 33.57
CA PRO A 279 -61.76 1.52 33.03
C PRO A 279 -61.29 1.86 31.63
N ILE A 280 -62.23 2.18 30.74
CA ILE A 280 -61.95 2.63 29.40
C ILE A 280 -62.58 4.03 29.29
N THR A 281 -61.75 5.05 29.36
CA THR A 281 -62.21 6.43 29.37
C THR A 281 -61.51 7.35 28.38
N ASP A 282 -62.16 8.48 28.08
CA ASP A 282 -61.61 9.47 27.16
C ASP A 282 -61.31 8.80 25.82
N VAL A 283 -62.30 8.15 25.25
CA VAL A 283 -62.20 7.52 23.94
C VAL A 283 -62.94 8.36 22.92
N THR A 284 -62.20 8.76 21.89
CA THR A 284 -62.75 9.56 20.83
C THR A 284 -62.80 8.73 19.54
N VAL A 285 -63.99 8.64 18.96
CA VAL A 285 -64.19 8.00 17.68
C VAL A 285 -64.72 9.08 16.79
N ASP A 286 -63.95 9.36 15.76
CA ASP A 286 -64.26 10.43 14.86
C ASP A 286 -64.05 10.07 13.42
N GLY A 287 -65.09 9.54 12.79
CA GLY A 287 -65.10 9.21 11.39
C GLY A 287 -64.67 7.75 11.21
N VAL A 288 -65.60 6.83 11.37
CA VAL A 288 -65.36 5.42 11.05
C VAL A 288 -66.43 5.05 10.06
N THR A 289 -66.04 4.73 8.84
CA THR A 289 -66.99 4.46 7.80
C THR A 289 -66.66 3.20 7.03
N GLY A 290 -67.62 2.75 6.22
CA GLY A 290 -67.37 1.60 5.36
C GLY A 290 -68.40 0.52 5.41
N THR A 291 -68.00 -0.61 4.88
CA THR A 291 -68.94 -1.68 4.64
C THR A 291 -68.73 -2.94 5.45
N LEU A 292 -69.84 -3.53 5.84
CA LEU A 292 -69.88 -4.76 6.62
C LEU A 292 -70.59 -5.85 5.85
N GLU A 293 -70.15 -7.08 6.06
CA GLU A 293 -70.82 -8.24 5.49
C GLU A 293 -72.12 -8.52 6.24
N ASP A 294 -72.96 -9.38 5.66
CA ASP A 294 -74.29 -9.68 6.23
C ASP A 294 -74.40 -10.13 7.68
N ASP A 295 -73.43 -10.88 8.14
CA ASP A 295 -73.48 -11.43 9.49
C ASP A 295 -72.65 -10.62 10.48
N ALA A 296 -72.12 -9.50 10.05
CA ALA A 296 -71.35 -8.60 10.94
C ALA A 296 -72.28 -7.71 11.76
N THR A 297 -71.80 -7.29 12.92
CA THR A 297 -72.51 -6.35 13.79
C THR A 297 -71.79 -5.01 13.69
N GLN A 298 -72.53 -3.94 13.46
CA GLN A 298 -71.96 -2.63 13.30
C GLN A 298 -71.13 -2.19 14.49
N VAL A 299 -71.76 -2.17 15.65
CA VAL A 299 -71.12 -1.73 16.89
C VAL A 299 -71.55 -2.63 18.04
N TYR A 300 -70.59 -3.10 18.85
CA TYR A 300 -70.87 -3.94 20.00
C TYR A 300 -70.03 -3.36 21.16
N ILE A 301 -70.72 -2.81 22.17
CA ILE A 301 -70.09 -2.22 23.34
C ILE A 301 -70.58 -2.97 24.55
N LEU A 302 -69.67 -3.67 25.23
CA LEU A 302 -70.05 -4.50 26.38
C LEU A 302 -69.17 -4.05 27.54
N CYS A 303 -69.64 -3.03 28.21
CA CYS A 303 -68.93 -2.46 29.34
C CYS A 303 -69.54 -2.91 30.67
N GLY A 304 -68.66 -2.92 31.66
CA GLY A 304 -69.05 -3.07 33.02
C GLY A 304 -69.82 -1.86 33.48
N ASP A 305 -70.41 -2.04 34.64
CA ASP A 305 -71.28 -1.08 35.24
C ASP A 305 -70.46 0.13 35.71
N GLY A 306 -70.45 1.22 34.96
CA GLY A 306 -69.69 2.40 35.29
C GLY A 306 -68.25 2.42 34.81
N SER A 307 -67.82 1.41 34.08
CA SER A 307 -66.40 1.31 33.74
C SER A 307 -65.95 1.85 32.37
N CYS A 308 -66.90 2.41 31.61
CA CYS A 308 -66.58 3.13 30.41
C CYS A 308 -67.22 4.52 30.51
N SER A 309 -66.44 5.56 30.35
CA SER A 309 -66.99 6.91 30.49
C SER A 309 -66.20 7.95 29.72
N ASP A 310 -66.85 9.10 29.49
CA ASP A 310 -66.22 10.22 28.76
C ASP A 310 -65.78 9.76 27.36
N TRP A 311 -66.74 9.31 26.57
CA TRP A 311 -66.47 8.98 25.16
C TRP A 311 -67.03 10.10 24.31
N THR A 312 -66.35 10.39 23.22
CA THR A 312 -66.81 11.33 22.20
C THR A 312 -66.87 10.53 20.87
N TRP A 313 -68.08 10.18 20.48
CA TRP A 313 -68.44 9.42 19.30
C TRP A 313 -69.08 10.26 18.17
N SER A 314 -68.38 10.44 17.05
CA SER A 314 -69.06 11.07 15.91
C SER A 314 -68.61 10.50 14.57
N GLY A 315 -69.39 10.74 13.52
CA GLY A 315 -69.02 10.29 12.18
C GLY A 315 -68.96 8.79 11.98
N VAL A 316 -69.72 8.04 12.76
CA VAL A 316 -69.78 6.59 12.61
C VAL A 316 -70.87 6.32 11.57
N ASP A 317 -70.46 5.92 10.37
CA ASP A 317 -71.39 5.73 9.26
C ASP A 317 -71.06 4.44 8.53
N LEU A 318 -71.65 3.38 9.00
CA LEU A 318 -71.41 2.05 8.50
C LEU A 318 -72.59 1.53 7.69
N SER A 319 -72.28 0.82 6.63
CA SER A 319 -73.34 0.22 5.82
C SER A 319 -73.21 -1.29 5.78
N GLY A 320 -74.36 -1.96 5.90
CA GLY A 320 -74.44 -3.38 5.99
C GLY A 320 -74.39 -3.87 7.42
N GLY A 321 -74.57 -5.17 7.58
CA GLY A 321 -74.47 -5.79 8.88
C GLY A 321 -75.73 -5.58 9.68
N LYS A 322 -75.64 -5.88 10.98
CA LYS A 322 -76.76 -5.83 11.89
C LYS A 322 -76.47 -4.86 13.01
N THR A 323 -77.54 -4.44 13.67
CA THR A 323 -77.45 -3.61 14.87
C THR A 323 -77.54 -4.52 16.09
N SER A 324 -76.64 -4.30 17.04
CA SER A 324 -76.59 -5.13 18.22
C SER A 324 -77.77 -4.84 19.15
N ASP A 325 -78.36 -5.88 19.73
CA ASP A 325 -79.32 -5.68 20.81
C ASP A 325 -78.76 -6.21 22.13
N LYS A 326 -77.43 -6.35 22.18
CA LYS A 326 -76.73 -6.94 23.31
C LYS A 326 -75.73 -6.03 24.02
N CYS A 327 -75.71 -4.76 23.65
CA CYS A 327 -74.76 -3.81 24.24
C CYS A 327 -75.12 -3.56 25.69
N GLU A 328 -74.10 -3.30 26.53
CA GLU A 328 -74.32 -3.04 27.95
C GLU A 328 -73.50 -1.85 28.44
N ASN A 329 -74.16 -1.03 29.27
CA ASN A 329 -73.56 0.14 29.94
C ASN A 329 -72.83 1.04 28.97
N VAL A 330 -73.51 1.36 27.86
CA VAL A 330 -72.93 2.19 26.85
C VAL A 330 -72.76 3.62 27.33
N PRO A 331 -71.57 4.20 27.19
CA PRO A 331 -71.36 5.59 27.58
C PRO A 331 -72.23 6.58 26.87
N SER A 332 -72.64 7.60 27.62
CA SER A 332 -73.56 8.58 27.08
C SER A 332 -73.11 9.16 25.77
N GLY A 333 -71.83 9.34 25.60
CA GLY A 333 -71.34 9.88 24.32
C GLY A 333 -71.47 8.99 23.07
N ALA A 334 -71.85 7.71 23.25
CA ALA A 334 -71.84 6.71 22.20
C ALA A 334 -73.14 5.96 21.95
N SER A 335 -73.10 5.10 20.94
CA SER A 335 -74.25 4.35 20.60
C SER A 335 -73.95 3.13 19.80
N CYS A 336 -74.73 2.08 20.07
CA CYS A 336 -74.68 0.88 19.24
C CYS A 336 -75.60 1.00 18.04
N SER B 1 44.40 5.00 -18.29
CA SER B 1 45.55 5.64 -18.98
C SER B 1 46.29 6.62 -18.07
N THR B 2 47.04 6.12 -17.09
CA THR B 2 47.95 6.94 -16.28
C THR B 2 49.33 7.24 -16.90
N CYS B 3 49.51 8.45 -17.38
CA CYS B 3 50.78 8.83 -17.97
C CYS B 3 51.49 9.93 -17.18
N THR B 4 52.81 9.79 -17.08
CA THR B 4 53.63 10.78 -16.40
C THR B 4 54.57 11.43 -17.40
N PHE B 5 54.50 12.76 -17.52
CA PHE B 5 55.38 13.49 -18.41
C PHE B 5 56.31 14.36 -17.60
N THR B 6 57.59 14.39 -18.00
CA THR B 6 58.61 15.13 -17.28
C THR B 6 59.18 16.20 -18.18
N SER B 7 58.57 16.35 -19.33
CA SER B 7 59.01 17.31 -20.31
C SER B 7 57.81 17.82 -21.06
N ALA B 8 57.95 18.97 -21.68
CA ALA B 8 56.87 19.63 -22.41
C ALA B 8 56.56 18.84 -23.66
N SER B 9 57.60 18.39 -24.34
CA SER B 9 57.46 17.58 -25.54
C SER B 9 56.61 16.33 -25.30
N GLU B 10 56.86 15.61 -24.21
CA GLU B 10 56.11 14.39 -23.93
C GLU B 10 54.60 14.71 -23.85
N ALA B 11 54.26 15.72 -23.04
CA ALA B 11 52.88 16.15 -22.83
C ALA B 11 52.20 16.54 -24.12
N SER B 12 52.87 17.37 -24.92
CA SER B 12 52.30 17.82 -26.17
C SER B 12 52.17 16.67 -27.17
N GLU B 13 52.99 15.65 -26.99
CA GLU B 13 52.99 14.55 -27.95
C GLU B 13 51.93 13.51 -27.65
N SER B 14 51.71 13.27 -26.36
CA SER B 14 50.91 12.12 -25.93
C SER B 14 49.67 12.40 -25.12
N ILE B 15 49.44 13.67 -24.77
CA ILE B 15 48.30 14.02 -23.92
C ILE B 15 46.99 13.40 -24.40
N SER B 16 46.69 13.52 -25.69
CA SER B 16 45.43 13.06 -26.27
C SER B 16 45.12 11.57 -26.04
N SER B 17 46.13 10.74 -25.88
CA SER B 17 45.89 9.32 -25.63
C SER B 17 45.70 8.97 -24.15
N CYS B 18 45.86 9.94 -23.25
CA CYS B 18 45.78 9.68 -21.80
C CYS B 18 44.54 10.24 -21.10
N SER B 19 44.03 9.49 -20.12
CA SER B 19 42.84 9.86 -19.37
C SER B 19 43.24 10.34 -17.98
N ASP B 20 44.41 9.91 -17.51
CA ASP B 20 44.95 10.38 -16.22
C ASP B 20 46.34 10.90 -16.55
N VAL B 21 46.60 12.18 -16.27
CA VAL B 21 47.88 12.79 -16.64
C VAL B 21 48.62 13.41 -15.47
N VAL B 22 49.91 13.11 -15.35
CA VAL B 22 50.73 13.70 -14.31
C VAL B 22 51.85 14.49 -14.94
N LEU B 23 51.87 15.80 -14.65
CA LEU B 23 52.90 16.70 -15.14
C LEU B 23 53.91 16.80 -14.01
N SER B 24 55.05 16.12 -14.19
CA SER B 24 56.04 15.95 -13.14
C SER B 24 57.24 16.88 -13.24
N SER B 25 57.23 17.94 -12.43
CA SER B 25 58.37 18.85 -12.37
C SER B 25 58.89 19.27 -13.73
N ILE B 26 57.98 19.67 -14.61
CA ILE B 26 58.38 20.05 -15.94
C ILE B 26 59.00 21.43 -16.02
N GLU B 27 60.10 21.54 -16.78
CA GLU B 27 60.70 22.83 -17.10
C GLU B 27 60.50 23.04 -18.59
N VAL B 28 59.54 23.88 -18.92
CA VAL B 28 59.23 24.18 -20.28
C VAL B 28 60.36 24.99 -20.87
N PRO B 29 60.86 24.59 -22.02
CA PRO B 29 61.91 25.36 -22.68
C PRO B 29 61.55 26.83 -22.93
N ALA B 30 62.55 27.68 -22.83
CA ALA B 30 62.40 29.09 -23.14
C ALA B 30 61.74 29.30 -24.49
N GLY B 31 60.71 30.14 -24.53
CA GLY B 31 60.09 30.47 -25.79
C GLY B 31 59.08 29.47 -26.27
N GLU B 32 58.68 28.53 -25.41
CA GLU B 32 57.68 27.54 -25.80
C GLU B 32 56.52 27.49 -24.82
N THR B 33 55.42 26.91 -25.28
CA THR B 33 54.22 26.77 -24.48
C THR B 33 54.14 25.35 -24.00
N LEU B 34 53.75 25.18 -22.74
CA LEU B 34 53.38 23.90 -22.25
C LEU B 34 51.96 23.71 -22.84
N ASP B 35 51.88 22.93 -23.90
CA ASP B 35 50.64 22.79 -24.64
C ASP B 35 49.83 21.58 -24.23
N LEU B 36 48.77 21.83 -23.47
CA LEU B 36 47.88 20.78 -22.97
C LEU B 36 46.52 20.80 -23.66
N SER B 37 46.46 21.46 -24.79
CA SER B 37 45.19 21.76 -25.47
C SER B 37 44.56 20.58 -26.18
N ASP B 38 45.34 19.57 -26.45
CA ASP B 38 44.79 18.39 -27.09
C ASP B 38 44.36 17.33 -26.06
N ALA B 39 44.20 17.72 -24.79
CA ALA B 39 43.77 16.79 -23.77
C ALA B 39 42.51 16.05 -24.20
N ALA B 40 42.38 14.81 -23.74
CA ALA B 40 41.23 14.00 -24.07
C ALA B 40 40.05 14.31 -23.16
N ASP B 41 38.87 14.34 -23.75
CA ASP B 41 37.69 14.62 -22.99
C ASP B 41 37.54 13.71 -21.78
N GLY B 42 37.16 14.30 -20.66
CA GLY B 42 36.96 13.57 -19.43
C GLY B 42 38.21 13.24 -18.65
N SER B 43 39.37 13.69 -19.14
CA SER B 43 40.62 13.38 -18.44
C SER B 43 40.92 14.24 -17.19
N THR B 44 41.88 13.74 -16.41
CA THR B 44 42.36 14.45 -15.23
C THR B 44 43.82 14.81 -15.45
N ILE B 45 44.16 16.06 -15.11
CA ILE B 45 45.52 16.58 -15.22
C ILE B 45 45.97 17.06 -13.84
N THR B 46 47.11 16.55 -13.39
CA THR B 46 47.64 16.88 -12.09
C THR B 46 49.05 17.39 -12.22
N PHE B 47 49.27 18.62 -11.76
CA PHE B 47 50.60 19.20 -11.72
C PHE B 47 51.33 18.67 -10.49
N GLU B 48 52.53 18.17 -10.71
CA GLU B 48 53.35 17.66 -9.63
C GLU B 48 54.66 18.44 -9.58
N GLY B 49 55.18 18.62 -8.36
CA GLY B 49 56.45 19.30 -8.14
C GLY B 49 56.37 20.76 -8.52
N THR B 50 57.43 21.23 -9.15
CA THR B 50 57.51 22.62 -9.60
C THR B 50 57.53 22.64 -11.08
N THR B 51 56.56 23.35 -11.66
CA THR B 51 56.57 23.57 -13.07
C THR B 51 57.25 24.91 -13.20
N SER B 52 58.25 24.97 -14.09
CA SER B 52 59.07 26.16 -14.28
C SER B 52 59.19 26.42 -15.76
N PHE B 53 59.83 27.53 -16.14
CA PHE B 53 59.90 27.95 -17.52
C PHE B 53 61.22 28.64 -17.79
N GLY B 54 61.80 28.35 -18.95
CA GLY B 54 63.03 29.01 -19.38
C GLY B 54 62.74 30.45 -19.78
N TYR B 55 63.74 31.30 -19.64
CA TYR B 55 63.61 32.73 -19.91
C TYR B 55 63.82 33.13 -21.34
N LYS B 56 62.92 33.96 -21.84
CA LYS B 56 63.04 34.55 -23.16
C LYS B 56 62.04 35.68 -23.24
N GLU B 57 62.38 36.73 -23.98
CA GLU B 57 61.41 37.81 -24.19
C GLU B 57 60.52 37.42 -25.34
N TRP B 58 59.29 37.02 -25.02
CA TRP B 58 58.30 36.64 -26.03
C TRP B 58 56.90 36.80 -25.42
N LYS B 59 55.86 36.65 -26.23
CA LYS B 59 54.45 36.92 -25.82
C LYS B 59 53.65 35.79 -25.14
N GLY B 60 54.17 34.57 -25.11
CA GLY B 60 53.47 33.49 -24.46
C GLY B 60 52.43 32.87 -25.36
N PRO B 61 51.53 32.06 -24.82
CA PRO B 61 51.42 31.76 -23.41
C PRO B 61 52.38 30.73 -22.92
N LEU B 62 52.62 30.74 -21.64
CA LEU B 62 53.51 29.73 -21.08
C LEU B 62 52.79 28.38 -20.96
N ILE B 63 51.48 28.42 -20.70
CA ILE B 63 50.68 27.21 -20.55
C ILE B 63 49.37 27.38 -21.31
N ARG B 64 48.96 26.33 -21.99
CA ARG B 64 47.71 26.40 -22.75
C ARG B 64 46.87 25.15 -22.51
N PHE B 65 45.67 25.35 -21.96
CA PHE B 65 44.71 24.25 -21.78
C PHE B 65 43.73 24.16 -22.95
N GLY B 66 42.92 23.12 -22.93
CA GLY B 66 41.89 22.93 -23.93
C GLY B 66 41.25 21.57 -23.73
N GLY B 67 39.94 21.45 -24.02
CA GLY B 67 39.22 20.19 -23.93
C GLY B 67 37.91 20.29 -23.16
N LYS B 68 37.26 19.16 -22.88
CA LYS B 68 35.94 19.12 -22.24
C LYS B 68 35.90 18.16 -21.07
N ASP B 69 35.07 18.47 -20.09
CA ASP B 69 34.93 17.57 -18.96
C ASP B 69 36.26 17.26 -18.29
N LEU B 70 37.12 18.27 -18.19
CA LEU B 70 38.41 18.08 -17.49
C LEU B 70 38.36 18.32 -15.99
N THR B 71 39.29 17.68 -15.29
CA THR B 71 39.52 17.94 -13.88
C THR B 71 40.99 18.25 -13.81
N VAL B 72 41.34 19.46 -13.35
CA VAL B 72 42.75 19.89 -13.29
C VAL B 72 43.05 20.23 -11.86
N THR B 73 44.14 19.66 -11.33
CA THR B 73 44.44 19.90 -9.93
C THR B 73 45.93 19.88 -9.62
N MET B 74 46.25 20.12 -8.36
CA MET B 74 47.66 20.15 -7.98
C MET B 74 47.93 19.01 -7.03
N ALA B 75 49.06 18.33 -7.23
CA ALA B 75 49.47 17.30 -6.31
C ALA B 75 49.89 17.99 -5.03
N ASP B 76 49.93 17.23 -3.96
CA ASP B 76 50.37 17.69 -2.65
C ASP B 76 51.61 18.56 -2.76
N GLY B 77 51.49 19.82 -2.32
CA GLY B 77 52.58 20.77 -2.31
C GLY B 77 53.12 21.30 -3.63
N ALA B 78 52.47 21.01 -4.74
CA ALA B 78 52.99 21.45 -6.04
C ALA B 78 52.75 22.94 -6.32
N VAL B 79 53.49 23.47 -7.30
CA VAL B 79 53.38 24.88 -7.71
C VAL B 79 53.78 25.10 -9.15
N ILE B 80 53.11 26.08 -9.75
CA ILE B 80 53.46 26.51 -11.07
C ILE B 80 54.17 27.85 -10.83
N ASP B 81 55.46 27.89 -11.06
CA ASP B 81 56.30 29.07 -10.75
C ASP B 81 56.80 29.74 -12.01
N GLY B 82 56.34 30.96 -12.30
CA GLY B 82 56.77 31.61 -13.53
C GLY B 82 58.10 32.38 -13.45
N ASP B 83 58.60 32.48 -12.22
CA ASP B 83 59.80 33.22 -11.85
C ASP B 83 59.82 34.51 -12.66
N GLY B 84 58.73 35.29 -12.48
CA GLY B 84 58.51 36.48 -13.28
C GLY B 84 59.47 37.62 -13.07
N SER B 85 60.14 37.64 -11.93
CA SER B 85 61.16 38.62 -11.62
C SER B 85 62.19 38.77 -12.75
N ARG B 86 62.38 37.72 -13.53
CA ARG B 86 63.34 37.75 -14.63
C ARG B 86 62.97 38.73 -15.73
N TRP B 87 61.66 39.03 -15.82
CA TRP B 87 61.14 39.99 -16.76
C TRP B 87 60.74 41.31 -16.13
N TRP B 88 60.29 41.25 -14.88
CA TRP B 88 59.70 42.41 -14.21
C TRP B 88 60.64 43.59 -14.27
N ASP B 89 60.13 44.70 -14.76
CA ASP B 89 60.89 45.96 -14.86
C ASP B 89 60.02 47.20 -14.57
N SER B 90 58.99 47.08 -13.72
CA SER B 90 58.02 48.16 -13.40
C SER B 90 57.15 48.62 -14.59
N LYS B 91 57.35 48.05 -15.79
CA LYS B 91 56.63 48.46 -16.98
C LYS B 91 55.59 47.49 -17.51
N GLY B 92 55.65 46.23 -17.07
CA GLY B 92 54.66 45.24 -17.46
C GLY B 92 54.41 45.25 -18.96
N THR B 93 53.14 45.36 -19.35
CA THR B 93 52.75 45.32 -20.76
C THR B 93 52.91 46.65 -21.48
N ASN B 94 53.22 47.71 -20.75
CA ASN B 94 53.22 49.02 -21.39
C ASN B 94 54.59 49.43 -21.95
N GLY B 95 55.61 48.61 -21.71
CA GLY B 95 56.94 48.91 -22.23
C GLY B 95 57.99 47.99 -21.63
N GLY B 96 59.25 48.35 -21.86
CA GLY B 96 60.36 47.56 -21.41
C GLY B 96 60.46 46.22 -22.11
N LYS B 97 60.72 45.19 -21.32
CA LYS B 97 60.87 43.84 -21.84
C LYS B 97 59.57 43.28 -22.39
N THR B 98 59.68 42.42 -23.40
CA THR B 98 58.50 41.69 -23.87
C THR B 98 58.30 40.56 -22.89
N LYS B 99 57.08 40.47 -22.36
CA LYS B 99 56.81 39.56 -21.27
C LYS B 99 55.65 38.64 -21.65
N PRO B 100 55.80 37.36 -21.43
CA PRO B 100 54.76 36.43 -21.87
C PRO B 100 53.57 36.22 -20.94
N LYS B 101 52.43 36.06 -21.59
CA LYS B 101 51.19 35.70 -20.93
C LYS B 101 51.44 34.35 -20.30
N PHE B 102 50.76 34.07 -19.20
CA PHE B 102 51.03 32.88 -18.41
C PHE B 102 50.14 31.68 -18.75
N MET B 103 48.93 31.67 -18.22
CA MET B 103 47.99 30.58 -18.40
C MET B 103 46.76 30.93 -19.21
N TYR B 104 46.57 30.18 -20.30
CA TYR B 104 45.40 30.31 -21.13
C TYR B 104 44.41 29.19 -20.82
N ILE B 105 43.31 29.54 -20.17
CA ILE B 105 42.18 28.61 -20.05
C ILE B 105 41.21 29.01 -21.18
N HIS B 106 41.58 28.62 -22.39
CA HIS B 106 40.80 28.89 -23.59
C HIS B 106 40.33 27.57 -24.19
N ASP B 107 39.20 27.62 -24.88
CA ASP B 107 38.63 26.44 -25.56
C ASP B 107 38.45 25.33 -24.59
N VAL B 108 37.94 25.65 -23.42
CA VAL B 108 37.68 24.67 -22.39
C VAL B 108 36.21 24.76 -21.99
N GLU B 109 35.56 23.61 -21.84
CA GLU B 109 34.15 23.58 -21.48
C GLU B 109 33.88 22.52 -20.43
N ASP B 110 32.87 22.76 -19.60
CA ASP B 110 32.40 21.78 -18.62
C ASP B 110 33.51 21.21 -17.77
N SER B 111 34.38 22.07 -17.26
CA SER B 111 35.56 21.63 -16.54
C SER B 111 35.71 22.29 -15.18
N THR B 112 36.45 21.62 -14.30
CA THR B 112 36.77 22.10 -12.96
C THR B 112 38.29 22.11 -12.71
N PHE B 113 38.80 23.28 -12.32
CA PHE B 113 40.21 23.48 -11.93
C PHE B 113 40.16 23.71 -10.44
N LYS B 114 40.91 22.94 -9.66
CA LYS B 114 40.84 23.11 -8.22
C LYS B 114 42.19 23.17 -7.56
N GLY B 115 42.35 24.17 -6.71
CA GLY B 115 43.55 24.32 -5.93
C GLY B 115 44.78 24.73 -6.69
N ILE B 116 44.62 25.24 -7.91
CA ILE B 116 45.71 25.67 -8.76
C ILE B 116 46.54 26.73 -8.05
N ASN B 117 47.82 26.43 -7.92
CA ASN B 117 48.75 27.19 -7.13
C ASN B 117 49.84 27.79 -8.02
N ILE B 118 49.88 29.12 -8.09
CA ILE B 118 50.67 29.84 -9.06
C ILE B 118 51.49 30.88 -8.33
N LYS B 119 52.71 31.08 -8.81
CA LYS B 119 53.60 32.08 -8.23
C LYS B 119 54.37 32.84 -9.29
N ASN B 120 54.45 34.16 -9.12
CA ASN B 120 55.29 35.02 -9.92
C ASN B 120 55.16 34.92 -11.43
N THR B 121 54.01 35.33 -11.95
CA THR B 121 53.80 35.36 -13.38
C THR B 121 54.45 36.60 -13.98
N PRO B 122 54.99 36.50 -15.18
CA PRO B 122 55.65 37.66 -15.82
C PRO B 122 54.74 38.90 -15.93
N VAL B 123 53.51 38.71 -16.45
CA VAL B 123 52.50 39.76 -16.59
C VAL B 123 51.18 39.09 -16.15
N GLN B 124 50.13 39.13 -16.95
CA GLN B 124 48.86 38.55 -16.50
C GLN B 124 48.92 37.06 -16.23
N ALA B 125 48.24 36.62 -15.19
CA ALA B 125 48.23 35.21 -14.73
C ALA B 125 47.28 34.35 -15.59
N ILE B 126 45.98 34.57 -15.47
CA ILE B 126 45.01 33.64 -16.11
C ILE B 126 44.12 34.37 -17.11
N SER B 127 44.11 33.92 -18.36
CA SER B 127 43.21 34.44 -19.38
C SER B 127 42.13 33.38 -19.56
N VAL B 128 40.88 33.73 -19.29
CA VAL B 128 39.78 32.78 -19.33
C VAL B 128 38.91 33.05 -20.54
N GLN B 129 38.81 32.09 -21.46
CA GLN B 129 37.85 32.18 -22.56
C GLN B 129 37.20 30.81 -22.56
N ALA B 130 36.11 30.66 -21.83
CA ALA B 130 35.60 29.31 -21.58
C ALA B 130 34.11 29.26 -21.30
N THR B 131 33.56 28.04 -21.31
CA THR B 131 32.13 27.84 -21.04
C THR B 131 31.90 26.81 -19.95
N ASN B 132 31.10 27.16 -18.95
CA ASN B 132 30.79 26.22 -17.87
C ASN B 132 32.03 25.65 -17.22
N VAL B 133 32.83 26.53 -16.62
CA VAL B 133 34.02 26.14 -15.88
C VAL B 133 33.99 26.63 -14.45
N HIS B 134 34.50 25.79 -13.55
CA HIS B 134 34.62 26.13 -12.16
C HIS B 134 36.10 26.26 -11.84
N LEU B 135 36.53 27.44 -11.35
CA LEU B 135 37.92 27.67 -10.92
C LEU B 135 37.91 27.89 -9.40
N ASN B 136 38.22 26.84 -8.64
CA ASN B 136 38.07 26.85 -7.21
C ASN B 136 39.40 26.85 -6.48
N ASP B 137 39.48 27.68 -5.44
CA ASP B 137 40.63 27.72 -4.55
C ASP B 137 41.98 27.95 -5.24
N PHE B 138 41.98 28.80 -6.26
CA PHE B 138 43.21 29.22 -6.91
C PHE B 138 43.98 30.13 -6.00
N THR B 139 45.29 30.02 -6.07
CA THR B 139 46.13 30.95 -5.37
C THR B 139 47.06 31.54 -6.41
N ILE B 140 47.01 32.86 -6.63
CA ILE B 140 47.87 33.50 -7.58
C ILE B 140 48.72 34.46 -6.77
N ASP B 141 49.90 33.99 -6.40
CA ASP B 141 50.80 34.77 -5.56
C ASP B 141 51.87 35.53 -6.35
N ASN B 142 51.59 36.81 -6.59
CA ASN B 142 52.53 37.70 -7.24
C ASN B 142 53.01 38.76 -6.30
N SER B 143 52.95 38.45 -5.02
CA SER B 143 53.36 39.41 -4.03
C SER B 143 54.82 39.86 -4.22
N ASP B 144 55.69 38.95 -4.65
CA ASP B 144 57.11 39.30 -4.89
C ASP B 144 57.25 40.46 -5.86
N GLY B 145 56.21 40.70 -6.66
CA GLY B 145 56.24 41.79 -7.63
C GLY B 145 56.18 43.15 -6.96
N ASP B 146 55.83 43.19 -5.70
CA ASP B 146 55.71 44.46 -4.97
C ASP B 146 57.07 45.17 -4.89
N ASP B 147 58.10 44.40 -4.59
CA ASP B 147 59.49 44.90 -4.47
C ASP B 147 60.38 44.58 -5.67
N ASN B 148 59.91 43.77 -6.61
CA ASN B 148 60.72 43.38 -7.75
C ASN B 148 60.22 43.82 -9.13
N GLY B 149 59.31 44.79 -9.12
CA GLY B 149 58.91 45.45 -10.34
C GLY B 149 57.73 44.89 -11.12
N GLY B 150 56.90 44.10 -10.44
CA GLY B 150 55.69 43.53 -11.08
C GLY B 150 54.73 44.63 -11.52
N HIS B 151 54.10 44.45 -12.68
CA HIS B 151 53.14 45.43 -13.20
C HIS B 151 52.23 44.67 -14.20
N ASN B 152 50.94 44.98 -14.24
CA ASN B 152 50.02 44.26 -15.15
C ASN B 152 50.01 42.77 -14.87
N THR B 153 50.07 42.42 -13.60
CA THR B 153 50.05 41.03 -13.11
C THR B 153 48.64 40.58 -12.67
N ASP B 154 47.65 40.86 -13.53
CA ASP B 154 46.27 40.57 -13.30
C ASP B 154 46.03 39.14 -12.88
N GLY B 155 45.02 38.91 -12.05
CA GLY B 155 44.68 37.58 -11.60
C GLY B 155 43.93 36.83 -12.69
N PHE B 156 42.69 37.25 -12.93
CA PHE B 156 41.85 36.64 -13.94
C PHE B 156 41.35 37.69 -14.95
N ASP B 157 41.72 37.53 -16.22
CA ASP B 157 41.20 38.35 -17.29
C ASP B 157 40.19 37.48 -18.01
N ILE B 158 38.93 37.91 -18.03
CA ILE B 158 37.84 37.10 -18.60
C ILE B 158 37.23 37.77 -19.82
N SER B 159 37.06 36.99 -20.90
CA SER B 159 36.41 37.49 -22.11
C SER B 159 35.80 36.30 -22.86
N GLU B 160 34.81 36.56 -23.70
CA GLU B 160 34.25 35.50 -24.55
C GLU B 160 33.94 34.24 -23.77
N SER B 161 33.28 34.38 -22.63
CA SER B 161 33.00 33.26 -21.75
C SER B 161 31.56 33.27 -21.30
N THR B 162 31.04 32.07 -21.03
CA THR B 162 29.71 31.88 -20.50
C THR B 162 29.76 30.86 -19.39
N GLY B 163 29.31 31.23 -18.20
CA GLY B 163 29.31 30.32 -17.07
C GLY B 163 30.69 30.07 -16.53
N VAL B 164 31.27 31.09 -15.91
CA VAL B 164 32.57 30.96 -15.28
C VAL B 164 32.32 31.25 -13.83
N TYR B 165 32.70 30.32 -12.97
CA TYR B 165 32.42 30.36 -11.54
C TYR B 165 33.72 30.28 -10.77
N ILE B 166 34.12 31.41 -10.24
CA ILE B 166 35.34 31.51 -9.47
C ILE B 166 34.98 31.58 -8.02
N SER B 167 35.56 30.67 -7.26
CA SER B 167 35.28 30.57 -5.86
C SER B 167 36.55 30.40 -5.06
N GLY B 168 36.65 31.13 -3.96
CA GLY B 168 37.78 30.98 -3.06
C GLY B 168 39.16 31.31 -3.60
N ALA B 169 39.23 32.25 -4.53
CA ALA B 169 40.51 32.64 -5.06
C ALA B 169 41.25 33.57 -4.12
N THR B 170 42.56 33.44 -4.11
CA THR B 170 43.43 34.42 -3.48
C THR B 170 44.39 34.98 -4.55
N VAL B 171 44.39 36.31 -4.73
CA VAL B 171 45.22 36.96 -5.73
C VAL B 171 45.95 38.07 -5.07
N LYS B 172 47.28 37.97 -5.06
CA LYS B 172 48.13 38.99 -4.46
C LYS B 172 48.98 39.55 -5.62
N ASN B 173 48.73 40.77 -6.06
CA ASN B 173 49.34 41.21 -7.28
C ASN B 173 49.51 42.70 -7.38
N GLN B 174 49.73 43.20 -8.60
CA GLN B 174 49.91 44.63 -8.83
C GLN B 174 48.90 45.20 -9.86
N ASP B 175 47.88 44.42 -10.24
CA ASP B 175 46.85 44.93 -11.16
C ASP B 175 45.49 44.33 -10.80
N ASP B 176 44.53 44.32 -11.73
CA ASP B 176 43.19 43.81 -11.39
C ASP B 176 43.20 42.40 -10.78
N CYS B 177 42.38 42.21 -9.76
CA CYS B 177 42.17 40.91 -9.15
C CYS B 177 41.45 40.06 -10.20
N ILE B 178 40.37 40.63 -10.69
CA ILE B 178 39.68 40.12 -11.90
C ILE B 178 39.40 41.30 -12.80
N ALA B 179 39.40 41.07 -14.12
CA ALA B 179 39.00 42.07 -15.10
C ALA B 179 38.07 41.36 -16.09
N ILE B 180 36.82 41.76 -16.12
CA ILE B 180 35.85 41.14 -17.01
C ILE B 180 35.70 42.06 -18.24
N ASN B 181 36.30 41.67 -19.36
CA ASN B 181 36.19 42.49 -20.55
C ASN B 181 34.93 42.17 -21.33
N SER B 182 34.45 40.92 -21.19
CA SER B 182 33.24 40.46 -21.83
C SER B 182 32.86 39.14 -21.21
N GLY B 183 31.58 38.86 -21.24
CA GLY B 183 31.09 37.58 -20.77
C GLY B 183 29.67 37.59 -20.25
N GLU B 184 29.18 36.38 -20.05
CA GLU B 184 27.84 36.13 -19.57
C GLU B 184 27.87 35.07 -18.50
N SER B 185 27.18 35.36 -17.40
CA SER B 185 27.04 34.44 -16.29
C SER B 185 28.40 34.14 -15.70
N ILE B 186 28.98 35.18 -15.12
CA ILE B 186 30.30 35.11 -14.52
C ILE B 186 30.13 35.36 -13.06
N SER B 187 30.72 34.52 -12.23
CA SER B 187 30.54 34.66 -10.79
C SER B 187 31.92 34.62 -10.13
N PHE B 188 32.14 35.47 -9.11
CA PHE B 188 33.40 35.50 -8.36
C PHE B 188 32.97 35.65 -6.92
N THR B 189 33.25 34.66 -6.08
CA THR B 189 32.80 34.74 -4.68
C THR B 189 33.85 34.16 -3.76
N GLY B 190 33.83 34.59 -2.50
CA GLY B 190 34.77 34.06 -1.52
C GLY B 190 36.21 34.38 -1.82
N GLY B 191 36.46 35.47 -2.55
CA GLY B 191 37.81 35.81 -2.94
C GLY B 191 38.52 36.72 -1.96
N THR B 192 39.82 36.67 -2.04
CA THR B 192 40.70 37.49 -1.24
C THR B 192 41.67 38.19 -2.18
N CYS B 193 41.46 39.47 -2.39
CA CYS B 193 42.28 40.23 -3.33
C CYS B 193 43.15 41.20 -2.58
N SER B 194 44.42 41.29 -2.95
CA SER B 194 45.30 42.23 -2.28
C SER B 194 46.37 42.78 -3.18
N GLY B 195 46.74 44.03 -2.95
CA GLY B 195 47.80 44.69 -3.66
C GLY B 195 47.49 45.36 -4.97
N GLY B 196 46.38 44.99 -5.56
CA GLY B 196 46.19 45.32 -6.96
C GLY B 196 45.30 46.50 -7.22
N HIS B 197 44.47 46.32 -8.23
CA HIS B 197 43.56 47.34 -8.68
C HIS B 197 42.11 46.95 -8.43
N GLY B 198 41.84 45.84 -7.73
CA GLY B 198 40.47 45.53 -7.36
C GLY B 198 39.66 44.63 -8.28
N LEU B 199 38.35 44.65 -8.09
CA LEU B 199 37.42 43.77 -8.73
C LEU B 199 36.74 44.56 -9.83
N SER B 200 37.17 44.28 -11.05
CA SER B 200 36.75 45.10 -12.18
C SER B 200 35.98 44.45 -13.30
N ILE B 201 34.98 45.20 -13.73
CA ILE B 201 34.26 44.92 -14.99
C ILE B 201 34.96 45.85 -15.97
N GLY B 202 35.51 45.30 -17.04
CA GLY B 202 36.12 46.14 -18.05
C GLY B 202 37.64 46.14 -18.04
N SER B 203 38.30 46.99 -18.85
CA SER B 203 37.68 47.92 -19.76
C SER B 203 36.78 47.22 -20.78
N VAL B 204 35.65 47.86 -21.07
CA VAL B 204 34.69 47.30 -22.00
C VAL B 204 34.68 48.17 -23.22
N GLY B 205 34.74 47.53 -24.39
CA GLY B 205 34.72 48.24 -25.65
C GLY B 205 35.92 47.98 -26.57
N GLY B 206 35.66 48.17 -27.86
CA GLY B 206 36.67 48.06 -28.89
C GLY B 206 37.23 46.67 -29.16
N ARG B 207 36.55 45.64 -28.64
CA ARG B 207 36.96 44.27 -28.85
C ARG B 207 35.95 43.55 -29.73
N ASP B 208 36.19 42.25 -29.98
CA ASP B 208 35.29 41.48 -30.82
C ASP B 208 34.02 41.13 -30.03
N ASP B 209 34.05 41.33 -28.70
CA ASP B 209 32.91 41.07 -27.83
C ASP B 209 32.98 42.18 -26.75
N ASN B 210 31.92 42.97 -26.68
CA ASN B 210 31.86 44.09 -25.73
C ASN B 210 30.60 44.05 -24.91
N THR B 211 30.11 42.83 -24.66
CA THR B 211 28.93 42.60 -23.86
C THR B 211 29.31 41.93 -22.57
N VAL B 212 28.91 42.57 -21.47
CA VAL B 212 29.01 41.96 -20.18
C VAL B 212 27.60 41.86 -19.62
N LYS B 213 27.20 40.63 -19.27
CA LYS B 213 25.85 40.42 -18.73
C LYS B 213 25.78 39.31 -17.68
N ASN B 214 25.07 39.59 -16.59
CA ASN B 214 24.85 38.61 -15.53
C ASN B 214 26.13 38.27 -14.79
N VAL B 215 26.60 39.21 -13.99
CA VAL B 215 27.82 39.05 -13.21
C VAL B 215 27.48 39.23 -11.74
N THR B 216 27.99 38.34 -10.92
CA THR B 216 27.86 38.48 -9.48
C THR B 216 29.23 38.38 -8.88
N ILE B 217 29.58 39.41 -8.12
CA ILE B 217 30.84 39.49 -7.40
C ILE B 217 30.46 39.71 -5.97
N SER B 218 30.75 38.71 -5.14
CA SER B 218 30.24 38.74 -3.78
C SER B 218 31.15 38.10 -2.76
N ASP B 219 30.82 38.35 -1.49
CA ASP B 219 31.48 37.72 -0.35
C ASP B 219 32.99 37.71 -0.55
N SER B 220 33.55 38.87 -0.81
CA SER B 220 34.98 38.98 -1.07
C SER B 220 35.62 40.18 -0.38
N THR B 221 36.94 40.15 -0.24
CA THR B 221 37.68 41.23 0.39
C THR B 221 38.70 41.77 -0.58
N VAL B 222 38.90 43.08 -0.54
CA VAL B 222 39.91 43.72 -1.37
C VAL B 222 40.73 44.57 -0.45
N SER B 223 42.04 44.33 -0.39
CA SER B 223 42.95 45.04 0.52
C SER B 223 44.16 45.65 -0.12
N ASN B 224 44.55 46.83 0.40
CA ASN B 224 45.75 47.49 -0.07
C ASN B 224 45.79 47.47 -1.61
N SER B 225 44.68 47.92 -2.18
CA SER B 225 44.43 48.02 -3.63
C SER B 225 44.01 49.44 -4.03
N ALA B 226 44.21 49.77 -5.29
CA ALA B 226 43.85 51.11 -5.80
C ALA B 226 42.35 51.32 -5.74
N ASN B 227 41.60 50.29 -6.10
CA ASN B 227 40.14 50.30 -6.18
C ASN B 227 39.51 49.10 -5.49
N GLY B 228 38.28 49.27 -5.00
CA GLY B 228 37.47 48.19 -4.52
C GLY B 228 36.68 47.53 -5.64
N VAL B 229 35.62 48.20 -6.05
CA VAL B 229 34.67 47.79 -7.03
C VAL B 229 34.85 48.75 -8.18
N ARG B 230 35.01 48.25 -9.41
CA ARG B 230 35.20 49.15 -10.55
C ARG B 230 34.48 48.65 -11.81
N ILE B 231 33.82 49.56 -12.49
CA ILE B 231 33.33 49.32 -13.85
C ILE B 231 33.94 50.40 -14.74
N LYS B 232 34.62 50.01 -15.82
CA LYS B 232 35.26 50.97 -16.70
C LYS B 232 34.90 50.63 -18.14
N THR B 233 34.50 51.64 -18.89
CA THR B 233 34.11 51.46 -20.31
C THR B 233 34.85 52.50 -21.12
N ILE B 234 35.11 52.17 -22.37
CA ILE B 234 35.95 53.01 -23.22
C ILE B 234 35.20 54.13 -23.97
N TYR B 235 35.81 55.30 -23.96
CA TYR B 235 35.26 56.47 -24.63
C TYR B 235 35.02 56.25 -26.11
N LYS B 236 33.82 56.62 -26.57
CA LYS B 236 33.46 56.55 -27.97
C LYS B 236 33.38 55.17 -28.53
N GLU B 237 33.25 54.17 -27.66
CA GLU B 237 33.09 52.80 -28.10
C GLU B 237 31.67 52.31 -27.78
N THR B 238 31.37 51.09 -28.21
CA THR B 238 30.06 50.53 -28.01
C THR B 238 30.12 49.17 -27.36
N GLY B 239 29.00 48.84 -26.78
CA GLY B 239 28.85 47.60 -26.04
C GLY B 239 27.70 47.71 -25.07
N ASP B 240 27.70 46.85 -24.07
CA ASP B 240 26.58 46.82 -23.12
C ASP B 240 27.05 46.13 -21.83
N VAL B 241 26.80 46.78 -20.70
CA VAL B 241 27.08 46.18 -19.39
C VAL B 241 25.75 46.17 -18.66
N SER B 242 25.29 45.00 -18.25
CA SER B 242 24.05 44.94 -17.51
C SER B 242 23.94 43.74 -16.57
N GLU B 243 23.06 43.88 -15.58
CA GLU B 243 22.79 42.83 -14.63
C GLU B 243 24.08 42.45 -13.91
N ILE B 244 24.61 43.42 -13.15
CA ILE B 244 25.84 43.30 -12.43
C ILE B 244 25.48 43.46 -10.98
N THR B 245 25.99 42.57 -10.16
CA THR B 245 25.75 42.62 -8.75
C THR B 245 27.06 42.51 -7.97
N TYR B 246 27.31 43.48 -7.11
CA TYR B 246 28.45 43.46 -6.22
C TYR B 246 27.76 43.40 -4.86
N SER B 247 28.06 42.34 -4.10
CA SER B 247 27.38 42.10 -2.82
C SER B 247 28.32 41.64 -1.73
N ASN B 248 28.28 42.29 -0.56
CA ASN B 248 29.13 41.89 0.56
C ASN B 248 30.60 41.94 0.20
N ILE B 249 31.05 43.11 -0.19
CA ILE B 249 32.44 43.33 -0.50
C ILE B 249 33.02 44.15 0.63
N GLN B 250 34.09 43.64 1.24
CA GLN B 250 34.79 44.37 2.27
C GLN B 250 36.12 44.92 1.77
N LEU B 251 36.31 46.21 2.04
CA LEU B 251 37.47 46.95 1.60
C LEU B 251 38.40 47.34 2.75
N SER B 252 39.70 47.31 2.50
CA SER B 252 40.66 47.85 3.49
C SER B 252 41.84 48.50 2.85
N GLY B 253 42.22 49.67 3.35
CA GLY B 253 43.34 50.42 2.84
C GLY B 253 43.29 50.73 1.35
N ILE B 254 42.12 51.14 0.88
CA ILE B 254 41.94 51.44 -0.54
C ILE B 254 42.58 52.81 -0.82
N THR B 255 43.36 52.93 -1.87
CA THR B 255 44.10 54.17 -2.10
C THR B 255 43.58 55.14 -3.12
N ASP B 256 42.72 54.69 -4.04
CA ASP B 256 42.23 55.59 -5.10
C ASP B 256 40.72 55.74 -5.07
N TYR B 257 40.00 54.63 -5.24
CA TYR B 257 38.54 54.66 -5.25
C TYR B 257 37.89 53.48 -4.55
N GLY B 258 36.91 53.76 -3.71
CA GLY B 258 36.13 52.73 -3.07
C GLY B 258 35.32 51.99 -4.13
N ILE B 259 34.47 52.78 -4.81
CA ILE B 259 33.65 52.30 -5.91
C ILE B 259 33.88 53.29 -7.02
N VAL B 260 34.20 52.82 -8.22
CA VAL B 260 34.41 53.73 -9.34
C VAL B 260 33.76 53.13 -10.56
N ILE B 261 32.90 53.92 -11.17
CA ILE B 261 32.22 53.50 -12.38
C ILE B 261 32.37 54.64 -13.35
N GLU B 262 33.08 54.45 -14.47
CA GLU B 262 33.32 55.58 -15.36
C GLU B 262 33.39 55.13 -16.81
N GLN B 263 32.88 56.01 -17.66
CA GLN B 263 32.72 55.72 -19.09
C GLN B 263 33.69 56.52 -19.98
N ASP B 264 34.84 56.89 -19.43
CA ASP B 264 35.74 57.81 -20.12
C ASP B 264 37.12 57.28 -20.37
N TYR B 265 37.30 55.99 -20.46
CA TYR B 265 38.67 55.49 -20.71
C TYR B 265 39.10 55.58 -22.16
N GLU B 266 40.35 55.97 -22.39
CA GLU B 266 40.89 55.97 -23.73
C GLU B 266 42.36 55.64 -23.60
N ASN B 267 42.81 54.66 -24.37
CA ASN B 267 44.20 54.26 -24.38
C ASN B 267 44.72 53.94 -22.98
N GLY B 268 43.83 53.34 -22.16
CA GLY B 268 44.17 52.90 -20.83
C GLY B 268 44.08 53.97 -19.74
N SER B 269 43.63 55.17 -20.08
CA SER B 269 43.59 56.25 -19.11
C SER B 269 42.29 57.02 -19.21
N PRO B 270 41.80 57.51 -18.08
CA PRO B 270 40.59 58.31 -18.10
C PRO B 270 40.81 59.64 -18.78
N THR B 271 39.84 60.06 -19.55
CA THR B 271 39.90 61.35 -20.22
C THR B 271 39.24 62.44 -19.43
N GLY B 272 38.32 62.09 -18.53
CA GLY B 272 37.57 63.10 -17.83
C GLY B 272 36.22 63.38 -18.50
N THR B 273 36.01 62.85 -19.71
CA THR B 273 34.77 63.06 -20.46
C THR B 273 34.13 61.75 -20.87
N PRO B 274 32.95 61.46 -20.33
CA PRO B 274 32.31 60.19 -20.66
C PRO B 274 31.57 60.23 -21.99
N SER B 275 31.24 59.07 -22.53
CA SER B 275 30.40 58.97 -23.72
C SER B 275 29.25 58.03 -23.38
N THR B 276 28.34 57.81 -24.33
CA THR B 276 27.07 57.08 -24.09
C THR B 276 26.82 55.76 -24.83
N GLY B 277 27.80 55.29 -25.56
CA GLY B 277 27.67 54.10 -26.37
C GLY B 277 27.71 52.77 -25.67
N ILE B 278 28.07 52.76 -24.39
CA ILE B 278 28.12 51.52 -23.64
C ILE B 278 27.28 51.70 -22.39
N PRO B 279 25.99 51.44 -22.50
CA PRO B 279 25.09 51.56 -21.37
C PRO B 279 25.53 50.66 -20.24
N ILE B 280 25.37 51.17 -19.02
CA ILE B 280 25.63 50.41 -17.81
C ILE B 280 24.30 50.43 -17.04
N THR B 281 23.59 49.30 -17.06
CA THR B 281 22.20 49.26 -16.49
C THR B 281 21.96 48.05 -15.60
N ASP B 282 20.93 48.13 -14.76
CA ASP B 282 20.63 47.00 -13.85
C ASP B 282 21.90 46.57 -13.06
N VAL B 283 22.51 47.55 -12.40
CA VAL B 283 23.58 47.29 -11.46
C VAL B 283 23.01 47.38 -10.05
N THR B 284 23.41 46.39 -9.25
CA THR B 284 23.06 46.32 -7.84
C THR B 284 24.30 46.36 -7.03
N VAL B 285 24.36 47.27 -6.11
CA VAL B 285 25.48 47.31 -5.20
C VAL B 285 24.80 47.12 -3.85
N ASP B 286 25.18 46.09 -3.10
CA ASP B 286 24.47 45.75 -1.87
C ASP B 286 25.47 45.34 -0.83
N GLY B 287 25.87 46.27 0.04
CA GLY B 287 26.82 45.96 1.08
C GLY B 287 28.26 46.06 0.64
N VAL B 288 28.79 47.28 0.63
CA VAL B 288 30.20 47.54 0.34
C VAL B 288 30.66 48.39 1.49
N THR B 289 31.54 47.80 2.29
CA THR B 289 32.01 48.51 3.48
C THR B 289 33.52 48.48 3.58
N GLY B 290 34.08 49.36 4.41
CA GLY B 290 35.49 49.27 4.71
C GLY B 290 36.15 50.61 4.75
N THR B 291 37.48 50.53 4.73
CA THR B 291 38.36 51.66 4.94
C THR B 291 39.11 52.15 3.74
N LEU B 292 39.19 53.46 3.64
CA LEU B 292 39.96 54.12 2.60
C LEU B 292 41.07 54.96 3.19
N GLU B 293 42.16 55.12 2.42
CA GLU B 293 43.25 56.00 2.83
C GLU B 293 42.80 57.47 2.71
N ASP B 294 43.51 58.39 3.34
CA ASP B 294 43.04 59.79 3.37
C ASP B 294 42.76 60.44 2.05
N ASP B 295 43.56 60.13 1.04
CA ASP B 295 43.47 60.83 -0.22
C ASP B 295 42.69 60.02 -1.27
N ALA B 296 42.13 58.90 -0.84
CA ALA B 296 41.27 58.10 -1.68
C ALA B 296 39.89 58.76 -1.79
N THR B 297 39.15 58.40 -2.83
CA THR B 297 37.78 58.90 -3.00
C THR B 297 36.80 57.78 -2.81
N GLN B 298 35.76 58.04 -2.01
CA GLN B 298 34.78 57.03 -1.65
C GLN B 298 34.07 56.44 -2.89
N VAL B 299 33.42 57.33 -3.65
CA VAL B 299 32.61 56.93 -4.83
C VAL B 299 32.85 57.92 -5.94
N TYR B 300 33.13 57.40 -7.12
CA TYR B 300 33.30 58.23 -8.28
C TYR B 300 32.50 57.57 -9.40
N ILE B 301 31.51 58.31 -9.89
CA ILE B 301 30.60 57.86 -10.94
C ILE B 301 30.62 58.91 -12.01
N LEU B 302 31.12 58.51 -13.18
CA LEU B 302 31.28 59.45 -14.30
C LEU B 302 30.61 58.81 -15.48
N CYS B 303 29.31 59.02 -15.58
CA CYS B 303 28.53 58.44 -16.65
C CYS B 303 28.19 59.43 -17.76
N GLY B 304 28.04 58.93 -18.96
CA GLY B 304 27.53 59.75 -20.01
C GLY B 304 26.10 60.14 -19.70
N ASP B 305 25.62 61.03 -20.54
CA ASP B 305 24.34 61.56 -20.42
C ASP B 305 23.27 60.49 -20.73
N GLY B 306 22.61 59.99 -19.69
CA GLY B 306 21.56 58.98 -19.85
C GLY B 306 22.07 57.57 -20.05
N SER B 307 23.36 57.32 -19.94
CA SER B 307 23.87 55.99 -20.27
C SER B 307 24.05 55.06 -19.06
N CYS B 308 23.78 55.55 -17.85
CA CYS B 308 23.76 54.67 -16.68
C CYS B 308 22.34 54.79 -16.09
N SER B 309 21.67 53.67 -15.93
CA SER B 309 20.32 53.69 -15.43
C SER B 309 19.91 52.39 -14.74
N ASP B 310 18.88 52.50 -13.91
CA ASP B 310 18.33 51.35 -13.19
C ASP B 310 19.38 50.72 -12.24
N TRP B 311 19.91 51.53 -11.35
CA TRP B 311 20.84 51.00 -10.32
C TRP B 311 20.15 50.92 -8.98
N THR B 312 20.48 49.86 -8.25
CA THR B 312 19.97 49.60 -6.91
C THR B 312 21.17 49.63 -5.99
N TRP B 313 21.11 50.50 -5.02
CA TRP B 313 22.29 50.92 -4.30
C TRP B 313 21.93 50.89 -2.83
N SER B 314 22.60 50.04 -2.05
CA SER B 314 22.34 50.04 -0.61
C SER B 314 23.51 49.49 0.17
N GLY B 315 23.58 49.83 1.46
CA GLY B 315 24.61 49.27 2.30
C GLY B 315 26.01 49.72 1.97
N VAL B 316 26.13 50.87 1.33
CA VAL B 316 27.42 51.43 1.07
C VAL B 316 27.82 52.25 2.28
N ASP B 317 28.81 51.76 3.01
CA ASP B 317 29.23 52.40 4.24
C ASP B 317 30.75 52.37 4.33
N LEU B 318 31.36 53.40 3.79
CA LEU B 318 32.81 53.48 3.76
C LEU B 318 33.31 54.47 4.81
N SER B 319 34.51 54.23 5.34
CA SER B 319 35.09 55.16 6.30
C SER B 319 36.45 55.63 5.80
N GLY B 320 36.65 56.93 5.88
CA GLY B 320 37.84 57.58 5.37
C GLY B 320 37.67 58.02 3.93
N GLY B 321 38.69 58.72 3.43
CA GLY B 321 38.73 59.20 2.09
C GLY B 321 37.96 60.49 1.93
N LYS B 322 37.81 60.91 0.70
CA LYS B 322 37.14 62.14 0.38
C LYS B 322 35.86 61.84 -0.35
N THR B 323 34.91 62.77 -0.32
CA THR B 323 33.71 62.70 -1.17
C THR B 323 33.97 63.44 -2.48
N SER B 324 33.68 62.78 -3.61
CA SER B 324 33.79 63.40 -4.90
C SER B 324 32.79 64.52 -5.17
N ASP B 325 33.27 65.60 -5.76
CA ASP B 325 32.40 66.65 -6.24
C ASP B 325 32.46 66.63 -7.77
N LYS B 326 32.96 65.51 -8.34
CA LYS B 326 33.14 65.41 -9.80
C LYS B 326 32.25 64.39 -10.50
N CYS B 327 31.33 63.78 -9.76
CA CYS B 327 30.44 62.79 -10.36
C CYS B 327 29.54 63.42 -11.39
N GLU B 328 29.17 62.63 -12.38
CA GLU B 328 28.33 63.12 -13.48
C GLU B 328 27.27 62.11 -13.88
N ASN B 329 26.04 62.63 -14.08
CA ASN B 329 24.92 61.85 -14.54
C ASN B 329 24.74 60.60 -13.70
N VAL B 330 24.80 60.75 -12.37
CA VAL B 330 24.65 59.61 -11.49
C VAL B 330 23.22 59.07 -11.51
N PRO B 331 23.01 57.78 -11.69
CA PRO B 331 21.67 57.22 -11.66
C PRO B 331 20.96 57.58 -10.38
N SER B 332 19.68 57.87 -10.50
CA SER B 332 18.88 58.33 -9.35
C SER B 332 18.93 57.40 -8.11
N GLY B 333 19.00 56.08 -8.26
CA GLY B 333 19.13 55.25 -7.07
C GLY B 333 20.50 55.24 -6.36
N ALA B 334 21.52 55.82 -6.98
CA ALA B 334 22.87 55.79 -6.44
C ALA B 334 23.34 57.15 -5.93
N SER B 335 24.52 57.18 -5.34
CA SER B 335 25.08 58.44 -4.85
C SER B 335 26.58 58.41 -4.67
N CYS B 336 27.25 59.53 -4.95
CA CYS B 336 28.64 59.68 -4.60
C CYS B 336 28.69 60.11 -3.13
N SER C 1 -13.18 -29.27 -19.18
CA SER C 1 -13.53 -30.66 -18.77
C SER C 1 -14.74 -30.60 -17.80
N THR C 2 -14.50 -30.85 -16.52
CA THR C 2 -15.43 -30.63 -15.42
C THR C 2 -16.53 -29.57 -15.43
N CYS C 3 -17.73 -29.99 -15.10
CA CYS C 3 -18.82 -29.06 -14.89
C CYS C 3 -18.99 -28.93 -13.39
N THR C 4 -19.07 -27.73 -12.86
CA THR C 4 -19.30 -27.59 -11.41
C THR C 4 -20.67 -26.94 -11.20
N PHE C 5 -21.55 -27.63 -10.48
CA PHE C 5 -22.88 -27.12 -10.28
C PHE C 5 -23.05 -26.71 -8.82
N THR C 6 -23.57 -25.51 -8.58
CA THR C 6 -23.82 -25.02 -7.24
C THR C 6 -25.30 -24.96 -6.91
N SER C 7 -26.16 -25.40 -7.83
CA SER C 7 -27.59 -25.41 -7.61
C SER C 7 -28.19 -26.63 -8.27
N ALA C 8 -29.35 -27.04 -7.78
CA ALA C 8 -30.07 -28.18 -8.30
C ALA C 8 -30.53 -27.91 -9.73
N SER C 9 -30.94 -26.67 -10.00
CA SER C 9 -31.41 -26.31 -11.34
C SER C 9 -30.28 -26.47 -12.35
N GLU C 10 -29.09 -25.98 -12.03
CA GLU C 10 -27.94 -26.14 -12.94
C GLU C 10 -27.68 -27.62 -13.24
N ALA C 11 -27.70 -28.44 -12.21
CA ALA C 11 -27.45 -29.85 -12.39
C ALA C 11 -28.50 -30.48 -13.29
N SER C 12 -29.78 -30.23 -13.01
CA SER C 12 -30.81 -30.85 -13.80
C SER C 12 -30.72 -30.42 -15.27
N GLU C 13 -30.39 -29.16 -15.46
CA GLU C 13 -30.38 -28.58 -16.81
C GLU C 13 -29.15 -28.98 -17.61
N SER C 14 -28.04 -29.22 -16.94
CA SER C 14 -26.77 -29.38 -17.66
C SER C 14 -26.00 -30.64 -17.54
N ILE C 15 -26.42 -31.54 -16.65
CA ILE C 15 -25.63 -32.72 -16.41
C ILE C 15 -25.43 -33.61 -17.63
N SER C 16 -26.43 -33.71 -18.52
CA SER C 16 -26.33 -34.58 -19.68
C SER C 16 -25.14 -34.23 -20.60
N SER C 17 -24.61 -33.03 -20.46
CA SER C 17 -23.52 -32.60 -21.33
C SER C 17 -22.17 -32.80 -20.71
N CYS C 18 -22.14 -33.25 -19.46
CA CYS C 18 -20.90 -33.36 -18.75
C CYS C 18 -20.40 -34.78 -18.54
N SER C 19 -19.09 -34.95 -18.70
CA SER C 19 -18.48 -36.24 -18.43
C SER C 19 -17.92 -36.29 -17.02
N ASP C 20 -17.65 -35.11 -16.46
CA ASP C 20 -17.07 -34.97 -15.14
C ASP C 20 -17.82 -33.86 -14.40
N VAL C 21 -18.52 -34.24 -13.34
CA VAL C 21 -19.43 -33.35 -12.65
C VAL C 21 -19.05 -33.19 -11.19
N VAL C 22 -19.03 -31.94 -10.70
CA VAL C 22 -18.82 -31.62 -9.31
C VAL C 22 -20.12 -30.96 -8.80
N LEU C 23 -20.65 -31.50 -7.71
CA LEU C 23 -21.85 -30.99 -7.06
C LEU C 23 -21.36 -30.30 -5.81
N SER C 24 -21.26 -28.99 -5.91
CA SER C 24 -20.60 -28.17 -4.93
C SER C 24 -21.57 -27.50 -3.94
N SER C 25 -21.62 -28.09 -2.76
CA SER C 25 -22.40 -27.52 -1.65
C SER C 25 -23.82 -27.09 -2.05
N ILE C 26 -24.54 -27.93 -2.77
CA ILE C 26 -25.88 -27.61 -3.21
C ILE C 26 -26.89 -27.58 -2.10
N GLU C 27 -27.63 -26.47 -2.03
CA GLU C 27 -28.78 -26.37 -1.11
C GLU C 27 -30.02 -26.64 -1.96
N VAL C 28 -30.50 -27.87 -1.97
CA VAL C 28 -31.60 -28.27 -2.79
C VAL C 28 -32.88 -27.58 -2.25
N PRO C 29 -33.62 -26.89 -3.10
CA PRO C 29 -34.82 -26.22 -2.58
C PRO C 29 -35.85 -27.19 -2.00
N ALA C 30 -36.59 -26.65 -1.05
CA ALA C 30 -37.63 -27.41 -0.39
C ALA C 30 -38.57 -27.99 -1.40
N GLY C 31 -38.88 -29.26 -1.24
CA GLY C 31 -39.88 -29.87 -2.06
C GLY C 31 -39.44 -30.29 -3.42
N GLU C 32 -38.12 -30.19 -3.68
CA GLU C 32 -37.59 -30.55 -4.98
C GLU C 32 -36.61 -31.73 -4.90
N THR C 33 -36.44 -32.40 -6.03
CA THR C 33 -35.50 -33.53 -6.12
C THR C 33 -34.22 -33.01 -6.72
N LEU C 34 -33.07 -33.38 -6.19
CA LEU C 34 -31.81 -33.10 -6.85
C LEU C 34 -31.75 -34.20 -7.91
N ASP C 35 -32.09 -33.80 -9.14
CA ASP C 35 -32.30 -34.74 -10.23
C ASP C 35 -31.06 -34.92 -11.10
N LEU C 36 -30.37 -36.02 -10.85
CA LEU C 36 -29.14 -36.34 -11.57
C LEU C 36 -29.37 -37.44 -12.60
N SER C 37 -30.64 -37.69 -12.91
CA SER C 37 -31.04 -38.88 -13.67
C SER C 37 -30.67 -38.80 -15.16
N ASP C 38 -30.33 -37.62 -15.63
CA ASP C 38 -29.96 -37.48 -17.04
C ASP C 38 -28.44 -37.51 -17.20
N ALA C 39 -27.73 -38.07 -16.22
CA ALA C 39 -26.28 -38.12 -16.32
C ALA C 39 -25.83 -38.84 -17.58
N ALA C 40 -24.80 -38.29 -18.19
CA ALA C 40 -24.26 -38.88 -19.41
C ALA C 40 -23.59 -40.18 -19.10
N ASP C 41 -23.74 -41.12 -20.01
CA ASP C 41 -23.13 -42.42 -19.85
C ASP C 41 -21.60 -42.29 -19.72
N GLY C 42 -21.05 -43.05 -18.79
CA GLY C 42 -19.65 -43.06 -18.50
C GLY C 42 -19.13 -41.91 -17.70
N SER C 43 -20.00 -41.07 -17.15
CA SER C 43 -19.54 -39.91 -16.40
C SER C 43 -19.17 -40.17 -14.93
N THR C 44 -18.40 -39.24 -14.39
CA THR C 44 -18.05 -39.19 -12.98
C THR C 44 -18.82 -38.03 -12.32
N ILE C 45 -19.45 -38.36 -11.20
CA ILE C 45 -20.13 -37.36 -10.40
C ILE C 45 -19.48 -37.35 -8.99
N THR C 46 -19.10 -36.17 -8.53
CA THR C 46 -18.44 -36.01 -7.25
C THR C 46 -19.14 -34.97 -6.39
N PHE C 47 -19.50 -35.39 -5.19
CA PHE C 47 -20.07 -34.48 -4.19
C PHE C 47 -18.99 -33.74 -3.40
N GLU C 48 -19.11 -32.42 -3.31
CA GLU C 48 -18.23 -31.54 -2.58
C GLU C 48 -19.00 -30.79 -1.50
N GLY C 49 -18.33 -30.55 -0.38
CA GLY C 49 -18.92 -29.83 0.75
C GLY C 49 -20.14 -30.55 1.31
N THR C 50 -21.11 -29.77 1.76
CA THR C 50 -22.35 -30.30 2.33
C THR C 50 -23.52 -30.12 1.38
N THR C 51 -24.14 -31.21 0.99
CA THR C 51 -25.36 -31.15 0.21
C THR C 51 -26.50 -31.15 1.26
N SER C 52 -27.43 -30.22 1.11
CA SER C 52 -28.55 -30.04 2.05
C SER C 52 -29.87 -29.86 1.28
N PHE C 53 -30.99 -29.87 2.02
CA PHE C 53 -32.33 -29.88 1.45
C PHE C 53 -33.25 -28.99 2.29
N GLY C 54 -34.11 -28.25 1.59
CA GLY C 54 -35.08 -27.41 2.26
C GLY C 54 -36.16 -28.23 2.93
N TYR C 55 -36.81 -27.64 3.94
CA TYR C 55 -37.84 -28.36 4.64
C TYR C 55 -39.21 -28.27 3.99
N LYS C 56 -39.76 -29.42 3.67
CA LYS C 56 -41.13 -29.57 3.23
C LYS C 56 -41.63 -30.95 3.62
N GLU C 57 -42.89 -31.02 4.03
CA GLU C 57 -43.50 -32.32 4.28
C GLU C 57 -44.04 -32.91 2.95
N TRP C 58 -43.24 -33.72 2.28
CA TRP C 58 -43.53 -34.29 0.97
C TRP C 58 -42.84 -35.65 0.86
N LYS C 59 -43.14 -36.39 -0.21
CA LYS C 59 -42.73 -37.78 -0.35
C LYS C 59 -41.35 -38.02 -0.97
N GLY C 60 -40.72 -36.99 -1.51
CA GLY C 60 -39.42 -37.13 -2.13
C GLY C 60 -39.52 -37.71 -3.52
N PRO C 61 -38.42 -38.23 -4.06
CA PRO C 61 -37.11 -38.36 -3.37
C PRO C 61 -36.31 -37.08 -3.33
N LEU C 62 -35.43 -36.98 -2.35
CA LEU C 62 -34.55 -35.83 -2.29
C LEU C 62 -33.41 -35.84 -3.32
N ILE C 63 -32.95 -37.04 -3.71
CA ILE C 63 -31.88 -37.16 -4.75
C ILE C 63 -32.20 -38.34 -5.65
N ARG C 64 -32.09 -38.12 -6.96
CA ARG C 64 -32.40 -39.17 -7.93
C ARG C 64 -31.23 -39.36 -8.88
N PHE C 65 -30.72 -40.58 -8.91
CA PHE C 65 -29.68 -40.95 -9.87
C PHE C 65 -30.30 -41.61 -11.10
N GLY C 66 -29.50 -41.71 -12.16
CA GLY C 66 -29.94 -42.42 -13.36
C GLY C 66 -28.78 -42.44 -14.31
N GLY C 67 -28.69 -43.49 -15.13
CA GLY C 67 -27.62 -43.61 -16.10
C GLY C 67 -26.82 -44.90 -16.04
N LYS C 68 -25.84 -44.98 -16.93
CA LYS C 68 -25.03 -46.17 -17.15
C LYS C 68 -23.54 -45.87 -17.06
N ASP C 69 -22.79 -46.84 -16.54
CA ASP C 69 -21.33 -46.74 -16.47
C ASP C 69 -20.90 -45.49 -15.71
N LEU C 70 -21.59 -45.18 -14.62
CA LEU C 70 -21.26 -43.99 -13.84
C LEU C 70 -20.29 -44.32 -12.72
N THR C 71 -19.58 -43.31 -12.28
CA THR C 71 -18.75 -43.44 -11.10
C THR C 71 -19.13 -42.30 -10.16
N VAL C 72 -19.61 -42.62 -8.97
CA VAL C 72 -20.07 -41.57 -8.07
C VAL C 72 -19.26 -41.56 -6.79
N THR C 73 -18.72 -40.40 -6.43
CA THR C 73 -17.88 -40.32 -5.27
C THR C 73 -18.02 -39.02 -4.48
N MET C 74 -17.23 -38.92 -3.42
CA MET C 74 -17.22 -37.75 -2.51
C MET C 74 -15.82 -37.19 -2.38
N ALA C 75 -15.72 -35.87 -2.38
CA ALA C 75 -14.48 -35.19 -2.10
C ALA C 75 -14.19 -35.27 -0.57
N ASP C 76 -12.95 -35.01 -0.18
CA ASP C 76 -12.59 -34.92 1.22
C ASP C 76 -13.56 -34.00 1.99
N GLY C 77 -14.04 -34.48 3.12
CA GLY C 77 -14.90 -33.69 3.96
C GLY C 77 -16.37 -33.62 3.58
N ALA C 78 -16.72 -34.10 2.40
CA ALA C 78 -18.08 -33.90 1.90
C ALA C 78 -19.07 -34.81 2.58
N VAL C 79 -20.29 -34.32 2.68
CA VAL C 79 -21.37 -35.08 3.32
C VAL C 79 -22.68 -34.73 2.67
N ILE C 80 -23.62 -35.68 2.63
CA ILE C 80 -24.98 -35.41 2.18
C ILE C 80 -25.83 -35.45 3.42
N ASP C 81 -26.30 -34.27 3.82
CA ASP C 81 -26.99 -34.07 5.09
C ASP C 81 -28.49 -33.84 4.90
N GLY C 82 -29.27 -34.84 5.31
CA GLY C 82 -30.69 -34.78 5.20
C GLY C 82 -31.30 -33.93 6.29
N ASP C 83 -30.55 -33.69 7.37
CA ASP C 83 -31.07 -32.96 8.54
C ASP C 83 -32.48 -33.47 8.89
N GLY C 84 -32.59 -34.81 8.95
CA GLY C 84 -33.86 -35.51 9.15
C GLY C 84 -34.64 -35.19 10.41
N SER C 85 -33.95 -34.67 11.42
CA SER C 85 -34.59 -34.35 12.70
C SER C 85 -35.70 -33.34 12.52
N ARG C 86 -35.63 -32.55 11.45
CA ARG C 86 -36.71 -31.63 11.14
C ARG C 86 -38.05 -32.39 10.98
N TRP C 87 -38.05 -33.59 10.41
CA TRP C 87 -39.22 -34.41 10.20
C TRP C 87 -39.45 -35.47 11.29
N TRP C 88 -38.40 -35.94 11.93
CA TRP C 88 -38.54 -37.07 12.84
C TRP C 88 -39.57 -36.77 13.92
N ASP C 89 -40.44 -37.73 14.17
CA ASP C 89 -41.56 -37.57 15.11
C ASP C 89 -41.91 -38.89 15.78
N SER C 90 -40.98 -39.84 15.74
CA SER C 90 -41.14 -41.19 16.29
C SER C 90 -42.09 -42.08 15.48
N LYS C 91 -42.69 -41.55 14.39
CA LYS C 91 -43.66 -42.32 13.62
C LYS C 91 -43.20 -42.74 12.23
N GLY C 92 -42.13 -42.12 11.74
CA GLY C 92 -41.54 -42.52 10.48
C GLY C 92 -42.55 -42.55 9.35
N THR C 93 -42.62 -43.66 8.63
CA THR C 93 -43.52 -43.80 7.49
C THR C 93 -44.93 -44.26 7.88
N ASN C 94 -45.16 -44.57 9.15
CA ASN C 94 -46.42 -45.14 9.56
C ASN C 94 -47.42 -44.09 10.04
N GLY C 95 -46.97 -42.86 10.24
CA GLY C 95 -47.85 -41.78 10.67
C GLY C 95 -47.14 -40.44 10.82
N GLY C 96 -47.82 -39.51 11.44
CA GLY C 96 -47.27 -38.17 11.67
C GLY C 96 -47.03 -37.45 10.36
N LYS C 97 -45.89 -36.74 10.29
CA LYS C 97 -45.57 -35.92 9.14
C LYS C 97 -45.31 -36.77 7.94
N THR C 98 -45.65 -36.25 6.77
CA THR C 98 -45.20 -36.86 5.50
C THR C 98 -43.71 -36.56 5.40
N LYS C 99 -42.92 -37.59 5.17
CA LYS C 99 -41.46 -37.50 5.18
C LYS C 99 -40.85 -38.02 3.89
N PRO C 100 -39.96 -37.23 3.29
CA PRO C 100 -39.45 -37.61 1.97
C PRO C 100 -38.44 -38.74 1.94
N LYS C 101 -38.60 -39.61 0.96
CA LYS C 101 -37.55 -40.60 0.68
C LYS C 101 -36.27 -39.82 0.32
N PHE C 102 -35.14 -40.45 0.53
CA PHE C 102 -33.84 -39.79 0.40
C PHE C 102 -33.18 -39.99 -0.94
N MET C 103 -32.53 -41.15 -1.14
CA MET C 103 -31.72 -41.34 -2.32
C MET C 103 -32.23 -42.48 -3.19
N TYR C 104 -32.63 -42.18 -4.42
CA TYR C 104 -33.06 -43.23 -5.34
C TYR C 104 -31.92 -43.61 -6.30
N ILE C 105 -31.45 -44.85 -6.19
CA ILE C 105 -30.47 -45.40 -7.13
C ILE C 105 -31.38 -46.31 -7.94
N HIS C 106 -32.12 -45.67 -8.85
CA HIS C 106 -33.10 -46.29 -9.75
C HIS C 106 -32.67 -46.04 -11.22
N ASP C 107 -32.96 -47.00 -12.10
CA ASP C 107 -32.62 -46.81 -13.52
C ASP C 107 -31.14 -46.57 -13.69
N VAL C 108 -30.35 -47.26 -12.87
CA VAL C 108 -28.90 -47.17 -12.94
C VAL C 108 -28.31 -48.53 -13.28
N GLU C 109 -27.40 -48.55 -14.25
CA GLU C 109 -26.73 -49.80 -14.62
C GLU C 109 -25.25 -49.65 -14.65
N ASP C 110 -24.57 -50.75 -14.35
CA ASP C 110 -23.12 -50.89 -14.55
C ASP C 110 -22.31 -49.74 -13.92
N SER C 111 -22.61 -49.40 -12.66
CA SER C 111 -22.05 -48.22 -12.06
C SER C 111 -21.48 -48.51 -10.69
N THR C 112 -20.60 -47.63 -10.24
CA THR C 112 -20.00 -47.78 -8.93
C THR C 112 -20.16 -46.47 -8.16
N PHE C 113 -20.61 -46.60 -6.93
CA PHE C 113 -20.73 -45.47 -6.00
C PHE C 113 -19.74 -45.80 -4.92
N LYS C 114 -18.85 -44.86 -4.62
CA LYS C 114 -17.75 -45.05 -3.71
C LYS C 114 -17.70 -44.00 -2.61
N GLY C 115 -17.73 -44.42 -1.36
CA GLY C 115 -17.49 -43.50 -0.26
C GLY C 115 -18.61 -42.55 0.04
N ILE C 116 -19.81 -42.88 -0.38
CA ILE C 116 -20.96 -42.00 -0.19
C ILE C 116 -21.24 -41.86 1.31
N ASN C 117 -21.23 -40.62 1.79
CA ASN C 117 -21.34 -40.30 3.21
C ASN C 117 -22.62 -39.50 3.44
N ILE C 118 -23.50 -40.10 4.25
CA ILE C 118 -24.89 -39.62 4.43
C ILE C 118 -25.11 -39.43 5.92
N LYS C 119 -25.89 -38.41 6.31
CA LYS C 119 -26.22 -38.14 7.68
C LYS C 119 -27.70 -37.77 7.75
N ASN C 120 -28.40 -38.40 8.69
CA ASN C 120 -29.73 -38.00 9.10
C ASN C 120 -30.76 -37.91 8.01
N THR C 121 -31.09 -39.05 7.43
CA THR C 121 -32.15 -39.11 6.44
C THR C 121 -33.53 -39.02 7.12
N PRO C 122 -34.49 -38.40 6.48
CA PRO C 122 -35.83 -38.28 7.06
C PRO C 122 -36.44 -39.61 7.40
N VAL C 123 -36.43 -40.54 6.43
CA VAL C 123 -36.91 -41.93 6.58
C VAL C 123 -35.86 -42.82 5.91
N GLN C 124 -36.26 -43.71 5.01
CA GLN C 124 -35.29 -44.60 4.38
C GLN C 124 -34.19 -43.83 3.63
N ALA C 125 -32.97 -44.38 3.66
CA ALA C 125 -31.80 -43.72 3.10
C ALA C 125 -31.61 -44.02 1.61
N ILE C 126 -31.42 -45.29 1.31
CA ILE C 126 -31.13 -45.63 -0.07
C ILE C 126 -32.13 -46.61 -0.63
N SER C 127 -32.83 -46.23 -1.71
CA SER C 127 -33.70 -47.15 -2.42
C SER C 127 -32.97 -47.60 -3.69
N VAL C 128 -32.71 -48.91 -3.79
CA VAL C 128 -31.92 -49.51 -4.88
C VAL C 128 -32.80 -50.33 -5.81
N GLN C 129 -32.90 -49.86 -7.06
CA GLN C 129 -33.61 -50.59 -8.13
C GLN C 129 -32.69 -50.46 -9.32
N ALA C 130 -31.76 -51.39 -9.43
CA ALA C 130 -30.67 -51.23 -10.38
C ALA C 130 -30.08 -52.55 -10.87
N THR C 131 -29.19 -52.44 -11.86
CA THR C 131 -28.52 -53.61 -12.41
C THR C 131 -27.03 -53.40 -12.42
N ASN C 132 -26.28 -54.38 -11.89
CA ASN C 132 -24.83 -54.42 -11.90
C ASN C 132 -24.23 -53.17 -11.29
N VAL C 133 -24.50 -52.95 -10.01
CA VAL C 133 -23.97 -51.78 -9.35
C VAL C 133 -23.18 -52.20 -8.14
N HIS C 134 -22.09 -51.50 -7.92
CA HIS C 134 -21.27 -51.65 -6.73
C HIS C 134 -21.44 -50.43 -5.81
N LEU C 135 -21.79 -50.68 -4.54
CA LEU C 135 -22.04 -49.61 -3.56
C LEU C 135 -21.04 -49.83 -2.45
N ASN C 136 -19.93 -49.12 -2.55
CA ASN C 136 -18.77 -49.36 -1.70
C ASN C 136 -18.50 -48.29 -0.67
N ASP C 137 -18.16 -48.69 0.54
CA ASP C 137 -17.80 -47.77 1.59
C ASP C 137 -18.80 -46.67 1.82
N PHE C 138 -20.10 -47.00 1.80
CA PHE C 138 -21.13 -46.05 2.19
C PHE C 138 -21.10 -45.92 3.69
N THR C 139 -21.35 -44.70 4.18
CA THR C 139 -21.55 -44.51 5.62
C THR C 139 -22.88 -43.80 5.76
N ILE C 140 -23.85 -44.42 6.41
CA ILE C 140 -25.18 -43.83 6.59
C ILE C 140 -25.37 -43.66 8.08
N ASP C 141 -25.17 -42.43 8.54
CA ASP C 141 -25.23 -42.16 9.94
C ASP C 141 -26.55 -41.47 10.35
N ASN C 142 -27.48 -42.29 10.81
CA ASN C 142 -28.75 -41.89 11.34
C ASN C 142 -28.80 -42.05 12.87
N SER C 143 -27.61 -42.08 13.49
CA SER C 143 -27.52 -42.30 14.97
C SER C 143 -28.24 -41.24 15.75
N ASP C 144 -28.29 -40.04 15.23
CA ASP C 144 -29.01 -38.94 15.89
C ASP C 144 -30.50 -39.27 16.03
N GLY C 145 -31.00 -40.16 15.19
CA GLY C 145 -32.39 -40.56 15.32
C GLY C 145 -32.71 -41.34 16.58
N ASP C 146 -31.71 -41.81 17.31
CA ASP C 146 -31.98 -42.62 18.51
C ASP C 146 -32.66 -41.78 19.56
N ASP C 147 -32.21 -40.54 19.70
CA ASP C 147 -32.72 -39.58 20.70
C ASP C 147 -33.62 -38.46 20.17
N ASN C 148 -33.83 -38.41 18.85
CA ASN C 148 -34.52 -37.33 18.23
C ASN C 148 -35.67 -37.84 17.36
N GLY C 149 -36.12 -39.10 17.58
CA GLY C 149 -37.37 -39.54 16.96
C GLY C 149 -37.27 -40.27 15.63
N GLY C 150 -36.08 -40.75 15.28
CA GLY C 150 -35.93 -41.42 14.00
C GLY C 150 -36.74 -42.72 13.99
N HIS C 151 -37.36 -43.05 12.86
CA HIS C 151 -38.11 -44.33 12.73
C HIS C 151 -38.21 -44.69 11.24
N ASN C 152 -38.09 -45.99 10.89
CA ASN C 152 -38.05 -46.38 9.46
C ASN C 152 -36.88 -45.71 8.67
N THR C 153 -35.74 -45.62 9.31
CA THR C 153 -34.53 -44.99 8.75
C THR C 153 -33.57 -46.01 8.13
N ASP C 154 -34.17 -46.98 7.41
CA ASP C 154 -33.44 -48.06 6.73
C ASP C 154 -32.20 -47.58 5.99
N GLY C 155 -31.16 -48.40 5.99
CA GLY C 155 -29.95 -48.15 5.21
C GLY C 155 -30.17 -48.35 3.73
N PHE C 156 -30.32 -49.61 3.30
CA PHE C 156 -30.55 -49.97 1.89
C PHE C 156 -31.82 -50.80 1.74
N ASP C 157 -32.78 -50.32 0.95
CA ASP C 157 -33.95 -51.09 0.62
C ASP C 157 -33.72 -51.47 -0.85
N ILE C 158 -33.71 -52.77 -1.11
CA ILE C 158 -33.40 -53.28 -2.44
C ILE C 158 -34.61 -54.01 -3.03
N SER C 159 -34.93 -53.70 -4.27
CA SER C 159 -36.01 -54.38 -4.98
C SER C 159 -35.76 -54.27 -6.47
N GLU C 160 -36.37 -55.17 -7.25
CA GLU C 160 -36.26 -55.10 -8.72
C GLU C 160 -34.82 -54.83 -9.23
N SER C 161 -33.88 -55.56 -8.65
CA SER C 161 -32.51 -55.39 -8.94
C SER C 161 -31.85 -56.71 -9.27
N THR C 162 -30.82 -56.62 -10.09
CA THR C 162 -29.97 -57.75 -10.42
C THR C 162 -28.51 -57.32 -10.36
N GLY C 163 -27.77 -57.94 -9.45
CA GLY C 163 -26.36 -57.68 -9.31
C GLY C 163 -26.13 -56.38 -8.56
N VAL C 164 -26.37 -56.45 -7.25
CA VAL C 164 -26.12 -55.32 -6.37
C VAL C 164 -25.12 -55.79 -5.34
N TYR C 165 -23.96 -55.14 -5.33
CA TYR C 165 -22.85 -55.56 -4.54
C TYR C 165 -22.48 -54.48 -3.55
N ILE C 166 -22.77 -54.73 -2.28
CA ILE C 166 -22.53 -53.72 -1.23
C ILE C 166 -21.33 -54.19 -0.39
N SER C 167 -20.37 -53.32 -0.24
CA SER C 167 -19.15 -53.66 0.49
C SER C 167 -18.79 -52.54 1.43
N GLY C 168 -18.38 -52.88 2.64
CA GLY C 168 -17.87 -51.89 3.55
C GLY C 168 -18.85 -50.83 4.05
N ALA C 169 -20.15 -51.17 4.05
CA ALA C 169 -21.17 -50.20 4.52
C ALA C 169 -21.14 -50.07 6.03
N THR C 170 -21.40 -48.87 6.50
CA THR C 170 -21.65 -48.61 7.91
C THR C 170 -23.01 -47.93 7.97
N VAL C 171 -23.91 -48.53 8.72
CA VAL C 171 -25.28 -48.03 8.88
C VAL C 171 -25.64 -47.99 10.33
N LYS C 172 -25.91 -46.77 10.83
CA LYS C 172 -26.29 -46.56 12.23
C LYS C 172 -27.69 -45.96 12.15
N ASN C 173 -28.70 -46.70 12.58
CA ASN C 173 -30.06 -46.27 12.32
C ASN C 173 -31.09 -46.85 13.26
N GLN C 174 -32.34 -46.79 12.87
CA GLN C 174 -33.44 -47.29 13.73
C GLN C 174 -34.29 -48.33 13.00
N ASP C 175 -33.81 -48.84 11.88
CA ASP C 175 -34.59 -49.85 11.16
C ASP C 175 -33.62 -50.76 10.44
N ASP C 176 -34.09 -51.50 9.42
CA ASP C 176 -33.22 -52.48 8.79
C ASP C 176 -31.93 -51.85 8.30
N CYS C 177 -30.82 -52.56 8.51
CA CYS C 177 -29.55 -52.21 7.92
C CYS C 177 -29.63 -52.36 6.41
N ILE C 178 -30.10 -53.53 5.98
CA ILE C 178 -30.53 -53.75 4.60
C ILE C 178 -31.87 -54.47 4.66
N ALA C 179 -32.72 -54.21 3.68
CA ALA C 179 -33.98 -54.94 3.52
C ALA C 179 -34.10 -55.28 2.05
N ILE C 180 -34.03 -56.58 1.73
CA ILE C 180 -34.14 -57.01 0.35
C ILE C 180 -35.57 -57.48 0.11
N ASN C 181 -36.37 -56.64 -0.53
CA ASN C 181 -37.76 -57.00 -0.81
C ASN C 181 -37.88 -57.89 -2.05
N SER C 182 -36.94 -57.72 -2.97
CA SER C 182 -36.84 -58.55 -4.16
C SER C 182 -35.51 -58.33 -4.78
N GLY C 183 -35.06 -59.32 -5.52
CA GLY C 183 -33.82 -59.16 -6.26
C GLY C 183 -33.04 -60.44 -6.51
N GLU C 184 -32.10 -60.36 -7.44
CA GLU C 184 -31.21 -61.47 -7.76
C GLU C 184 -29.74 -61.04 -7.72
N SER C 185 -28.90 -61.91 -7.19
CA SER C 185 -27.45 -61.71 -7.18
C SER C 185 -27.15 -60.43 -6.39
N ILE C 186 -27.44 -60.49 -5.11
CA ILE C 186 -27.24 -59.37 -4.20
C ILE C 186 -26.27 -59.82 -3.13
N SER C 187 -25.28 -58.97 -2.84
CA SER C 187 -24.29 -59.29 -1.83
C SER C 187 -24.04 -58.09 -0.91
N PHE C 188 -23.86 -58.38 0.36
CA PHE C 188 -23.52 -57.38 1.36
C PHE C 188 -22.38 -58.00 2.18
N THR C 189 -21.22 -57.36 2.17
CA THR C 189 -20.09 -57.91 2.90
C THR C 189 -19.30 -56.80 3.55
N GLY C 190 -18.63 -57.15 4.63
CA GLY C 190 -17.78 -56.22 5.31
C GLY C 190 -18.50 -55.08 5.93
N GLY C 191 -19.74 -55.30 6.38
CA GLY C 191 -20.58 -54.20 6.87
C GLY C 191 -20.58 -54.10 8.39
N THR C 192 -20.94 -52.91 8.85
CA THR C 192 -21.06 -52.60 10.24
C THR C 192 -22.46 -52.00 10.42
N CYS C 193 -23.34 -52.77 11.04
CA CYS C 193 -24.71 -52.35 11.25
C CYS C 193 -24.94 -52.10 12.71
N SER C 194 -25.49 -50.95 13.11
CA SER C 194 -25.78 -50.76 14.54
C SER C 194 -27.08 -49.99 14.76
N GLY C 195 -27.69 -50.25 15.89
CA GLY C 195 -28.92 -49.61 16.26
C GLY C 195 -30.24 -50.07 15.68
N GLY C 196 -30.24 -50.68 14.54
CA GLY C 196 -31.52 -50.85 13.86
C GLY C 196 -32.14 -52.24 14.03
N HIS C 197 -32.59 -52.76 12.92
CA HIS C 197 -33.32 -54.03 12.88
C HIS C 197 -32.58 -55.16 12.22
N GLY C 198 -31.35 -54.91 11.78
CA GLY C 198 -30.48 -55.97 11.28
C GLY C 198 -30.45 -56.18 9.77
N LEU C 199 -29.98 -57.35 9.36
CA LEU C 199 -29.76 -57.67 7.95
C LEU C 199 -30.91 -58.56 7.50
N SER C 200 -31.83 -57.94 6.77
CA SER C 200 -33.11 -58.57 6.46
C SER C 200 -33.36 -58.83 5.01
N ILE C 201 -33.78 -60.08 4.76
CA ILE C 201 -34.42 -60.42 3.50
C ILE C 201 -35.89 -60.19 3.77
N GLY C 202 -36.57 -59.41 2.92
CA GLY C 202 -37.97 -59.16 3.11
C GLY C 202 -38.29 -57.80 3.69
N SER C 203 -39.57 -57.48 3.91
CA SER C 203 -40.70 -58.37 3.65
C SER C 203 -40.83 -58.73 2.19
N VAL C 204 -41.18 -59.99 1.96
CA VAL C 204 -41.39 -60.48 0.64
C VAL C 204 -42.87 -60.77 0.47
N GLY C 205 -43.41 -60.31 -0.65
CA GLY C 205 -44.80 -60.55 -0.93
C GLY C 205 -45.63 -59.30 -1.21
N GLY C 206 -46.68 -59.50 -2.01
CA GLY C 206 -47.66 -58.46 -2.30
C GLY C 206 -47.16 -57.30 -3.11
N ARG C 207 -46.02 -57.45 -3.77
CA ARG C 207 -45.45 -56.39 -4.60
C ARG C 207 -45.46 -56.81 -6.07
N ASP C 208 -44.91 -55.97 -6.93
CA ASP C 208 -44.80 -56.34 -8.33
C ASP C 208 -43.77 -57.42 -8.45
N ASP C 209 -42.77 -57.40 -7.56
CA ASP C 209 -41.70 -58.38 -7.63
C ASP C 209 -41.57 -59.01 -6.24
N ASN C 210 -41.70 -60.33 -6.18
CA ASN C 210 -41.67 -61.04 -4.90
C ASN C 210 -40.69 -62.21 -4.93
N THR C 211 -39.69 -62.06 -5.75
CA THR C 211 -38.67 -63.08 -5.86
C THR C 211 -37.29 -62.59 -5.41
N VAL C 212 -36.72 -63.34 -4.47
CA VAL C 212 -35.38 -63.10 -3.97
C VAL C 212 -34.60 -64.37 -4.25
N LYS C 213 -33.48 -64.22 -4.94
CA LYS C 213 -32.65 -65.34 -5.31
C LYS C 213 -31.17 -64.99 -5.41
N ASN C 214 -30.32 -65.84 -4.86
CA ASN C 214 -28.85 -65.68 -4.96
C ASN C 214 -28.37 -64.46 -4.18
N VAL C 215 -28.47 -64.57 -2.86
CA VAL C 215 -28.08 -63.47 -1.94
C VAL C 215 -27.03 -63.98 -1.01
N THR C 216 -25.99 -63.19 -0.80
CA THR C 216 -24.92 -63.57 0.11
C THR C 216 -24.65 -62.41 1.04
N ILE C 217 -24.87 -62.61 2.33
CA ILE C 217 -24.66 -61.56 3.34
C ILE C 217 -23.57 -62.16 4.24
N SER C 218 -22.42 -61.51 4.29
CA SER C 218 -21.28 -62.10 4.96
C SER C 218 -20.34 -61.13 5.62
N ASP C 219 -19.49 -61.69 6.50
CA ASP C 219 -18.42 -60.94 7.12
C ASP C 219 -18.82 -59.54 7.58
N SER C 220 -19.86 -59.48 8.41
CA SER C 220 -20.45 -58.23 8.88
C SER C 220 -20.82 -58.33 10.35
N THR C 221 -20.90 -57.18 10.99
CA THR C 221 -21.33 -57.12 12.34
C THR C 221 -22.65 -56.43 12.51
N VAL C 222 -23.45 -56.89 13.46
CA VAL C 222 -24.70 -56.29 13.77
C VAL C 222 -24.69 -56.08 15.26
N SER C 223 -24.74 -54.81 15.68
CA SER C 223 -24.67 -54.48 17.10
C SER C 223 -25.84 -53.61 17.61
N ASN C 224 -26.25 -53.84 18.85
CA ASN C 224 -27.28 -53.02 19.46
C ASN C 224 -28.48 -52.86 18.50
N SER C 225 -28.98 -53.99 18.01
CA SER C 225 -30.03 -54.06 17.03
C SER C 225 -31.11 -55.07 17.50
N ALA C 226 -32.34 -54.90 17.03
CA ALA C 226 -33.43 -55.80 17.40
C ALA C 226 -33.18 -57.22 16.89
N ASN C 227 -32.63 -57.32 15.69
CA ASN C 227 -32.39 -58.61 15.03
C ASN C 227 -30.99 -58.69 14.44
N GLY C 228 -30.45 -59.90 14.30
CA GLY C 228 -29.20 -60.13 13.62
C GLY C 228 -29.44 -60.41 12.15
N VAL C 229 -29.89 -61.65 11.88
CA VAL C 229 -30.21 -62.19 10.56
C VAL C 229 -31.71 -62.35 10.51
N ARG C 230 -32.38 -61.86 9.47
CA ARG C 230 -33.79 -62.04 9.38
C ARG C 230 -34.30 -62.30 7.96
N ILE C 231 -35.24 -63.21 7.88
CA ILE C 231 -36.01 -63.38 6.67
C ILE C 231 -37.47 -63.29 7.03
N LYS C 232 -38.19 -62.38 6.36
CA LYS C 232 -39.61 -62.28 6.63
C LYS C 232 -40.47 -62.32 5.36
N THR C 233 -41.51 -63.15 5.36
CA THR C 233 -42.47 -63.18 4.25
C THR C 233 -43.89 -62.88 4.74
N ILE C 234 -44.70 -62.37 3.81
CA ILE C 234 -46.08 -61.95 4.10
C ILE C 234 -47.13 -63.07 3.99
N TYR C 235 -47.94 -63.15 5.03
CA TYR C 235 -49.02 -64.09 5.15
C TYR C 235 -49.96 -64.06 3.95
N LYS C 236 -50.20 -65.24 3.40
CA LYS C 236 -51.10 -65.44 2.26
C LYS C 236 -50.66 -64.83 0.96
N GLU C 237 -49.41 -64.38 0.85
CA GLU C 237 -48.91 -63.86 -0.41
C GLU C 237 -48.09 -64.92 -1.11
N THR C 238 -47.56 -64.58 -2.28
CA THR C 238 -46.83 -65.53 -3.08
C THR C 238 -45.52 -64.92 -3.54
N GLY C 239 -44.57 -65.78 -3.88
CA GLY C 239 -43.24 -65.37 -4.24
C GLY C 239 -42.28 -66.51 -3.99
N ASP C 240 -40.99 -66.21 -3.93
CA ASP C 240 -39.99 -67.25 -3.79
C ASP C 240 -38.73 -66.65 -3.20
N VAL C 241 -38.19 -67.28 -2.16
CA VAL C 241 -36.93 -66.88 -1.59
C VAL C 241 -36.00 -68.08 -1.68
N SER C 242 -34.90 -67.98 -2.42
CA SER C 242 -34.00 -69.12 -2.50
C SER C 242 -32.54 -68.75 -2.73
N GLU C 243 -31.65 -69.69 -2.44
CA GLU C 243 -30.23 -69.50 -2.62
C GLU C 243 -29.74 -68.28 -1.81
N ILE C 244 -29.89 -68.40 -0.50
CA ILE C 244 -29.53 -67.35 0.44
C ILE C 244 -28.41 -67.87 1.34
N THR C 245 -27.34 -67.11 1.46
CA THR C 245 -26.29 -67.48 2.37
C THR C 245 -26.00 -66.37 3.38
N TYR C 246 -25.98 -66.73 4.65
CA TYR C 246 -25.52 -65.83 5.71
C TYR C 246 -24.23 -66.49 6.24
N SER C 247 -23.08 -65.81 6.12
CA SER C 247 -21.78 -66.37 6.50
C SER C 247 -20.93 -65.40 7.36
N ASN C 248 -20.50 -65.87 8.53
CA ASN C 248 -19.58 -65.11 9.37
C ASN C 248 -20.21 -63.79 9.78
N ILE C 249 -21.36 -63.91 10.44
CA ILE C 249 -22.07 -62.75 10.99
C ILE C 249 -21.82 -62.72 12.49
N GLN C 250 -21.30 -61.59 12.96
CA GLN C 250 -21.02 -61.37 14.36
C GLN C 250 -22.02 -60.41 14.97
N LEU C 251 -22.64 -60.86 16.06
CA LEU C 251 -23.71 -60.16 16.73
C LEU C 251 -23.32 -59.70 18.13
N SER C 252 -23.87 -58.57 18.53
CA SER C 252 -23.70 -58.09 19.90
C SER C 252 -24.85 -57.20 20.30
N GLY C 253 -25.26 -57.27 21.55
CA GLY C 253 -26.35 -56.44 22.03
C GLY C 253 -27.68 -56.60 21.35
N ILE C 254 -27.94 -57.80 20.82
CA ILE C 254 -29.19 -58.08 20.15
C ILE C 254 -30.32 -58.18 21.15
N THR C 255 -31.42 -57.50 20.87
CA THR C 255 -32.50 -57.38 21.82
C THR C 255 -33.75 -58.22 21.57
N ASP C 256 -34.02 -58.63 20.31
CA ASP C 256 -35.21 -59.40 20.01
C ASP C 256 -34.94 -60.79 19.48
N TYR C 257 -34.22 -60.89 18.34
CA TYR C 257 -33.89 -62.20 17.73
C TYR C 257 -32.52 -62.25 17.18
N GLY C 258 -31.76 -63.32 17.48
CA GLY C 258 -30.47 -63.49 16.85
C GLY C 258 -30.67 -63.77 15.37
N ILE C 259 -31.40 -64.85 15.12
CA ILE C 259 -31.81 -65.27 13.78
C ILE C 259 -33.31 -65.45 13.81
N VAL C 260 -34.02 -64.84 12.86
CA VAL C 260 -35.46 -64.97 12.83
C VAL C 260 -35.90 -65.16 11.39
N ILE C 261 -36.63 -66.24 11.13
CA ILE C 261 -37.15 -66.52 9.78
C ILE C 261 -38.63 -66.86 9.97
N GLU C 262 -39.53 -66.01 9.48
CA GLU C 262 -40.92 -66.21 9.71
C GLU C 262 -41.78 -65.79 8.49
N GLN C 263 -42.85 -66.56 8.30
CA GLN C 263 -43.75 -66.46 7.15
C GLN C 263 -45.17 -65.98 7.51
N ASP C 264 -45.27 -65.21 8.60
CA ASP C 264 -46.55 -64.76 9.14
C ASP C 264 -46.75 -63.26 9.22
N TYR C 265 -46.07 -62.49 8.39
CA TYR C 265 -46.25 -61.04 8.47
C TYR C 265 -47.54 -60.56 7.82
N GLU C 266 -48.24 -59.69 8.53
CA GLU C 266 -49.44 -59.06 8.02
C GLU C 266 -49.52 -57.61 8.53
N ASN C 267 -49.60 -56.65 7.61
CA ASN C 267 -49.78 -55.25 8.00
C ASN C 267 -48.55 -54.73 8.75
N GLY C 268 -47.38 -55.33 8.43
CA GLY C 268 -46.13 -54.94 9.03
C GLY C 268 -45.83 -55.61 10.35
N SER C 269 -46.67 -56.53 10.80
CA SER C 269 -46.44 -57.20 12.09
C SER C 269 -46.74 -58.70 12.05
N PRO C 270 -46.02 -59.45 12.89
CA PRO C 270 -46.23 -60.89 12.98
C PRO C 270 -47.57 -61.23 13.55
N THR C 271 -48.23 -62.22 12.97
CA THR C 271 -49.53 -62.64 13.46
C THR C 271 -49.46 -63.96 14.22
N GLY C 272 -48.36 -64.68 14.09
CA GLY C 272 -48.24 -65.95 14.78
C GLY C 272 -48.63 -67.11 13.91
N THR C 273 -49.15 -66.81 12.72
CA THR C 273 -49.65 -67.84 11.82
C THR C 273 -49.01 -67.75 10.45
N PRO C 274 -48.15 -68.70 10.11
CA PRO C 274 -47.51 -68.68 8.80
C PRO C 274 -48.41 -69.21 7.69
N SER C 275 -47.99 -69.06 6.44
CA SER C 275 -48.64 -69.61 5.27
C SER C 275 -47.53 -70.20 4.39
N THR C 276 -47.92 -70.80 3.27
CA THR C 276 -46.96 -71.54 2.47
C THR C 276 -46.70 -71.09 1.04
N GLY C 277 -47.24 -69.94 0.67
CA GLY C 277 -47.14 -69.43 -0.70
C GLY C 277 -45.82 -68.81 -1.13
N ILE C 278 -44.91 -68.62 -0.16
CA ILE C 278 -43.57 -68.12 -0.48
C ILE C 278 -42.55 -69.06 0.12
N PRO C 279 -42.17 -70.07 -0.63
CA PRO C 279 -41.14 -70.99 -0.20
C PRO C 279 -39.83 -70.28 0.12
N ILE C 280 -39.19 -70.75 1.15
CA ILE C 280 -37.88 -70.29 1.56
C ILE C 280 -37.00 -71.56 1.52
N THR C 281 -36.24 -71.67 0.46
CA THR C 281 -35.36 -72.82 0.22
C THR C 281 -33.90 -72.54 -0.08
N ASP C 282 -33.07 -73.57 0.11
CA ASP C 282 -31.68 -73.49 -0.23
C ASP C 282 -31.09 -72.28 0.53
N VAL C 283 -31.33 -72.27 1.81
CA VAL C 283 -30.76 -71.30 2.75
C VAL C 283 -29.59 -71.93 3.48
N THR C 284 -28.45 -71.25 3.46
CA THR C 284 -27.25 -71.69 4.18
C THR C 284 -26.89 -70.67 5.23
N VAL C 285 -26.82 -71.13 6.46
CA VAL C 285 -26.33 -70.33 7.58
C VAL C 285 -25.01 -70.97 8.01
N ASP C 286 -23.93 -70.21 7.92
CA ASP C 286 -22.60 -70.74 8.21
C ASP C 286 -21.83 -69.72 9.03
N GLY C 287 -21.97 -69.79 10.34
CA GLY C 287 -21.21 -68.94 11.22
C GLY C 287 -22.00 -67.70 11.61
N VAL C 288 -22.74 -67.81 12.67
CA VAL C 288 -23.44 -66.70 13.26
C VAL C 288 -23.11 -66.75 14.74
N THR C 289 -22.31 -65.78 15.19
CA THR C 289 -21.87 -65.78 16.59
C THR C 289 -22.09 -64.44 17.26
N GLY C 290 -22.01 -64.47 18.59
CA GLY C 290 -22.02 -63.26 19.37
C GLY C 290 -22.97 -63.32 20.53
N THR C 291 -23.33 -62.15 21.02
CA THR C 291 -24.09 -62.02 22.24
C THR C 291 -25.47 -61.37 22.15
N LEU C 292 -26.38 -61.88 22.98
CA LEU C 292 -27.73 -61.40 23.09
C LEU C 292 -28.05 -60.85 24.46
N GLU C 293 -28.98 -59.90 24.51
CA GLU C 293 -29.49 -59.38 25.77
C GLU C 293 -30.48 -60.37 26.35
N ASP C 294 -30.81 -60.19 27.64
CA ASP C 294 -31.58 -61.15 28.42
C ASP C 294 -32.93 -61.56 27.89
N ASP C 295 -33.60 -60.64 27.20
CA ASP C 295 -34.92 -60.87 26.72
C ASP C 295 -34.93 -61.20 25.22
N ALA C 296 -33.77 -61.40 24.61
CA ALA C 296 -33.71 -61.74 23.20
C ALA C 296 -33.92 -63.26 23.02
N THR C 297 -34.43 -63.65 21.87
CA THR C 297 -34.59 -65.07 21.53
C THR C 297 -33.47 -65.40 20.57
N GLN C 298 -32.74 -66.51 20.80
CA GLN C 298 -31.61 -66.88 19.97
C GLN C 298 -31.97 -67.07 18.50
N VAL C 299 -32.91 -67.99 18.30
CA VAL C 299 -33.39 -68.42 16.99
C VAL C 299 -34.90 -68.63 17.04
N TYR C 300 -35.60 -68.06 16.06
CA TYR C 300 -37.03 -68.19 15.94
C TYR C 300 -37.34 -68.46 14.46
N ILE C 301 -37.89 -69.65 14.19
CA ILE C 301 -38.21 -70.10 12.86
C ILE C 301 -39.66 -70.47 12.85
N LEU C 302 -40.44 -69.71 12.07
CA LEU C 302 -41.89 -69.90 12.02
C LEU C 302 -42.27 -70.07 10.56
N CYS C 303 -42.24 -71.32 10.09
CA CYS C 303 -42.49 -71.66 8.69
C CYS C 303 -43.84 -72.36 8.59
N GLY C 304 -44.50 -72.19 7.45
CA GLY C 304 -45.72 -72.92 7.19
C GLY C 304 -45.34 -74.36 6.90
N ASP C 305 -46.35 -75.23 6.88
CA ASP C 305 -46.23 -76.67 6.66
C ASP C 305 -45.62 -76.93 5.31
N GLY C 306 -44.36 -77.37 5.26
CA GLY C 306 -43.67 -77.66 4.02
C GLY C 306 -43.06 -76.54 3.21
N SER C 307 -43.15 -75.29 3.66
CA SER C 307 -42.71 -74.16 2.83
C SER C 307 -41.24 -73.73 3.02
N CYS C 308 -40.52 -74.36 3.94
CA CYS C 308 -39.10 -74.08 4.14
C CYS C 308 -38.38 -75.41 3.97
N SER C 309 -37.44 -75.49 3.06
CA SER C 309 -36.73 -76.74 2.82
C SER C 309 -35.33 -76.59 2.24
N ASP C 310 -34.54 -77.65 2.36
CA ASP C 310 -33.17 -77.66 1.88
C ASP C 310 -32.35 -76.49 2.49
N TRP C 311 -32.23 -76.50 3.80
CA TRP C 311 -31.35 -75.57 4.52
C TRP C 311 -30.09 -76.29 4.96
N THR C 312 -29.02 -75.53 5.09
CA THR C 312 -27.74 -76.04 5.58
C THR C 312 -27.37 -75.07 6.68
N TRP C 313 -27.22 -75.58 7.88
CA TRP C 313 -27.13 -74.76 9.08
C TRP C 313 -25.94 -75.18 9.94
N SER C 314 -24.96 -74.30 10.13
CA SER C 314 -23.82 -74.65 10.97
C SER C 314 -23.20 -73.43 11.59
N GLY C 315 -22.38 -73.62 12.63
CA GLY C 315 -21.67 -72.50 13.23
C GLY C 315 -22.52 -71.47 13.94
N VAL C 316 -23.73 -71.83 14.37
CA VAL C 316 -24.58 -70.90 15.10
C VAL C 316 -24.24 -71.06 16.57
N ASP C 317 -23.52 -70.09 17.11
CA ASP C 317 -23.09 -70.14 18.51
C ASP C 317 -23.36 -68.81 19.20
N LEU C 318 -24.54 -68.72 19.78
CA LEU C 318 -24.98 -67.50 20.40
C LEU C 318 -24.97 -67.71 21.90
N SER C 319 -24.57 -66.65 22.62
CA SER C 319 -24.61 -66.68 24.05
C SER C 319 -25.53 -65.58 24.55
N GLY C 320 -26.32 -65.91 25.56
CA GLY C 320 -27.29 -65.00 26.11
C GLY C 320 -28.67 -65.24 25.53
N GLY C 321 -29.62 -64.56 26.12
CA GLY C 321 -30.98 -64.63 25.68
C GLY C 321 -31.63 -65.92 26.08
N LYS C 322 -32.64 -66.29 25.32
CA LYS C 322 -33.37 -67.50 25.61
C LYS C 322 -33.64 -68.30 24.34
N THR C 323 -33.98 -69.56 24.52
CA THR C 323 -34.23 -70.46 23.41
C THR C 323 -35.74 -70.49 23.16
N SER C 324 -36.17 -70.49 21.90
CA SER C 324 -37.60 -70.47 21.59
C SER C 324 -38.23 -71.83 21.76
N ASP C 325 -39.44 -71.86 22.30
CA ASP C 325 -40.25 -73.08 22.31
C ASP C 325 -41.51 -72.84 21.43
N LYS C 326 -41.37 -71.94 20.46
CA LYS C 326 -42.47 -71.55 19.58
C LYS C 326 -42.24 -71.78 18.08
N CYS C 327 -41.09 -72.35 17.74
CA CYS C 327 -40.76 -72.57 16.35
C CYS C 327 -41.69 -73.60 15.73
N GLU C 328 -41.96 -73.42 14.45
CA GLU C 328 -42.84 -74.32 13.69
C GLU C 328 -42.25 -74.74 12.36
N ASN C 329 -42.41 -76.03 12.03
CA ASN C 329 -42.02 -76.56 10.75
C ASN C 329 -40.59 -76.25 10.38
N VAL C 330 -39.69 -76.44 11.32
CA VAL C 330 -38.31 -76.10 11.00
C VAL C 330 -37.67 -77.13 10.09
N PRO C 331 -37.01 -76.69 9.04
CA PRO C 331 -36.31 -77.58 8.12
C PRO C 331 -35.27 -78.44 8.81
N SER C 332 -35.22 -79.66 8.33
CA SER C 332 -34.31 -80.66 8.83
C SER C 332 -32.89 -80.17 9.09
N GLY C 333 -32.26 -79.45 8.19
CA GLY C 333 -30.93 -78.98 8.59
C GLY C 333 -30.84 -78.17 9.93
N ALA C 334 -31.93 -77.52 10.27
CA ALA C 334 -31.87 -76.44 11.25
C ALA C 334 -32.40 -76.72 12.60
N SER C 335 -32.25 -75.72 13.47
CA SER C 335 -32.73 -75.84 14.80
C SER C 335 -32.86 -74.51 15.49
N CYS C 336 -33.84 -74.43 16.38
CA CYS C 336 -33.97 -73.28 17.25
C CYS C 336 -33.19 -73.53 18.54
N SER D 1 22.82 -29.56 30.93
CA SER D 1 22.37 -28.32 31.65
C SER D 1 21.60 -27.37 30.73
N THR D 2 20.77 -27.96 29.83
CA THR D 2 19.85 -27.28 28.91
C THR D 2 18.46 -26.81 29.37
N CYS D 3 18.27 -25.50 29.45
CA CYS D 3 17.01 -24.93 29.89
C CYS D 3 16.27 -24.28 28.76
N THR D 4 14.98 -24.54 28.65
CA THR D 4 14.17 -23.94 27.60
C THR D 4 13.18 -22.97 28.23
N PHE D 5 13.28 -21.67 27.92
CA PHE D 5 12.42 -20.68 28.51
C PHE D 5 11.41 -20.20 27.48
N THR D 6 10.14 -20.14 27.85
CA THR D 6 9.09 -19.67 26.95
C THR D 6 8.52 -18.31 27.35
N SER D 7 9.04 -17.72 28.41
CA SER D 7 8.64 -16.40 28.87
C SER D 7 9.85 -15.58 29.29
N ALA D 8 9.67 -14.26 29.29
CA ALA D 8 10.73 -13.38 29.71
C ALA D 8 11.03 -13.59 31.20
N SER D 9 9.98 -13.80 32.01
CA SER D 9 10.18 -14.00 33.44
C SER D 9 11.02 -15.25 33.70
N GLU D 10 10.78 -16.33 32.97
CA GLU D 10 11.54 -17.56 33.16
C GLU D 10 13.02 -17.30 32.94
N ALA D 11 13.33 -16.54 31.88
CA ALA D 11 14.70 -16.25 31.53
C ALA D 11 15.39 -15.42 32.59
N SER D 12 14.72 -14.38 33.06
CA SER D 12 15.30 -13.48 34.02
C SER D 12 15.56 -14.20 35.34
N GLU D 13 14.61 -15.05 35.71
CA GLU D 13 14.68 -15.79 36.97
C GLU D 13 15.71 -16.91 36.97
N SER D 14 15.90 -17.57 35.83
CA SER D 14 16.65 -18.82 35.80
C SER D 14 17.91 -18.90 34.96
N ILE D 15 18.14 -17.93 34.08
CA ILE D 15 19.28 -18.03 33.17
C ILE D 15 20.66 -18.25 33.84
N SER D 16 20.91 -17.60 34.97
CA SER D 16 22.19 -17.76 35.69
C SER D 16 22.45 -19.22 36.07
N SER D 17 21.42 -20.04 36.09
CA SER D 17 21.55 -21.45 36.51
C SER D 17 21.72 -22.44 35.35
N CYS D 18 21.86 -21.92 34.13
CA CYS D 18 21.93 -22.77 32.95
C CYS D 18 23.16 -22.47 32.10
N SER D 19 23.77 -23.51 31.54
CA SER D 19 24.94 -23.37 30.69
C SER D 19 24.51 -23.42 29.22
N ASP D 20 23.33 -23.98 28.97
CA ASP D 20 22.77 -24.07 27.64
C ASP D 20 21.33 -23.56 27.68
N VAL D 21 21.08 -22.44 26.99
CA VAL D 21 19.79 -21.78 27.08
C VAL D 21 19.10 -21.68 25.73
N VAL D 22 17.84 -22.06 25.70
CA VAL D 22 17.02 -21.91 24.49
C VAL D 22 15.88 -20.96 24.81
N LEU D 23 15.80 -19.88 24.03
CA LEU D 23 14.76 -18.89 24.17
C LEU D 23 13.68 -19.23 23.13
N SER D 24 12.61 -19.85 23.59
CA SER D 24 11.62 -20.42 22.67
C SER D 24 10.42 -19.51 22.42
N SER D 25 10.41 -18.85 21.25
CA SER D 25 9.28 -18.02 20.86
C SER D 25 8.74 -17.14 21.95
N ILE D 26 9.61 -16.41 22.63
CA ILE D 26 9.20 -15.52 23.68
C ILE D 26 8.48 -14.26 23.19
N GLU D 27 7.35 -13.96 23.82
CA GLU D 27 6.65 -12.70 23.62
C GLU D 27 6.89 -11.89 24.87
N VAL D 28 7.81 -10.95 24.76
CA VAL D 28 8.20 -10.15 25.89
C VAL D 28 7.04 -9.23 26.16
N PRO D 29 6.59 -9.12 27.42
CA PRO D 29 5.49 -8.20 27.72
C PRO D 29 5.80 -6.72 27.42
N ALA D 30 4.75 -5.99 27.07
CA ALA D 30 4.85 -4.56 26.79
C ALA D 30 5.54 -3.83 27.93
N GLY D 31 6.53 -2.99 27.61
CA GLY D 31 7.22 -2.21 28.63
C GLY D 31 8.26 -2.94 29.45
N GLU D 32 8.60 -4.16 29.04
CA GLU D 32 9.56 -4.96 29.79
C GLU D 32 10.77 -5.32 28.94
N THR D 33 11.89 -5.52 29.61
CA THR D 33 13.13 -5.96 28.98
C THR D 33 13.30 -7.47 29.06
N LEU D 34 13.62 -8.11 27.95
CA LEU D 34 14.06 -9.48 27.98
C LEU D 34 15.49 -9.43 28.59
N ASP D 35 15.59 -9.74 29.86
CA ASP D 35 16.82 -9.48 30.61
C ASP D 35 17.63 -10.73 30.73
N LEU D 36 18.65 -10.82 29.90
CA LEU D 36 19.56 -11.95 29.86
C LEU D 36 20.91 -11.61 30.51
N SER D 37 20.95 -10.54 31.28
CA SER D 37 22.23 -10.01 31.73
C SER D 37 22.92 -10.82 32.82
N ASP D 38 22.19 -11.75 33.40
CA ASP D 38 22.77 -12.57 34.45
C ASP D 38 23.14 -13.96 33.93
N ALA D 39 23.32 -14.06 32.61
CA ALA D 39 23.77 -15.30 31.98
C ALA D 39 25.06 -15.80 32.65
N ALA D 40 25.19 -17.12 32.78
CA ALA D 40 26.38 -17.70 33.41
C ALA D 40 27.58 -17.66 32.48
N ASP D 41 28.76 -17.39 33.03
CA ASP D 41 29.97 -17.40 32.21
C ASP D 41 30.04 -18.69 31.39
N GLY D 42 30.45 -18.60 30.12
CA GLY D 42 30.68 -19.73 29.22
C GLY D 42 29.43 -20.36 28.62
N SER D 43 28.29 -19.74 28.85
CA SER D 43 27.03 -20.34 28.43
C SER D 43 26.69 -20.08 26.96
N THR D 44 25.82 -20.93 26.40
CA THR D 44 25.28 -20.77 25.06
C THR D 44 23.82 -20.36 25.18
N ILE D 45 23.45 -19.37 24.40
CA ILE D 45 22.10 -18.86 24.39
C ILE D 45 21.66 -18.92 22.93
N THR D 46 20.54 -19.60 22.71
CA THR D 46 20.01 -19.80 21.38
C THR D 46 18.56 -19.28 21.28
N PHE D 47 18.33 -18.39 20.29
CA PHE D 47 17.01 -17.90 20.01
C PHE D 47 16.31 -18.82 19.04
N GLU D 48 15.09 -19.18 19.38
CA GLU D 48 14.30 -20.12 18.60
C GLU D 48 12.95 -19.49 18.25
N GLY D 49 12.44 -19.82 17.07
CA GLY D 49 11.18 -19.26 16.62
C GLY D 49 11.24 -17.76 16.45
N THR D 50 10.12 -17.12 16.71
CA THR D 50 9.98 -15.66 16.66
C THR D 50 9.95 -15.06 18.06
N THR D 51 10.93 -14.19 18.33
CA THR D 51 10.92 -13.42 19.56
C THR D 51 10.20 -12.13 19.24
N SER D 52 9.20 -11.79 20.06
CA SER D 52 8.39 -10.58 19.85
C SER D 52 8.21 -9.77 21.14
N PHE D 53 7.57 -8.60 21.03
CA PHE D 53 7.47 -7.67 22.13
C PHE D 53 6.14 -6.99 22.09
N GLY D 54 5.57 -6.81 23.28
CA GLY D 54 4.31 -6.09 23.42
C GLY D 54 4.57 -4.62 23.17
N TYR D 55 3.51 -3.89 22.84
CA TYR D 55 3.64 -2.50 22.48
C TYR D 55 3.44 -1.55 23.64
N LYS D 56 4.36 -0.62 23.75
CA LYS D 56 4.27 0.47 24.70
C LYS D 56 5.24 1.55 24.29
N GLU D 57 4.85 2.79 24.52
CA GLU D 57 5.74 3.93 24.33
C GLU D 57 6.66 3.99 25.55
N TRP D 58 7.89 3.50 25.39
CA TRP D 58 8.87 3.59 26.45
C TRP D 58 10.27 3.56 25.81
N LYS D 59 11.32 3.74 26.62
CA LYS D 59 12.70 3.86 26.12
C LYS D 59 13.51 2.57 25.94
N GLY D 60 12.95 1.45 26.39
CA GLY D 60 13.64 0.16 26.29
C GLY D 60 14.75 0.05 27.33
N PRO D 61 15.70 -0.86 27.17
CA PRO D 61 15.82 -1.75 26.02
C PRO D 61 14.89 -2.93 25.98
N LEU D 62 14.63 -3.39 24.78
CA LEU D 62 13.76 -4.57 24.62
C LEU D 62 14.50 -5.89 25.02
N ILE D 63 15.79 -5.91 24.77
CA ILE D 63 16.65 -7.05 25.12
C ILE D 63 17.97 -6.55 25.72
N ARG D 64 18.40 -7.17 26.81
CA ARG D 64 19.66 -6.82 27.45
C ARG D 64 20.53 -8.06 27.66
N PHE D 65 21.77 -8.03 27.15
CA PHE D 65 22.70 -9.11 27.37
C PHE D 65 23.66 -8.70 28.46
N GLY D 66 24.45 -9.68 28.91
CA GLY D 66 25.51 -9.46 29.85
C GLY D 66 26.18 -10.76 30.16
N GLY D 67 27.48 -10.69 30.48
CA GLY D 67 28.25 -11.87 30.83
C GLY D 67 29.52 -12.07 30.03
N LYS D 68 30.18 -13.20 30.29
CA LYS D 68 31.48 -13.46 29.75
C LYS D 68 31.58 -14.82 29.11
N ASP D 69 32.35 -14.89 28.03
CA ASP D 69 32.59 -16.14 27.31
C ASP D 69 31.30 -16.76 26.82
N LEU D 70 30.40 -15.94 26.29
CA LEU D 70 29.12 -16.41 25.81
C LEU D 70 29.18 -16.70 24.33
N THR D 71 28.30 -17.63 23.91
CA THR D 71 28.04 -17.89 22.53
C THR D 71 26.56 -17.69 22.36
N VAL D 72 26.19 -16.77 21.48
CA VAL D 72 24.82 -16.45 21.23
C VAL D 72 24.47 -16.72 19.76
N THR D 73 23.38 -17.44 19.54
CA THR D 73 23.06 -17.79 18.14
C THR D 73 21.58 -17.94 17.92
N MET D 74 21.20 -18.23 16.67
CA MET D 74 19.79 -18.38 16.29
C MET D 74 19.59 -19.82 15.81
N ALA D 75 18.45 -20.41 16.15
CA ALA D 75 18.12 -21.71 15.63
C ALA D 75 17.71 -21.51 14.18
N ASP D 76 17.62 -22.63 13.47
CA ASP D 76 17.20 -22.71 12.09
C ASP D 76 15.88 -21.92 11.91
N GLY D 77 15.89 -20.85 11.11
CA GLY D 77 14.71 -20.02 10.83
C GLY D 77 14.20 -19.06 11.89
N ALA D 78 14.97 -18.82 12.95
CA ALA D 78 14.50 -17.98 14.03
C ALA D 78 14.72 -16.53 13.70
N VAL D 79 13.94 -15.66 14.36
CA VAL D 79 14.06 -14.23 14.15
C VAL D 79 13.65 -13.44 15.37
N ILE D 80 14.27 -12.28 15.53
CA ILE D 80 13.87 -11.38 16.56
C ILE D 80 13.15 -10.22 15.85
N ASP D 81 11.86 -10.14 16.07
CA ASP D 81 11.00 -9.18 15.37
C ASP D 81 10.46 -8.08 16.27
N GLY D 82 10.94 -6.86 16.11
CA GLY D 82 10.47 -5.76 16.91
C GLY D 82 9.13 -5.17 16.53
N ASP D 83 8.65 -5.56 15.35
CA ASP D 83 7.42 -5.03 14.75
C ASP D 83 7.38 -3.54 14.96
N GLY D 84 8.48 -2.92 14.53
CA GLY D 84 8.68 -1.51 14.81
C GLY D 84 7.70 -0.54 14.17
N SER D 85 7.02 -1.00 13.15
CA SER D 85 6.02 -0.17 12.45
C SER D 85 4.96 0.34 13.42
N ARG D 86 4.76 -0.38 14.53
CA ARG D 86 3.84 0.10 15.56
C ARG D 86 4.20 1.46 16.17
N TRP D 87 5.50 1.78 16.19
CA TRP D 87 5.97 3.07 16.71
C TRP D 87 6.36 4.06 15.61
N TRP D 88 6.83 3.54 14.47
CA TRP D 88 7.42 4.36 13.39
C TRP D 88 6.46 5.47 13.01
N ASP D 89 6.99 6.68 12.86
CA ASP D 89 6.14 7.84 12.57
C ASP D 89 6.95 8.93 11.86
N SER D 90 8.01 8.49 11.18
CA SER D 90 8.96 9.31 10.47
C SER D 90 9.80 10.22 11.38
N LYS D 91 9.59 10.21 12.71
CA LYS D 91 10.36 11.10 13.59
C LYS D 91 11.43 10.44 14.48
N GLY D 92 11.40 9.11 14.55
CA GLY D 92 12.39 8.37 15.30
C GLY D 92 12.63 8.89 16.69
N THR D 93 13.90 9.14 17.00
CA THR D 93 14.26 9.60 18.33
C THR D 93 14.14 11.11 18.54
N ASN D 94 13.82 11.85 17.49
CA ASN D 94 13.81 13.30 17.62
C ASN D 94 12.41 13.82 17.84
N GLY D 95 11.46 12.91 17.85
CA GLY D 95 10.07 13.34 17.78
C GLY D 95 9.03 12.26 17.94
N GLY D 96 7.80 12.72 18.09
CA GLY D 96 6.64 11.87 18.09
C GLY D 96 6.62 10.88 19.23
N LYS D 97 6.25 9.65 18.91
CA LYS D 97 6.15 8.61 19.93
C LYS D 97 7.49 8.33 20.61
N THR D 98 7.41 7.89 21.86
CA THR D 98 8.60 7.44 22.58
C THR D 98 8.82 6.02 22.14
N LYS D 99 10.03 5.75 21.63
CA LYS D 99 10.31 4.50 21.00
C LYS D 99 11.49 3.78 21.69
N PRO D 100 11.34 2.50 21.95
CA PRO D 100 12.39 1.79 22.70
C PRO D 100 13.61 1.33 21.94
N LYS D 101 14.75 1.52 22.58
CA LYS D 101 16.01 0.92 22.15
C LYS D 101 15.79 -0.60 22.10
N PHE D 102 16.47 -1.28 21.18
CA PHE D 102 16.21 -2.69 20.90
C PHE D 102 17.11 -3.64 21.69
N MET D 103 18.35 -3.79 21.25
CA MET D 103 19.28 -4.70 21.88
C MET D 103 20.51 -4.06 22.49
N TYR D 104 20.70 -4.32 23.78
CA TYR D 104 21.88 -3.87 24.46
C TYR D 104 22.91 -5.00 24.59
N ILE D 105 24.03 -4.87 23.88
CA ILE D 105 25.17 -5.74 24.10
C ILE D 105 26.12 -4.93 24.98
N HIS D 106 25.74 -4.83 26.24
CA HIS D 106 26.49 -4.07 27.24
C HIS D 106 27.00 -5.03 28.33
N ASP D 107 28.15 -4.71 28.92
CA ASP D 107 28.72 -5.56 29.99
C ASP D 107 28.92 -7.00 29.56
N VAL D 108 29.34 -7.17 28.31
CA VAL D 108 29.64 -8.46 27.72
C VAL D 108 31.12 -8.45 27.35
N GLU D 109 31.80 -9.56 27.64
CA GLU D 109 33.21 -9.73 27.31
C GLU D 109 33.52 -11.10 26.74
N ASP D 110 34.54 -11.15 25.88
CA ASP D 110 35.04 -12.41 25.32
C ASP D 110 33.93 -13.29 24.84
N SER D 111 33.06 -12.74 24.00
CA SER D 111 31.90 -13.45 23.54
C SER D 111 31.72 -13.34 22.04
N THR D 112 31.01 -14.33 21.51
CA THR D 112 30.70 -14.38 20.08
C THR D 112 29.20 -14.47 19.83
N PHE D 113 28.69 -13.61 18.95
CA PHE D 113 27.29 -13.60 18.59
C PHE D 113 27.29 -13.92 17.12
N LYS D 114 26.56 -14.95 16.73
CA LYS D 114 26.59 -15.38 15.34
C LYS D 114 25.23 -15.63 14.73
N GLY D 115 25.07 -15.07 13.54
CA GLY D 115 23.87 -15.25 12.74
C GLY D 115 22.65 -14.57 13.30
N ILE D 116 22.84 -13.57 14.17
CA ILE D 116 21.71 -12.91 14.82
C ILE D 116 20.83 -12.30 13.75
N ASN D 117 19.54 -12.65 13.81
CA ASN D 117 18.61 -12.29 12.76
C ASN D 117 17.50 -11.38 13.30
N ILE D 118 17.53 -10.11 12.90
CA ILE D 118 16.69 -9.10 13.46
C ILE D 118 15.85 -8.42 12.38
N LYS D 119 14.61 -8.15 12.68
CA LYS D 119 13.76 -7.36 11.76
C LYS D 119 12.96 -6.31 12.50
N ASN D 120 12.85 -5.13 11.88
CA ASN D 120 11.98 -4.05 12.33
C ASN D 120 12.10 -3.55 13.76
N THR D 121 13.24 -2.96 14.07
CA THR D 121 13.49 -2.37 15.39
C THR D 121 12.77 -1.03 15.43
N PRO D 122 12.23 -0.63 16.58
CA PRO D 122 11.54 0.67 16.69
C PRO D 122 12.39 1.87 16.34
N VAL D 123 13.61 1.89 16.88
CA VAL D 123 14.61 2.89 16.57
C VAL D 123 15.94 2.12 16.41
N GLN D 124 16.97 2.50 17.15
CA GLN D 124 18.27 1.85 16.99
C GLN D 124 18.23 0.37 17.32
N ALA D 125 18.95 -0.41 16.51
CA ALA D 125 19.00 -1.85 16.63
C ALA D 125 19.97 -2.33 17.75
N ILE D 126 21.26 -2.18 17.53
CA ILE D 126 22.28 -2.73 18.46
C ILE D 126 23.14 -1.65 19.11
N SER D 127 23.14 -1.60 20.43
CA SER D 127 24.01 -0.75 21.19
C SER D 127 25.11 -1.63 21.81
N VAL D 128 26.37 -1.37 21.45
CA VAL D 128 27.49 -2.20 21.86
C VAL D 128 28.34 -1.39 22.80
N GLN D 129 28.45 -1.88 24.03
CA GLN D 129 29.41 -1.35 25.00
C GLN D 129 30.07 -2.63 25.53
N ALA D 130 31.19 -2.98 24.93
CA ALA D 130 31.73 -4.32 25.20
C ALA D 130 33.22 -4.44 24.97
N THR D 131 33.76 -5.58 25.39
CA THR D 131 35.18 -5.88 25.27
C THR D 131 35.44 -7.27 24.65
N ASN D 132 36.17 -7.29 23.56
CA ASN D 132 36.56 -8.54 22.89
C ASN D 132 35.34 -9.37 22.47
N VAL D 133 34.52 -8.80 21.61
CA VAL D 133 33.33 -9.49 21.12
C VAL D 133 33.35 -9.55 19.61
N HIS D 134 32.89 -10.68 19.08
CA HIS D 134 32.75 -10.91 17.65
C HIS D 134 31.28 -10.95 17.34
N LEU D 135 30.85 -10.13 16.38
CA LEU D 135 29.47 -10.05 15.97
C LEU D 135 29.45 -10.43 14.49
N ASN D 136 29.15 -11.70 14.26
CA ASN D 136 29.28 -12.33 12.95
C ASN D 136 27.97 -12.66 12.25
N ASP D 137 27.91 -12.31 10.98
CA ASP D 137 26.79 -12.60 10.12
C ASP D 137 25.44 -12.12 10.66
N PHE D 138 25.41 -10.93 11.22
CA PHE D 138 24.16 -10.34 11.65
C PHE D 138 23.35 -9.89 10.46
N THR D 139 22.03 -10.00 10.58
CA THR D 139 21.13 -9.39 9.62
C THR D 139 20.21 -8.49 10.37
N ILE D 140 20.27 -7.19 10.07
CA ILE D 140 19.40 -6.23 10.67
C ILE D 140 18.48 -5.65 9.57
N ASP D 141 17.32 -6.25 9.45
CA ASP D 141 16.40 -5.88 8.37
C ASP D 141 15.32 -4.93 8.79
N ASN D 142 15.61 -3.64 8.57
CA ASN D 142 14.66 -2.60 8.82
C ASN D 142 14.14 -1.98 7.51
N SER D 143 14.21 -2.74 6.44
CA SER D 143 13.81 -2.28 5.12
C SER D 143 12.34 -1.88 5.08
N ASP D 144 11.50 -2.50 5.90
CA ASP D 144 10.10 -2.11 6.00
C ASP D 144 9.94 -0.67 6.45
N GLY D 145 10.97 -0.14 7.09
CA GLY D 145 10.96 1.24 7.56
C GLY D 145 10.94 2.25 6.44
N ASP D 146 11.31 1.83 5.25
CA ASP D 146 11.36 2.73 4.07
C ASP D 146 9.99 3.35 3.74
N ASP D 147 8.96 2.52 3.77
CA ASP D 147 7.56 2.90 3.46
C ASP D 147 6.68 3.04 4.68
N ASN D 148 7.16 2.62 5.86
CA ASN D 148 6.36 2.68 7.07
C ASN D 148 6.85 3.66 8.16
N GLY D 149 7.74 4.60 7.79
CA GLY D 149 8.14 5.67 8.68
C GLY D 149 9.34 5.47 9.60
N GLY D 150 10.18 4.53 9.24
CA GLY D 150 11.42 4.22 9.99
C GLY D 150 12.36 5.41 9.98
N HIS D 151 12.90 5.75 11.14
CA HIS D 151 13.89 6.83 11.27
C HIS D 151 14.80 6.53 12.46
N ASN D 152 16.09 6.87 12.39
CA ASN D 152 17.03 6.58 13.49
C ASN D 152 17.05 5.10 13.80
N THR D 153 16.99 4.29 12.75
CA THR D 153 17.02 2.84 12.87
C THR D 153 18.45 2.28 12.66
N ASP D 154 19.43 2.85 13.37
CA ASP D 154 20.84 2.53 13.24
C ASP D 154 21.07 1.06 13.37
N GLY D 155 22.08 0.58 12.69
CA GLY D 155 22.47 -0.80 12.79
C GLY D 155 23.23 -1.06 14.08
N PHE D 156 24.49 -0.63 14.14
CA PHE D 156 25.36 -0.78 15.32
C PHE D 156 25.83 0.57 15.83
N ASP D 157 25.49 0.90 17.08
CA ASP D 157 26.00 2.10 17.71
C ASP D 157 27.03 1.60 18.70
N ILE D 158 28.26 2.05 18.52
CA ILE D 158 29.33 1.58 19.38
C ILE D 158 29.87 2.69 20.25
N SER D 159 30.08 2.38 21.53
CA SER D 159 30.69 3.35 22.46
C SER D 159 31.32 2.55 23.61
N GLU D 160 32.25 3.13 24.34
CA GLU D 160 32.84 2.51 25.51
C GLU D 160 33.24 1.06 25.28
N SER D 161 33.89 0.78 24.15
CA SER D 161 34.18 -0.57 23.79
C SER D 161 35.62 -0.70 23.39
N THR D 162 36.11 -1.91 23.51
CA THR D 162 37.46 -2.26 23.13
C THR D 162 37.45 -3.64 22.54
N GLY D 163 37.86 -3.75 21.29
CA GLY D 163 37.92 -5.02 20.61
C GLY D 163 36.56 -5.51 20.19
N VAL D 164 35.98 -4.82 19.23
CA VAL D 164 34.70 -5.21 18.73
C VAL D 164 34.93 -5.53 17.27
N TYR D 165 34.61 -6.77 16.88
CA TYR D 165 34.88 -7.21 15.53
C TYR D 165 33.57 -7.61 14.88
N ILE D 166 33.15 -6.82 13.89
CA ILE D 166 31.93 -7.04 13.18
C ILE D 166 32.27 -7.54 11.81
N SER D 167 31.72 -8.70 11.49
CA SER D 167 31.98 -9.31 10.18
C SER D 167 30.72 -9.77 9.49
N GLY D 168 30.61 -9.53 8.17
CA GLY D 168 29.50 -10.05 7.41
C GLY D 168 28.09 -9.58 7.78
N ALA D 169 27.99 -8.38 8.35
CA ALA D 169 26.70 -7.83 8.68
C ALA D 169 25.97 -7.35 7.43
N THR D 170 24.67 -7.47 7.45
CA THR D 170 23.79 -6.86 6.47
C THR D 170 22.86 -5.97 7.24
N VAL D 171 22.86 -4.68 6.90
CA VAL D 171 22.01 -3.74 7.56
C VAL D 171 21.22 -2.95 6.54
N LYS D 172 19.90 -3.06 6.63
CA LYS D 172 18.98 -2.34 5.71
C LYS D 172 18.15 -1.44 6.58
N ASN D 173 18.37 -0.13 6.50
CA ASN D 173 17.77 0.76 7.47
C ASN D 173 17.58 2.20 6.97
N GLN D 174 17.39 3.13 7.91
CA GLN D 174 17.14 4.53 7.60
C GLN D 174 18.12 5.47 8.31
N ASP D 175 19.17 4.91 8.92
CA ASP D 175 20.17 5.75 9.55
C ASP D 175 21.55 5.05 9.44
N ASP D 176 22.50 5.39 10.28
CA ASP D 176 23.83 4.82 10.15
C ASP D 176 23.87 3.30 10.10
N CYS D 177 24.73 2.73 9.27
CA CYS D 177 24.93 1.32 9.23
C CYS D 177 25.66 0.96 10.53
N ILE D 178 26.73 1.71 10.80
CA ILE D 178 27.43 1.72 12.08
C ILE D 178 27.71 3.19 12.43
N ALA D 179 27.69 3.48 13.73
CA ALA D 179 28.06 4.79 14.24
C ALA D 179 29.00 4.50 15.44
N ILE D 180 30.26 4.89 15.32
CA ILE D 180 31.20 4.71 16.41
C ILE D 180 31.33 6.02 17.16
N ASN D 181 30.70 6.10 18.34
CA ASN D 181 30.76 7.33 19.12
C ASN D 181 32.02 7.36 19.97
N SER D 182 32.53 6.18 20.33
CA SER D 182 33.81 6.02 21.02
C SER D 182 34.22 4.57 20.95
N GLY D 183 35.50 4.33 21.13
CA GLY D 183 36.00 2.97 21.18
C GLY D 183 37.40 2.82 20.68
N GLU D 184 37.95 1.68 21.03
CA GLU D 184 39.28 1.32 20.58
C GLU D 184 39.28 -0.09 19.99
N SER D 185 40.03 -0.24 18.92
CA SER D 185 40.18 -1.52 18.20
C SER D 185 38.81 -2.05 17.79
N ILE D 186 38.23 -1.35 16.84
CA ILE D 186 36.94 -1.68 16.31
C ILE D 186 37.13 -2.02 14.83
N SER D 187 36.53 -3.11 14.39
CA SER D 187 36.66 -3.55 13.01
C SER D 187 35.30 -3.88 12.44
N PHE D 188 35.03 -3.42 11.21
CA PHE D 188 33.79 -3.72 10.54
C PHE D 188 34.20 -4.17 9.16
N THR D 189 33.92 -5.43 8.82
CA THR D 189 34.38 -5.93 7.52
C THR D 189 33.38 -6.83 6.84
N GLY D 190 33.43 -6.86 5.52
CA GLY D 190 32.52 -7.72 4.79
C GLY D 190 31.06 -7.33 4.93
N GLY D 191 30.78 -6.06 5.18
CA GLY D 191 29.41 -5.63 5.38
C GLY D 191 28.65 -5.21 4.15
N THR D 192 27.34 -5.27 4.29
CA THR D 192 26.43 -4.84 3.25
C THR D 192 25.48 -3.85 3.92
N CYS D 193 25.64 -2.58 3.57
CA CYS D 193 24.83 -1.53 4.10
C CYS D 193 23.91 -0.93 3.08
N SER D 194 22.63 -0.77 3.37
CA SER D 194 21.74 -0.15 2.39
C SER D 194 20.63 0.65 3.02
N GLY D 195 20.21 1.71 2.33
CA GLY D 195 19.11 2.54 2.78
C GLY D 195 19.36 3.70 3.69
N GLY D 196 20.44 3.63 4.42
CA GLY D 196 20.64 4.54 5.55
C GLY D 196 21.60 5.68 5.31
N HIS D 197 22.42 5.93 6.34
CA HIS D 197 23.39 7.03 6.31
C HIS D 197 24.85 6.61 6.23
N GLY D 198 25.13 5.34 6.02
CA GLY D 198 26.49 4.90 5.82
C GLY D 198 27.33 4.44 7.00
N LEU D 199 28.63 4.44 6.79
CA LEU D 199 29.61 3.89 7.69
C LEU D 199 30.29 5.07 8.42
N SER D 200 29.84 5.30 9.64
CA SER D 200 30.19 6.54 10.32
C SER D 200 31.00 6.36 11.60
N ILE D 201 32.00 7.23 11.71
CA ILE D 201 32.69 7.49 12.96
C ILE D 201 31.96 8.72 13.51
N GLY D 202 31.45 8.62 14.74
CA GLY D 202 30.79 9.74 15.36
C GLY D 202 29.28 9.61 15.33
N SER D 203 28.56 10.62 15.79
CA SER D 203 29.11 11.85 16.32
C SER D 203 30.11 11.64 17.49
N VAL D 204 31.19 12.42 17.50
CA VAL D 204 32.16 12.34 18.59
C VAL D 204 32.13 13.65 19.37
N GLY D 205 32.05 13.51 20.69
CA GLY D 205 32.07 14.66 21.57
C GLY D 205 30.90 14.71 22.56
N GLY D 206 31.13 15.37 23.70
CA GLY D 206 30.07 15.60 24.65
C GLY D 206 29.59 14.44 25.49
N ARG D 207 30.31 13.33 25.43
CA ARG D 207 29.95 12.11 26.13
C ARG D 207 30.97 11.82 27.20
N ASP D 208 30.78 10.72 27.92
CA ASP D 208 31.70 10.37 28.94
C ASP D 208 32.98 9.80 28.40
N ASP D 209 33.00 9.47 27.10
CA ASP D 209 34.15 8.92 26.40
C ASP D 209 34.07 9.53 24.98
N ASN D 210 35.09 10.30 24.59
CA ASN D 210 35.11 10.98 23.29
C ASN D 210 36.32 10.62 22.49
N THR D 211 36.84 9.41 22.74
CA THR D 211 38.01 8.91 22.06
C THR D 211 37.68 7.74 21.13
N VAL D 212 38.06 7.88 19.87
CA VAL D 212 37.97 6.81 18.90
C VAL D 212 39.41 6.57 18.39
N LYS D 213 39.88 5.33 18.50
CA LYS D 213 41.23 4.97 18.10
C LYS D 213 41.33 3.54 17.62
N ASN D 214 42.00 3.39 16.50
CA ASN D 214 42.28 2.11 15.88
C ASN D 214 41.02 1.48 15.39
N VAL D 215 40.50 2.02 14.28
CA VAL D 215 39.30 1.50 13.67
C VAL D 215 39.61 1.12 12.25
N THR D 216 39.13 -0.05 11.84
CA THR D 216 39.27 -0.50 10.45
C THR D 216 37.92 -0.86 9.87
N ILE D 217 37.54 -0.16 8.81
CA ILE D 217 36.26 -0.41 8.12
C ILE D 217 36.63 -0.75 6.70
N SER D 218 36.35 -2.01 6.32
CA SER D 218 36.88 -2.50 5.05
C SER D 218 36.00 -3.51 4.38
N ASP D 219 36.23 -3.67 3.07
CA ASP D 219 35.63 -4.72 2.26
C ASP D 219 34.14 -4.76 2.46
N SER D 220 33.50 -3.59 2.30
CA SER D 220 32.08 -3.39 2.54
C SER D 220 31.45 -2.58 1.44
N THR D 221 30.14 -2.71 1.27
CA THR D 221 29.40 -1.94 0.30
C THR D 221 28.40 -1.09 1.00
N VAL D 222 28.20 0.12 0.46
CA VAL D 222 27.14 1.01 0.89
C VAL D 222 26.30 1.43 -0.31
N SER D 223 25.00 1.12 -0.26
CA SER D 223 24.06 1.43 -1.35
C SER D 223 22.83 2.21 -0.95
N ASN D 224 22.36 3.09 -1.85
CA ASN D 224 21.16 3.84 -1.65
C ASN D 224 21.15 4.43 -0.26
N SER D 225 22.23 5.14 0.07
CA SER D 225 22.45 5.74 1.36
C SER D 225 22.86 7.19 1.23
N ALA D 226 22.62 7.97 2.27
CA ALA D 226 22.95 9.38 2.17
C ALA D 226 24.48 9.62 2.08
N ASN D 227 25.25 8.82 2.81
CA ASN D 227 26.70 8.92 2.82
C ASN D 227 27.36 7.60 2.65
N GLY D 228 28.55 7.61 2.12
CA GLY D 228 29.37 6.42 2.03
C GLY D 228 30.19 6.23 3.32
N VAL D 229 31.27 6.99 3.40
CA VAL D 229 32.26 7.01 4.50
C VAL D 229 32.05 8.34 5.24
N ARG D 230 31.87 8.32 6.54
CA ARG D 230 31.67 9.57 7.24
C ARG D 230 32.41 9.63 8.58
N ILE D 231 32.97 10.79 8.88
CA ILE D 231 33.50 11.07 10.22
C ILE D 231 32.88 12.40 10.63
N LYS D 232 32.18 12.44 11.76
CA LYS D 232 31.50 13.64 12.24
C LYS D 232 31.91 13.95 13.70
N THR D 233 32.33 15.17 13.98
CA THR D 233 32.67 15.56 15.35
C THR D 233 31.87 16.80 15.71
N ILE D 234 31.62 16.99 16.99
CA ILE D 234 30.73 18.07 17.48
C ILE D 234 31.47 19.38 17.76
N TYR D 235 30.89 20.48 17.24
CA TYR D 235 31.39 21.85 17.42
C TYR D 235 31.62 22.17 18.87
N LYS D 236 32.80 22.73 19.14
CA LYS D 236 33.24 23.21 20.45
C LYS D 236 33.32 22.15 21.54
N GLU D 237 33.47 20.90 21.12
CA GLU D 237 33.61 19.82 22.09
C GLU D 237 35.03 19.26 21.93
N THR D 238 35.39 18.31 22.79
CA THR D 238 36.73 17.76 22.79
C THR D 238 36.68 16.25 22.72
N GLY D 239 37.82 15.70 22.36
CA GLY D 239 37.92 14.28 22.09
C GLY D 239 39.10 14.07 21.18
N ASP D 240 39.17 12.88 20.60
CA ASP D 240 40.28 12.51 19.73
C ASP D 240 39.83 11.38 18.83
N VAL D 241 40.11 11.52 17.53
CA VAL D 241 39.78 10.49 16.53
C VAL D 241 41.09 10.19 15.81
N SER D 242 41.58 8.97 15.89
CA SER D 242 42.87 8.66 15.25
C SER D 242 43.01 7.21 14.88
N GLU D 243 43.93 6.96 13.94
CA GLU D 243 44.26 5.63 13.47
C GLU D 243 43.00 4.98 12.92
N ILE D 244 42.41 5.64 11.93
CA ILE D 244 41.22 5.20 11.26
C ILE D 244 41.55 4.78 9.85
N THR D 245 41.07 3.62 9.47
CA THR D 245 41.24 3.15 8.09
C THR D 245 39.94 2.73 7.43
N TYR D 246 39.70 3.27 6.24
CA TYR D 246 38.57 2.90 5.38
C TYR D 246 39.26 2.32 4.15
N SER D 247 39.04 1.04 3.85
CA SER D 247 39.70 0.35 2.75
C SER D 247 38.75 -0.50 1.97
N ASN D 248 38.79 -0.37 0.65
CA ASN D 248 37.95 -1.21 -0.22
C ASN D 248 36.46 -1.09 0.11
N ILE D 249 35.96 0.12 0.01
CA ILE D 249 34.58 0.41 0.25
C ILE D 249 34.02 0.75 -1.13
N GLN D 250 32.92 0.10 -1.47
CA GLN D 250 32.22 0.35 -2.71
C GLN D 250 30.86 0.98 -2.47
N LEU D 251 30.63 2.07 -3.19
CA LEU D 251 29.44 2.86 -3.05
C LEU D 251 28.53 2.83 -4.28
N SER D 252 27.23 2.89 -4.05
CA SER D 252 26.25 3.01 -5.13
C SER D 252 25.01 3.79 -4.75
N GLY D 253 24.53 4.65 -5.66
CA GLY D 253 23.34 5.44 -5.39
C GLY D 253 23.42 6.34 -4.17
N ILE D 254 24.62 6.85 -3.89
CA ILE D 254 24.82 7.76 -2.75
C ILE D 254 24.14 9.12 -3.03
N THR D 255 23.34 9.61 -2.09
CA THR D 255 22.53 10.82 -2.32
C THR D 255 23.02 12.12 -1.72
N ASP D 256 23.94 12.07 -0.76
CA ASP D 256 24.46 13.30 -0.16
C ASP D 256 26.00 13.46 -0.27
N TYR D 257 26.75 12.52 0.28
CA TYR D 257 28.21 12.64 0.30
C TYR D 257 28.85 11.28 0.10
N GLY D 258 29.80 11.19 -0.83
CA GLY D 258 30.59 9.99 -0.99
C GLY D 258 31.45 9.79 0.28
N ILE D 259 32.26 10.81 0.58
CA ILE D 259 33.14 10.79 1.75
C ILE D 259 32.91 12.14 2.39
N VAL D 260 32.51 12.17 3.65
CA VAL D 260 32.30 13.44 4.35
C VAL D 260 33.00 13.35 5.69
N ILE D 261 33.83 14.34 5.98
CA ILE D 261 34.48 14.40 7.27
C ILE D 261 34.30 15.84 7.73
N GLU D 262 33.60 16.07 8.83
CA GLU D 262 33.30 17.46 9.23
C GLU D 262 33.26 17.60 10.74
N GLN D 263 33.72 18.77 11.20
CA GLN D 263 33.91 19.00 12.63
C GLN D 263 32.94 20.08 13.15
N ASP D 264 31.78 20.17 12.50
CA ASP D 264 30.81 21.24 12.77
C ASP D 264 29.43 20.77 13.24
N TYR D 265 29.34 19.62 13.85
CA TYR D 265 28.03 19.20 14.36
C TYR D 265 27.60 19.85 15.66
N GLU D 266 26.33 20.23 15.74
CA GLU D 266 25.80 20.77 16.97
C GLU D 266 24.35 20.37 16.98
N ASN D 267 23.94 19.71 18.06
CA ASN D 267 22.55 19.33 18.20
C ASN D 267 22.07 18.45 17.06
N GLY D 268 22.98 17.63 16.54
CA GLY D 268 22.67 16.69 15.47
C GLY D 268 22.65 17.27 14.07
N SER D 269 23.01 18.53 13.93
CA SER D 269 23.01 19.18 12.61
C SER D 269 24.30 19.92 12.38
N PRO D 270 24.75 19.97 11.13
CA PRO D 270 25.93 20.73 10.78
C PRO D 270 25.72 22.23 10.87
N THR D 271 26.68 22.94 11.43
CA THR D 271 26.56 24.37 11.57
C THR D 271 27.17 25.09 10.41
N GLY D 272 28.09 24.43 9.70
CA GLY D 272 28.87 25.05 8.65
C GLY D 272 30.16 25.68 9.18
N THR D 273 30.34 25.72 10.50
CA THR D 273 31.58 26.24 11.12
C THR D 273 32.27 25.16 11.95
N PRO D 274 33.47 24.71 11.57
CA PRO D 274 34.13 23.67 12.34
C PRO D 274 34.89 24.26 13.54
N SER D 275 35.23 23.41 14.48
CA SER D 275 36.05 23.82 15.62
C SER D 275 37.25 22.84 15.65
N THR D 276 38.17 23.01 16.61
CA THR D 276 39.45 22.26 16.62
C THR D 276 39.77 21.39 17.86
N GLY D 277 38.81 21.20 18.73
CA GLY D 277 39.00 20.40 19.94
C GLY D 277 38.94 18.90 19.79
N ILE D 278 38.58 18.43 18.60
CA ILE D 278 38.57 16.99 18.37
C ILE D 278 39.48 16.72 17.18
N PRO D 279 40.78 16.54 17.41
CA PRO D 279 41.67 16.23 16.28
C PRO D 279 41.28 14.96 15.56
N ILE D 280 41.41 15.00 14.24
CA ILE D 280 41.18 13.82 13.39
C ILE D 280 42.49 13.55 12.67
N THR D 281 43.24 12.57 13.17
CA THR D 281 44.62 12.30 12.68
C THR D 281 44.86 10.86 12.29
N ASP D 282 45.85 10.63 11.44
CA ASP D 282 46.21 9.27 11.03
C ASP D 282 45.00 8.52 10.47
N VAL D 283 44.37 9.13 9.46
CA VAL D 283 43.26 8.58 8.73
C VAL D 283 43.80 8.12 7.40
N THR D 284 43.51 6.86 7.10
CA THR D 284 43.89 6.27 5.83
C THR D 284 42.63 5.93 5.05
N VAL D 285 42.52 6.47 3.86
CA VAL D 285 41.40 6.16 2.97
C VAL D 285 42.06 5.48 1.78
N ASP D 286 41.75 4.19 1.55
CA ASP D 286 42.45 3.43 0.53
C ASP D 286 41.48 2.60 -0.28
N GLY D 287 41.07 3.11 -1.44
CA GLY D 287 40.15 2.38 -2.28
C GLY D 287 38.70 2.61 -1.90
N VAL D 288 38.15 3.72 -2.34
CA VAL D 288 36.77 4.03 -2.12
C VAL D 288 36.25 4.36 -3.50
N THR D 289 35.33 3.53 -3.98
CA THR D 289 34.79 3.74 -5.33
C THR D 289 33.28 3.62 -5.42
N GLY D 290 32.73 4.09 -6.55
CA GLY D 290 31.31 3.98 -6.80
C GLY D 290 30.63 5.20 -7.35
N THR D 291 29.30 5.17 -7.26
CA THR D 291 28.41 6.11 -7.88
C THR D 291 27.58 6.94 -6.96
N LEU D 292 27.42 8.18 -7.39
CA LEU D 292 26.61 9.12 -6.67
C LEU D 292 25.51 9.66 -7.54
N GLU D 293 24.43 10.05 -6.90
CA GLU D 293 23.34 10.71 -7.59
C GLU D 293 23.77 12.13 -7.99
N ASP D 294 23.03 12.71 -8.93
CA ASP D 294 23.43 14.01 -9.47
C ASP D 294 23.67 15.15 -8.49
N ASP D 295 22.82 15.34 -7.48
CA ASP D 295 23.02 16.50 -6.59
C ASP D 295 23.81 16.12 -5.33
N ALA D 296 24.41 14.93 -5.34
CA ALA D 296 25.30 14.51 -4.26
C ALA D 296 26.67 15.15 -4.43
N THR D 297 27.43 15.20 -3.34
CA THR D 297 28.76 15.77 -3.39
C THR D 297 29.76 14.65 -3.19
N GLN D 298 30.79 14.57 -4.04
CA GLN D 298 31.75 13.50 -3.99
C GLN D 298 32.49 13.43 -2.65
N VAL D 299 33.16 14.51 -2.31
CA VAL D 299 33.97 14.60 -1.06
C VAL D 299 33.76 15.93 -0.41
N TYR D 300 33.46 15.95 0.89
CA TYR D 300 33.29 17.17 1.64
C TYR D 300 34.07 17.04 2.93
N ILE D 301 35.10 17.89 3.06
CA ILE D 301 35.98 17.89 4.23
C ILE D 301 35.92 19.28 4.83
N LEU D 302 35.40 19.37 6.05
CA LEU D 302 35.25 20.64 6.70
C LEU D 302 35.93 20.52 8.06
N CYS D 303 37.25 20.74 8.04
CA CYS D 303 38.09 20.68 9.23
C CYS D 303 38.37 22.06 9.84
N GLY D 304 38.47 22.09 11.15
CA GLY D 304 38.92 23.26 11.86
C GLY D 304 40.37 23.49 11.42
N ASP D 305 40.85 24.65 11.80
CA ASP D 305 42.12 25.18 11.44
C ASP D 305 43.24 24.39 12.13
N GLY D 306 43.87 23.47 11.44
CA GLY D 306 44.93 22.65 12.02
C GLY D 306 44.50 21.37 12.70
N SER D 307 43.20 21.07 12.70
CA SER D 307 42.69 20.00 13.53
C SER D 307 42.55 18.66 12.79
N CYS D 308 42.86 18.64 11.50
CA CYS D 308 42.94 17.39 10.79
C CYS D 308 44.34 17.26 10.17
N SER D 309 45.04 16.16 10.44
CA SER D 309 46.38 15.99 9.90
C SER D 309 46.86 14.54 9.77
N ASP D 310 47.89 14.35 8.94
CA ASP D 310 48.50 13.03 8.71
C ASP D 310 47.47 12.06 8.19
N TRP D 311 46.92 12.37 7.04
CA TRP D 311 45.99 11.49 6.33
C TRP D 311 46.70 10.89 5.14
N THR D 312 46.30 9.68 4.79
CA THR D 312 46.83 8.99 3.62
C THR D 312 45.63 8.65 2.77
N TRP D 313 45.62 9.11 1.53
CA TRP D 313 44.43 9.08 0.73
C TRP D 313 44.81 8.56 -0.62
N SER D 314 44.23 7.45 -1.02
CA SER D 314 44.54 6.89 -2.32
C SER D 314 43.39 6.04 -2.84
N GLY D 315 43.29 5.95 -4.16
CA GLY D 315 42.28 5.11 -4.75
C GLY D 315 40.85 5.56 -4.59
N VAL D 316 40.64 6.84 -4.37
CA VAL D 316 39.33 7.37 -4.29
C VAL D 316 38.94 7.62 -5.75
N ASP D 317 37.90 6.94 -6.23
CA ASP D 317 37.45 7.10 -7.62
C ASP D 317 35.94 7.04 -7.69
N LEU D 318 35.32 8.20 -7.55
CA LEU D 318 33.88 8.29 -7.50
C LEU D 318 33.40 8.84 -8.84
N SER D 319 32.23 8.38 -9.31
CA SER D 319 31.59 8.94 -10.52
C SER D 319 30.23 9.52 -10.16
N GLY D 320 29.84 10.59 -10.85
CA GLY D 320 28.59 11.26 -10.56
C GLY D 320 28.77 12.30 -9.46
N GLY D 321 27.74 13.08 -9.22
CA GLY D 321 27.77 14.06 -8.15
C GLY D 321 28.55 15.31 -8.53
N LYS D 322 28.62 16.22 -7.58
CA LYS D 322 29.29 17.50 -7.74
C LYS D 322 30.58 17.49 -6.95
N THR D 323 31.52 18.33 -7.38
CA THR D 323 32.72 18.65 -6.59
C THR D 323 32.46 19.78 -5.63
N SER D 324 32.86 19.58 -4.37
CA SER D 324 32.66 20.63 -3.41
C SER D 324 33.63 21.77 -3.64
N ASP D 325 33.12 22.99 -3.50
CA ASP D 325 33.96 24.18 -3.41
C ASP D 325 33.84 24.78 -1.99
N LYS D 326 33.44 23.96 -1.02
CA LYS D 326 33.24 24.44 0.34
C LYS D 326 34.12 23.79 1.40
N CYS D 327 35.07 22.98 0.96
CA CYS D 327 35.95 22.27 1.91
C CYS D 327 36.85 23.26 2.58
N GLU D 328 37.27 22.94 3.82
CA GLU D 328 38.10 23.85 4.60
C GLU D 328 39.18 23.08 5.33
N ASN D 329 40.39 23.63 5.30
CA ASN D 329 41.53 23.08 6.01
C ASN D 329 41.79 21.60 5.73
N VAL D 330 41.75 21.27 4.43
CA VAL D 330 41.91 19.88 4.02
C VAL D 330 43.35 19.45 4.21
N PRO D 331 43.59 18.36 4.92
CA PRO D 331 44.95 17.85 5.11
C PRO D 331 45.65 17.65 3.80
N SER D 332 46.92 17.97 3.82
CA SER D 332 47.66 18.06 2.57
C SER D 332 47.62 16.73 1.81
N GLY D 333 47.59 15.59 2.49
CA GLY D 333 47.47 14.33 1.73
C GLY D 333 46.11 13.98 1.08
N ALA D 334 45.11 14.82 1.26
CA ALA D 334 43.78 14.54 0.80
C ALA D 334 43.27 15.57 -0.20
N SER D 335 42.12 15.32 -0.76
CA SER D 335 41.54 16.30 -1.70
C SER D 335 40.03 16.15 -1.82
N CYS D 336 39.36 17.28 -2.01
CA CYS D 336 37.96 17.29 -2.34
C CYS D 336 37.77 17.21 -3.85
N SER E 1 -18.69 57.21 10.99
CA SER E 1 -17.87 57.44 9.76
C SER E 1 -18.54 56.92 8.51
N THR E 2 -18.31 57.62 7.42
CA THR E 2 -18.36 57.07 6.09
C THR E 2 -17.34 57.94 5.36
N CYS E 3 -16.05 57.67 5.63
CA CYS E 3 -14.98 58.42 4.98
C CYS E 3 -14.80 57.83 3.61
N THR E 4 -14.87 58.68 2.58
CA THR E 4 -14.71 58.20 1.23
C THR E 4 -13.42 58.79 0.72
N PHE E 5 -12.51 57.92 0.32
CA PHE E 5 -11.19 58.35 -0.14
C PHE E 5 -11.10 58.13 -1.64
N THR E 6 -10.64 59.14 -2.34
CA THR E 6 -10.44 59.04 -3.79
C THR E 6 -8.95 59.01 -4.17
N SER E 7 -8.09 59.00 -3.18
CA SER E 7 -6.65 58.96 -3.41
C SER E 7 -5.96 58.12 -2.38
N ALA E 8 -4.82 57.57 -2.76
CA ALA E 8 -4.03 56.78 -1.85
C ALA E 8 -3.52 57.60 -0.62
N SER E 9 -3.13 58.85 -0.87
CA SER E 9 -2.65 59.69 0.24
C SER E 9 -3.76 59.94 1.26
N GLU E 10 -4.98 60.22 0.79
CA GLU E 10 -6.12 60.41 1.69
C GLU E 10 -6.29 59.18 2.55
N ALA E 11 -6.31 58.02 1.92
CA ALA E 11 -6.49 56.79 2.67
C ALA E 11 -5.42 56.60 3.73
N SER E 12 -4.16 56.75 3.34
CA SER E 12 -3.06 56.52 4.25
C SER E 12 -3.12 57.50 5.43
N GLU E 13 -3.42 58.72 5.11
CA GLU E 13 -3.45 59.74 6.16
C GLU E 13 -4.61 59.64 7.11
N SER E 14 -5.75 59.17 6.61
CA SER E 14 -6.98 59.30 7.38
C SER E 14 -7.68 58.04 7.78
N ILE E 15 -7.24 56.90 7.27
CA ILE E 15 -7.99 55.68 7.56
C ILE E 15 -8.18 55.34 9.05
N SER E 16 -7.17 55.63 9.87
CA SER E 16 -7.19 55.28 11.29
C SER E 16 -8.32 55.96 12.06
N SER E 17 -8.82 57.06 11.52
CA SER E 17 -9.88 57.83 12.16
C SER E 17 -11.28 57.52 11.64
N CYS E 18 -11.39 56.45 10.86
CA CYS E 18 -12.66 56.05 10.26
C CYS E 18 -13.05 54.61 10.59
N SER E 19 -14.34 54.39 10.82
CA SER E 19 -14.84 53.04 11.09
C SER E 19 -15.55 52.45 9.86
N ASP E 20 -15.92 53.32 8.92
CA ASP E 20 -16.56 52.91 7.69
C ASP E 20 -15.85 53.64 6.55
N VAL E 21 -15.10 52.89 5.76
CA VAL E 21 -14.24 53.44 4.72
C VAL E 21 -14.64 52.99 3.32
N VAL E 22 -14.69 53.95 2.40
CA VAL E 22 -14.98 53.68 1.00
C VAL E 22 -13.77 54.12 0.19
N LEU E 23 -13.23 53.21 -0.62
CA LEU E 23 -12.10 53.48 -1.48
C LEU E 23 -12.66 53.62 -2.88
N SER E 24 -12.79 54.86 -3.34
CA SER E 24 -13.51 55.15 -4.55
C SER E 24 -12.60 55.37 -5.76
N SER E 25 -12.50 54.33 -6.59
CA SER E 25 -11.77 54.42 -7.87
C SER E 25 -10.36 55.04 -7.73
N ILE E 26 -9.62 54.57 -6.74
CA ILE E 26 -8.30 55.08 -6.45
C ILE E 26 -7.30 54.70 -7.55
N GLU E 27 -6.62 55.72 -8.08
CA GLU E 27 -5.51 55.48 -9.03
C GLU E 27 -4.25 55.65 -8.21
N VAL E 28 -3.69 54.53 -7.75
CA VAL E 28 -2.56 54.53 -6.86
C VAL E 28 -1.34 54.98 -7.63
N PRO E 29 -0.61 55.99 -7.12
CA PRO E 29 0.56 56.43 -7.88
C PRO E 29 1.61 55.34 -8.12
N ALA E 30 2.28 55.47 -9.26
CA ALA E 30 3.36 54.55 -9.55
C ALA E 30 4.39 54.47 -8.42
N GLY E 31 4.76 53.26 -8.06
CA GLY E 31 5.79 53.05 -7.10
C GLY E 31 5.36 53.16 -5.65
N GLU E 32 4.05 53.29 -5.43
CA GLU E 32 3.51 53.50 -4.08
C GLU E 32 2.57 52.39 -3.69
N THR E 33 2.52 52.16 -2.41
CA THR E 33 1.62 51.16 -1.84
C THR E 33 0.35 51.86 -1.41
N LEU E 34 -0.81 51.27 -1.73
CA LEU E 34 -2.09 51.73 -1.20
C LEU E 34 -2.07 51.14 0.20
N ASP E 35 -1.76 51.99 1.17
CA ASP E 35 -1.44 51.54 2.52
C ASP E 35 -2.62 51.70 3.45
N LEU E 36 -3.28 50.57 3.67
CA LEU E 36 -4.46 50.51 4.51
C LEU E 36 -4.12 49.95 5.89
N SER E 37 -2.84 49.74 6.18
CA SER E 37 -2.36 49.04 7.38
C SER E 37 -2.69 49.71 8.71
N ASP E 38 -3.01 50.99 8.67
CA ASP E 38 -3.40 51.68 9.91
C ASP E 38 -4.91 51.68 10.16
N ALA E 39 -5.62 50.80 9.48
CA ALA E 39 -7.07 50.71 9.66
C ALA E 39 -7.43 50.59 11.15
N ALA E 40 -8.55 51.21 11.55
CA ALA E 40 -9.07 51.11 12.91
C ALA E 40 -9.65 49.73 13.18
N ASP E 41 -9.36 49.20 14.35
CA ASP E 41 -9.91 47.92 14.73
C ASP E 41 -11.43 48.00 14.60
N GLY E 42 -12.00 46.94 14.06
CA GLY E 42 -13.45 46.83 13.87
C GLY E 42 -14.05 47.53 12.67
N SER E 43 -13.22 48.13 11.82
CA SER E 43 -13.77 48.90 10.70
C SER E 43 -14.18 48.05 9.49
N THR E 44 -14.99 48.66 8.63
CA THR E 44 -15.37 48.10 7.34
C THR E 44 -14.66 48.92 6.27
N ILE E 45 -14.16 48.24 5.26
CA ILE E 45 -13.46 48.86 4.15
C ILE E 45 -14.08 48.30 2.91
N THR E 46 -14.54 49.19 2.05
CA THR E 46 -15.20 48.81 0.81
C THR E 46 -14.56 49.47 -0.43
N PHE E 47 -14.20 48.65 -1.41
CA PHE E 47 -13.69 49.12 -2.68
C PHE E 47 -14.88 49.39 -3.60
N GLU E 48 -14.84 50.55 -4.23
CA GLU E 48 -15.77 50.94 -5.25
C GLU E 48 -15.06 51.26 -6.55
N GLY E 49 -15.79 51.06 -7.64
CA GLY E 49 -15.32 51.41 -8.94
C GLY E 49 -14.09 50.56 -9.30
N THR E 50 -13.14 51.19 -9.98
CA THR E 50 -11.94 50.50 -10.43
C THR E 50 -10.74 51.04 -9.70
N THR E 51 -10.01 50.16 -8.99
CA THR E 51 -8.75 50.52 -8.32
C THR E 51 -7.62 50.15 -9.31
N SER E 52 -6.74 51.09 -9.59
CA SER E 52 -5.65 50.88 -10.57
C SER E 52 -4.34 51.41 -9.98
N PHE E 53 -3.23 51.13 -10.65
CA PHE E 53 -1.89 51.42 -10.15
C PHE E 53 -1.00 51.96 -11.28
N GLY E 54 -0.16 52.93 -10.93
CA GLY E 54 0.79 53.44 -11.91
C GLY E 54 1.90 52.46 -12.24
N TYR E 55 2.47 52.61 -13.43
CA TYR E 55 3.61 51.72 -13.80
C TYR E 55 4.95 52.12 -13.24
N LYS E 56 5.58 51.17 -12.54
CA LYS E 56 6.96 51.29 -12.08
C LYS E 56 7.47 49.87 -11.90
N GLU E 57 8.73 49.65 -12.26
CA GLU E 57 9.39 48.37 -12.03
C GLU E 57 9.98 48.40 -10.62
N TRP E 58 9.19 47.86 -9.69
CA TRP E 58 9.52 47.84 -8.27
C TRP E 58 8.87 46.65 -7.63
N LYS E 59 9.25 46.41 -6.36
CA LYS E 59 8.91 45.18 -5.66
C LYS E 59 7.53 45.14 -4.97
N GLY E 60 6.85 46.27 -4.88
CA GLY E 60 5.57 46.37 -4.22
C GLY E 60 5.72 46.36 -2.70
N PRO E 61 4.64 46.08 -1.98
CA PRO E 61 3.35 45.65 -2.53
C PRO E 61 2.46 46.77 -3.00
N LEU E 62 1.55 46.45 -3.91
CA LEU E 62 0.65 47.47 -4.41
C LEU E 62 -0.45 47.83 -3.39
N ILE E 63 -0.87 46.86 -2.59
CA ILE E 63 -1.87 47.08 -1.54
C ILE E 63 -1.42 46.39 -0.27
N ARG E 64 -1.52 47.08 0.88
CA ARG E 64 -1.15 46.50 2.15
C ARG E 64 -2.28 46.69 3.15
N PHE E 65 -2.71 45.56 3.73
CA PHE E 65 -3.69 45.56 4.78
C PHE E 65 -3.00 45.39 6.13
N GLY E 66 -3.77 45.68 7.17
CA GLY E 66 -3.30 45.53 8.54
C GLY E 66 -4.45 45.87 9.47
N GLY E 67 -4.49 45.23 10.64
CA GLY E 67 -5.54 45.49 11.58
C GLY E 67 -6.29 44.27 12.09
N LYS E 68 -7.27 44.53 12.94
CA LYS E 68 -8.03 43.48 13.62
C LYS E 68 -9.55 43.71 13.52
N ASP E 69 -10.32 42.64 13.42
CA ASP E 69 -11.77 42.71 13.38
C ASP E 69 -12.30 43.52 12.20
N LEU E 70 -11.62 43.39 11.06
CA LEU E 70 -12.01 44.15 9.87
C LEU E 70 -12.96 43.34 9.02
N THR E 71 -13.73 44.04 8.20
CA THR E 71 -14.59 43.47 7.20
C THR E 71 -14.21 44.24 5.94
N VAL E 72 -13.74 43.49 4.94
CA VAL E 72 -13.27 44.07 3.69
C VAL E 72 -14.08 43.49 2.55
N THR E 73 -14.70 44.39 1.76
CA THR E 73 -15.59 43.98 0.71
C THR E 73 -15.54 44.91 -0.49
N MET E 74 -16.34 44.58 -1.48
CA MET E 74 -16.38 45.38 -2.68
C MET E 74 -17.79 45.61 -3.14
N ALA E 75 -18.04 46.82 -3.62
CA ALA E 75 -19.30 47.17 -4.25
C ALA E 75 -19.53 46.30 -5.49
N ASP E 76 -20.78 46.10 -5.85
CA ASP E 76 -21.13 45.29 -7.03
C ASP E 76 -20.52 45.84 -8.28
N GLY E 77 -19.74 45.01 -8.95
CA GLY E 77 -19.08 45.41 -10.18
C GLY E 77 -17.74 46.08 -10.00
N ALA E 78 -17.41 46.43 -8.78
CA ALA E 78 -16.06 46.99 -8.50
C ALA E 78 -14.97 45.95 -8.78
N VAL E 79 -13.80 46.44 -9.15
CA VAL E 79 -12.64 45.57 -9.47
C VAL E 79 -11.34 46.25 -9.09
N ILE E 80 -10.34 45.43 -8.78
CA ILE E 80 -8.99 45.95 -8.56
C ILE E 80 -8.23 45.35 -9.72
N ASP E 81 -7.77 46.22 -10.64
CA ASP E 81 -7.16 45.82 -11.88
C ASP E 81 -5.67 46.22 -11.83
N GLY E 82 -4.80 45.22 -11.76
CA GLY E 82 -3.40 45.47 -11.73
C GLY E 82 -2.79 45.83 -13.05
N ASP E 83 -3.54 45.62 -14.12
CA ASP E 83 -3.06 45.81 -15.48
C ASP E 83 -1.63 45.23 -15.62
N GLY E 84 -1.48 43.97 -15.18
CA GLY E 84 -0.17 43.32 -15.05
C GLY E 84 0.55 43.08 -16.37
N SER E 85 -0.19 43.17 -17.46
CA SER E 85 0.39 42.97 -18.81
C SER E 85 1.50 44.00 -19.06
N ARG E 86 1.45 45.15 -18.39
CA ARG E 86 2.51 46.15 -18.50
C ARG E 86 3.86 45.56 -18.12
N TRP E 87 3.87 44.69 -17.10
CA TRP E 87 5.09 44.06 -16.61
C TRP E 87 5.35 42.69 -17.24
N TRP E 88 4.29 41.96 -17.60
CA TRP E 88 4.45 40.57 -18.02
C TRP E 88 5.46 40.43 -19.15
N ASP E 89 6.36 39.49 -18.96
CA ASP E 89 7.47 39.26 -19.90
C ASP E 89 7.88 37.78 -20.04
N SER E 90 6.98 36.91 -19.64
CA SER E 90 7.18 35.46 -19.56
C SER E 90 8.16 34.97 -18.51
N LYS E 91 8.74 35.87 -17.71
CA LYS E 91 9.75 35.49 -16.70
C LYS E 91 9.31 35.67 -15.25
N GLY E 92 8.25 36.46 -15.05
CA GLY E 92 7.70 36.58 -13.71
C GLY E 92 8.73 37.00 -12.67
N THR E 93 8.84 36.23 -11.59
CA THR E 93 9.78 36.55 -10.53
C THR E 93 11.18 35.96 -10.73
N ASN E 94 11.38 35.20 -11.80
CA ASN E 94 12.66 34.51 -12.10
C ASN E 94 13.65 35.41 -12.87
N GLY E 95 13.15 36.51 -13.41
CA GLY E 95 13.97 37.37 -14.23
C GLY E 95 13.19 38.46 -14.95
N GLY E 96 13.86 39.13 -15.86
CA GLY E 96 13.26 40.20 -16.65
C GLY E 96 13.03 41.40 -15.73
N LYS E 97 11.91 42.06 -15.94
CA LYS E 97 11.54 43.23 -15.17
C LYS E 97 11.33 42.91 -13.71
N THR E 98 11.62 43.87 -12.86
CA THR E 98 11.21 43.79 -11.45
C THR E 98 9.71 44.08 -11.45
N LYS E 99 8.96 43.21 -10.80
CA LYS E 99 7.49 43.26 -10.80
C LYS E 99 6.92 43.28 -9.41
N PRO E 100 5.97 44.17 -9.15
CA PRO E 100 5.51 44.29 -7.76
C PRO E 100 4.53 43.26 -7.28
N LYS E 101 4.72 42.82 -6.04
CA LYS E 101 3.76 42.00 -5.34
C LYS E 101 2.47 42.80 -5.25
N PHE E 102 1.34 42.10 -5.18
CA PHE E 102 0.04 42.70 -5.32
C PHE E 102 -0.58 43.06 -3.96
N MET E 103 -1.19 42.07 -3.29
CA MET E 103 -1.93 42.33 -2.07
C MET E 103 -1.35 41.62 -0.85
N TYR E 104 -0.94 42.40 0.14
CA TYR E 104 -0.44 41.82 1.37
C TYR E 104 -1.53 41.86 2.41
N ILE E 105 -2.01 40.67 2.78
CA ILE E 105 -2.90 40.50 3.90
C ILE E 105 -1.95 40.00 4.98
N HIS E 106 -1.20 40.94 5.57
CA HIS E 106 -0.14 40.70 6.55
C HIS E 106 -0.52 41.47 7.81
N ASP E 107 -0.18 40.95 8.98
CA ASP E 107 -0.51 41.66 10.21
C ASP E 107 -1.99 41.95 10.33
N VAL E 108 -2.81 40.95 9.99
CA VAL E 108 -4.23 41.06 10.01
C VAL E 108 -4.72 39.90 10.84
N GLU E 109 -5.66 40.18 11.73
CA GLU E 109 -6.27 39.15 12.58
C GLU E 109 -7.77 39.29 12.69
N ASP E 110 -8.45 38.16 12.85
CA ASP E 110 -9.87 38.13 13.15
C ASP E 110 -10.71 38.94 12.16
N SER E 111 -10.43 38.75 10.87
CA SER E 111 -11.04 39.57 9.86
C SER E 111 -11.62 38.73 8.72
N THR E 112 -12.52 39.34 7.97
CA THR E 112 -13.18 38.70 6.86
C THR E 112 -13.08 39.59 5.61
N PHE E 113 -12.63 39.00 4.53
CA PHE E 113 -12.56 39.65 3.23
C PHE E 113 -13.59 38.92 2.36
N LYS E 114 -14.50 39.66 1.72
CA LYS E 114 -15.56 39.05 0.97
C LYS E 114 -15.73 39.66 -0.41
N GLY E 115 -15.77 38.79 -1.39
CA GLY E 115 -16.02 39.19 -2.76
C GLY E 115 -14.97 40.09 -3.32
N ILE E 116 -13.73 39.81 -2.95
CA ILE E 116 -12.63 40.60 -3.48
C ILE E 116 -12.40 40.16 -4.93
N ASN E 117 -12.54 41.12 -5.85
CA ASN E 117 -12.53 40.91 -7.30
C ASN E 117 -11.31 41.54 -7.93
N ILE E 118 -10.45 40.69 -8.47
CA ILE E 118 -9.12 41.11 -8.89
C ILE E 118 -8.86 40.69 -10.33
N LYS E 119 -8.19 41.54 -11.11
CA LYS E 119 -7.72 41.09 -12.37
C LYS E 119 -6.29 41.53 -12.67
N ASN E 120 -5.58 40.63 -13.33
CA ASN E 120 -4.28 40.95 -13.95
C ASN E 120 -3.23 41.49 -12.98
N THR E 121 -2.86 40.64 -12.02
CA THR E 121 -1.79 40.99 -11.10
C THR E 121 -0.43 40.89 -11.78
N PRO E 122 0.53 41.74 -11.43
CA PRO E 122 1.85 41.64 -12.08
C PRO E 122 2.54 40.29 -11.92
N VAL E 123 2.59 39.81 -10.69
CA VAL E 123 3.09 38.50 -10.31
C VAL E 123 2.07 37.88 -9.35
N GLN E 124 2.52 37.44 -8.18
CA GLN E 124 1.60 36.81 -7.21
C GLN E 124 0.50 37.75 -6.72
N ALA E 125 -0.69 37.19 -6.57
CA ALA E 125 -1.87 37.97 -6.24
C ALA E 125 -1.97 38.23 -4.72
N ILE E 126 -2.28 37.23 -3.94
CA ILE E 126 -2.52 37.46 -2.49
C ILE E 126 -1.43 36.79 -1.66
N SER E 127 -0.74 37.57 -0.82
CA SER E 127 0.23 37.03 0.12
C SER E 127 -0.43 37.08 1.51
N VAL E 128 -0.67 35.92 2.13
CA VAL E 128 -1.37 35.86 3.42
C VAL E 128 -0.39 35.49 4.56
N GLN E 129 -0.26 36.38 5.55
CA GLN E 129 0.52 36.12 6.76
C GLN E 129 -0.39 36.68 7.85
N ALA E 130 -1.29 35.84 8.35
CA ALA E 130 -2.41 36.33 9.11
C ALA E 130 -2.93 35.29 10.08
N THR E 131 -3.87 35.74 10.92
CA THR E 131 -4.47 34.87 11.96
C THR E 131 -5.96 34.98 11.99
N ASN E 132 -6.62 33.84 11.86
CA ASN E 132 -8.07 33.76 11.95
C ASN E 132 -8.76 34.67 10.95
N VAL E 133 -8.53 34.39 9.66
CA VAL E 133 -9.09 35.22 8.59
C VAL E 133 -9.88 34.34 7.63
N HIS E 134 -10.98 34.88 7.16
CA HIS E 134 -11.87 34.26 6.18
C HIS E 134 -11.76 35.06 4.88
N LEU E 135 -11.41 34.35 3.81
CA LEU E 135 -11.23 34.94 2.47
C LEU E 135 -12.27 34.27 1.56
N ASN E 136 -13.42 34.94 1.38
CA ASN E 136 -14.55 34.34 0.72
C ASN E 136 -14.91 34.98 -0.60
N ASP E 137 -15.26 34.15 -1.56
CA ASP E 137 -15.72 34.60 -2.86
C ASP E 137 -14.74 35.51 -3.58
N PHE E 138 -13.46 35.21 -3.46
CA PHE E 138 -12.44 35.94 -4.22
C PHE E 138 -12.48 35.51 -5.67
N THR E 139 -12.23 36.47 -6.56
CA THR E 139 -12.03 36.19 -7.96
C THR E 139 -10.68 36.78 -8.31
N ILE E 140 -9.77 35.91 -8.77
CA ILE E 140 -8.46 36.34 -9.18
C ILE E 140 -8.30 35.94 -10.64
N ASP E 141 -8.57 36.87 -11.52
CA ASP E 141 -8.61 36.55 -12.92
C ASP E 141 -7.34 37.06 -13.61
N ASN E 142 -6.39 36.16 -13.77
CA ASN E 142 -5.15 36.40 -14.47
C ASN E 142 -5.17 35.65 -15.82
N SER E 143 -6.36 35.32 -16.32
CA SER E 143 -6.46 34.57 -17.61
C SER E 143 -5.79 35.28 -18.78
N ASP E 144 -5.76 36.60 -18.76
CA ASP E 144 -5.06 37.38 -19.82
C ASP E 144 -3.56 37.03 -19.86
N GLY E 145 -3.01 36.52 -18.76
CA GLY E 145 -1.61 36.16 -18.72
C GLY E 145 -1.29 34.99 -19.64
N ASP E 146 -2.28 34.24 -20.07
CA ASP E 146 -1.92 33.08 -20.87
C ASP E 146 -1.28 33.46 -22.21
N ASP E 147 -1.76 34.55 -22.80
CA ASP E 147 -1.33 35.01 -24.12
C ASP E 147 -0.46 36.26 -24.05
N ASN E 148 -0.35 36.83 -22.86
CA ASN E 148 0.35 38.05 -22.68
C ASN E 148 1.55 37.96 -21.74
N GLY E 149 2.06 36.75 -21.44
CA GLY E 149 3.32 36.65 -20.75
C GLY E 149 3.27 36.51 -19.23
N GLY E 150 2.10 36.16 -18.69
CA GLY E 150 1.99 36.01 -17.25
C GLY E 150 2.83 34.86 -16.73
N HIS E 151 3.51 35.04 -15.59
CA HIS E 151 4.29 33.93 -15.02
C HIS E 151 4.40 34.18 -13.50
N ASN E 152 4.35 33.12 -12.69
CA ASN E 152 4.36 33.30 -11.23
C ASN E 152 3.18 34.18 -10.74
N THR E 153 2.03 34.01 -11.36
CA THR E 153 0.82 34.73 -11.02
C THR E 153 -0.07 33.96 -10.04
N ASP E 154 0.55 33.43 -8.97
CA ASP E 154 -0.13 32.65 -7.91
C ASP E 154 -1.37 33.32 -7.40
N GLY E 155 -2.36 32.52 -7.05
CA GLY E 155 -3.57 33.03 -6.42
C GLY E 155 -3.32 33.45 -4.98
N PHE E 156 -3.12 32.45 -4.11
CA PHE E 156 -2.87 32.67 -2.70
C PHE E 156 -1.58 32.01 -2.25
N ASP E 157 -0.67 32.80 -1.67
CA ASP E 157 0.57 32.30 -1.14
C ASP E 157 0.42 32.50 0.39
N ILE E 158 0.47 31.42 1.12
CA ILE E 158 0.21 31.43 2.55
C ILE E 158 1.50 31.00 3.32
N SER E 159 1.83 31.77 4.32
CA SER E 159 2.96 31.43 5.19
C SER E 159 2.73 32.10 6.52
N GLU E 160 3.38 31.59 7.57
CA GLU E 160 3.33 32.27 8.88
C GLU E 160 1.91 32.65 9.30
N SER E 161 0.97 31.74 9.09
CA SER E 161 -0.42 32.00 9.37
C SER E 161 -1.06 30.89 10.20
N THR E 162 -2.09 31.26 10.96
CA THR E 162 -2.89 30.31 11.73
C THR E 162 -4.36 30.63 11.59
N GLY E 163 -5.14 29.70 11.03
CA GLY E 163 -6.54 30.01 10.86
C GLY E 163 -6.81 30.84 9.59
N VAL E 164 -6.65 30.21 8.45
CA VAL E 164 -6.94 30.87 7.17
C VAL E 164 -7.95 30.02 6.44
N TYR E 165 -9.15 30.60 6.26
CA TYR E 165 -10.26 29.89 5.66
C TYR E 165 -10.64 30.52 4.32
N ILE E 166 -10.26 29.86 3.23
CA ILE E 166 -10.60 30.35 1.89
C ILE E 166 -11.77 29.54 1.38
N SER E 167 -12.79 30.26 0.93
CA SER E 167 -13.97 29.63 0.41
C SER E 167 -14.46 30.31 -0.87
N GLY E 168 -14.90 29.50 -1.81
CA GLY E 168 -15.47 30.02 -3.05
C GLY E 168 -14.53 30.83 -3.95
N ALA E 169 -13.23 30.55 -3.90
CA ALA E 169 -12.28 31.27 -4.73
C ALA E 169 -12.36 30.81 -6.18
N THR E 170 -12.18 31.73 -7.14
CA THR E 170 -12.01 31.36 -8.52
C THR E 170 -10.68 31.98 -8.93
N VAL E 171 -9.78 31.17 -9.42
CA VAL E 171 -8.42 31.61 -9.74
C VAL E 171 -8.11 31.06 -11.12
N LYS E 172 -7.82 31.97 -12.06
CA LYS E 172 -7.42 31.66 -13.41
C LYS E 172 -6.03 32.29 -13.56
N ASN E 173 -4.99 31.49 -13.71
CA ASN E 173 -3.64 32.02 -13.71
C ASN E 173 -2.60 31.15 -14.37
N GLN E 174 -1.33 31.39 -14.08
CA GLN E 174 -0.23 30.66 -14.69
C GLN E 174 0.66 29.99 -13.66
N ASP E 175 0.24 29.99 -12.39
CA ASP E 175 1.05 29.33 -11.38
C ASP E 175 0.11 28.73 -10.35
N ASP E 176 0.62 28.45 -9.16
CA ASP E 176 -0.20 27.79 -8.19
C ASP E 176 -1.53 28.50 -7.92
N CYS E 177 -2.62 27.75 -7.81
CA CYS E 177 -3.87 28.27 -7.33
C CYS E 177 -3.73 28.73 -5.88
N ILE E 178 -3.22 27.82 -5.05
CA ILE E 178 -2.79 28.16 -3.72
C ILE E 178 -1.43 27.49 -3.57
N ALA E 179 -0.56 28.12 -2.77
CA ALA E 179 0.71 27.55 -2.34
C ALA E 179 0.83 27.86 -0.86
N ILE E 180 0.85 26.80 -0.06
CA ILE E 180 1.02 26.93 1.38
C ILE E 180 2.49 26.60 1.70
N ASN E 181 3.30 27.62 2.00
CA ASN E 181 4.67 27.40 2.34
C ASN E 181 4.84 27.07 3.83
N SER E 182 3.95 27.59 4.65
CA SER E 182 3.89 27.25 6.08
C SER E 182 2.54 27.68 6.58
N GLY E 183 2.13 27.09 7.69
CA GLY E 183 0.93 27.52 8.36
C GLY E 183 0.21 26.41 9.07
N GLU E 184 -0.74 26.79 9.91
CA GLU E 184 -1.54 25.87 10.70
C GLU E 184 -3.01 26.22 10.58
N SER E 185 -3.86 25.19 10.40
CA SER E 185 -5.33 25.36 10.30
C SER E 185 -5.68 26.23 9.06
N ILE E 186 -5.40 25.66 7.92
CA ILE E 186 -5.64 26.34 6.63
C ILE E 186 -6.64 25.50 5.85
N SER E 187 -7.70 26.12 5.36
CA SER E 187 -8.71 25.43 4.58
C SER E 187 -8.95 26.20 3.27
N PHE E 188 -9.19 25.43 2.23
CA PHE E 188 -9.52 25.95 0.91
C PHE E 188 -10.61 25.02 0.43
N THR E 189 -11.81 25.57 0.28
CA THR E 189 -12.94 24.80 -0.13
C THR E 189 -13.79 25.53 -1.17
N GLY E 190 -14.50 24.77 -1.98
CA GLY E 190 -15.41 25.36 -2.95
C GLY E 190 -14.68 26.19 -4.02
N GLY E 191 -13.42 25.88 -4.28
CA GLY E 191 -12.63 26.63 -5.23
C GLY E 191 -12.73 26.15 -6.68
N THR E 192 -12.47 27.07 -7.59
CA THR E 192 -12.39 26.74 -9.02
C THR E 192 -11.07 27.26 -9.53
N CYS E 193 -10.15 26.34 -9.82
CA CYS E 193 -8.81 26.67 -10.24
C CYS E 193 -8.63 26.30 -11.70
N SER E 194 -8.12 27.24 -12.51
CA SER E 194 -7.80 26.91 -13.88
C SER E 194 -6.53 27.58 -14.34
N GLY E 195 -5.91 26.95 -15.33
CA GLY E 195 -4.71 27.43 -15.96
C GLY E 195 -3.37 27.20 -15.28
N GLY E 196 -3.36 27.07 -13.98
CA GLY E 196 -2.05 27.20 -13.34
C GLY E 196 -1.36 25.91 -13.01
N HIS E 197 -0.89 25.86 -11.78
CA HIS E 197 -0.11 24.75 -11.30
C HIS E 197 -0.83 23.95 -10.23
N GLY E 198 -2.08 24.30 -9.91
CA GLY E 198 -2.91 23.51 -9.00
C GLY E 198 -2.90 23.91 -7.53
N LEU E 199 -3.30 22.98 -6.67
CA LEU E 199 -3.46 23.20 -5.28
C LEU E 199 -2.26 22.63 -4.55
N SER E 200 -1.36 23.53 -4.14
CA SER E 200 -0.04 23.08 -3.67
C SER E 200 0.30 23.42 -2.22
N ILE E 201 0.99 22.47 -1.62
CA ILE E 201 1.67 22.70 -0.35
C ILE E 201 3.14 22.76 -0.72
N GLY E 202 3.86 23.80 -0.29
CA GLY E 202 5.27 23.98 -0.61
C GLY E 202 5.64 24.91 -1.76
N SER E 203 6.92 25.04 -2.10
CA SER E 203 8.03 24.27 -1.56
C SER E 203 8.19 24.56 -0.08
N VAL E 204 8.31 23.51 0.71
CA VAL E 204 8.46 23.64 2.14
C VAL E 204 9.96 23.48 2.44
N GLY E 205 10.49 24.37 3.26
CA GLY E 205 11.89 24.27 3.67
C GLY E 205 12.75 25.49 3.39
N GLY E 206 13.81 25.68 4.19
CA GLY E 206 14.72 26.80 3.99
C GLY E 206 14.17 28.19 4.32
N ARG E 207 13.01 28.27 4.93
CA ARG E 207 12.43 29.58 5.30
C ARG E 207 12.47 29.80 6.81
N ASP E 208 11.90 30.91 7.26
CA ASP E 208 11.81 31.18 8.68
C ASP E 208 10.83 30.22 9.33
N ASP E 209 9.80 29.82 8.59
CA ASP E 209 8.77 28.93 9.11
C ASP E 209 8.63 27.82 8.08
N ASN E 210 8.83 26.57 8.48
CA ASN E 210 8.80 25.40 7.59
C ASN E 210 7.85 24.30 8.05
N THR E 211 6.83 24.71 8.76
CA THR E 211 5.85 23.80 9.30
C THR E 211 4.48 24.06 8.75
N VAL E 212 3.90 23.01 8.19
CA VAL E 212 2.56 23.03 7.67
C VAL E 212 1.81 21.95 8.46
N LYS E 213 0.72 22.33 9.07
CA LYS E 213 -0.06 21.41 9.90
C LYS E 213 -1.53 21.76 9.90
N ASN E 214 -2.36 20.74 9.71
CA ASN E 214 -3.81 20.86 9.77
C ASN E 214 -4.34 21.67 8.58
N VAL E 215 -4.27 21.06 7.43
CA VAL E 215 -4.75 21.67 6.20
C VAL E 215 -5.84 20.80 5.58
N THR E 216 -6.91 21.46 5.17
CA THR E 216 -8.00 20.79 4.46
C THR E 216 -8.27 21.51 3.15
N ILE E 217 -8.13 20.80 2.06
CA ILE E 217 -8.39 21.28 0.70
C ILE E 217 -9.46 20.36 0.11
N SER E 218 -10.65 20.94 -0.09
CA SER E 218 -11.82 20.12 -0.43
C SER E 218 -12.80 20.75 -1.39
N ASP E 219 -13.61 19.91 -2.01
CA ASP E 219 -14.75 20.35 -2.78
C ASP E 219 -14.30 21.41 -3.80
N SER E 220 -13.27 21.10 -4.57
CA SER E 220 -12.68 22.07 -5.51
C SER E 220 -12.36 21.42 -6.83
N THR E 221 -12.29 22.20 -7.90
CA THR E 221 -11.91 21.71 -9.20
C THR E 221 -10.63 22.40 -9.66
N VAL E 222 -9.86 21.63 -10.41
CA VAL E 222 -8.63 22.11 -11.01
C VAL E 222 -8.69 21.71 -12.44
N SER E 223 -8.73 22.70 -13.35
CA SER E 223 -8.81 22.44 -14.78
C SER E 223 -7.70 23.09 -15.57
N ASN E 224 -7.26 22.41 -16.65
CA ASN E 224 -6.30 22.95 -17.58
C ASN E 224 -5.10 23.49 -16.80
N SER E 225 -4.52 22.63 -15.99
CA SER E 225 -3.46 23.00 -15.04
C SER E 225 -2.35 21.93 -15.13
N ALA E 226 -1.15 22.27 -14.70
CA ALA E 226 -0.03 21.34 -14.76
C ALA E 226 -0.22 20.21 -13.76
N ASN E 227 -0.69 20.58 -12.59
CA ASN E 227 -0.93 19.63 -11.53
C ASN E 227 -2.30 19.78 -10.90
N GLY E 228 -2.76 18.70 -10.25
CA GLY E 228 -3.98 18.71 -9.50
C GLY E 228 -3.71 19.04 -8.03
N VAL E 229 -3.22 18.04 -7.31
CA VAL E 229 -2.88 18.11 -5.89
C VAL E 229 -1.37 17.97 -5.82
N ARG E 230 -0.70 18.82 -5.05
CA ARG E 230 0.75 18.76 -5.00
C ARG E 230 1.33 19.06 -3.61
N ILE E 231 2.31 18.27 -3.20
CA ILE E 231 3.10 18.58 -1.99
C ILE E 231 4.58 18.55 -2.38
N LYS E 232 5.29 19.66 -2.14
CA LYS E 232 6.70 19.72 -2.50
C LYS E 232 7.54 20.16 -1.31
N THR E 233 8.64 19.45 -1.09
CA THR E 233 9.58 19.82 -0.03
C THR E 233 11.00 19.88 -0.61
N ILE E 234 11.83 20.70 0.02
CA ILE E 234 13.18 20.97 -0.47
C ILE E 234 14.28 20.04 0.02
N TYR E 235 15.11 19.60 -0.92
CA TYR E 235 16.25 18.76 -0.64
C TYR E 235 17.13 19.30 0.48
N LYS E 236 17.39 18.44 1.45
CA LYS E 236 18.27 18.72 2.58
C LYS E 236 17.82 19.84 3.49
N GLU E 237 16.54 20.18 3.45
CA GLU E 237 16.02 21.15 4.39
C GLU E 237 15.24 20.45 5.47
N THR E 238 14.84 21.20 6.47
CA THR E 238 14.07 20.63 7.57
C THR E 238 12.75 21.32 7.77
N GLY E 239 11.84 20.62 8.43
CA GLY E 239 10.50 21.11 8.67
C GLY E 239 9.55 19.95 8.90
N ASP E 240 8.24 20.18 8.75
CA ASP E 240 7.23 19.16 9.00
C ASP E 240 5.93 19.50 8.24
N VAL E 241 5.35 18.51 7.58
CA VAL E 241 4.07 18.65 6.92
C VAL E 241 3.22 17.50 7.46
N SER E 242 2.14 17.83 8.17
CA SER E 242 1.27 16.82 8.71
C SER E 242 -0.18 17.25 8.80
N GLU E 243 -1.06 16.24 8.88
CA GLU E 243 -2.48 16.43 9.06
C GLU E 243 -3.03 17.21 7.87
N ILE E 244 -2.86 16.63 6.70
CA ILE E 244 -3.31 17.24 5.46
C ILE E 244 -4.43 16.37 4.88
N THR E 245 -5.51 17.01 4.46
CA THR E 245 -6.60 16.29 3.86
C THR E 245 -6.97 16.87 2.50
N TYR E 246 -7.03 16.02 1.48
CA TYR E 246 -7.53 16.43 0.17
C TYR E 246 -8.83 15.60 0.00
N SER E 247 -9.94 16.28 -0.19
CA SER E 247 -11.23 15.60 -0.28
C SER E 247 -12.12 16.16 -1.40
N ASN E 248 -12.62 15.26 -2.21
CA ASN E 248 -13.51 15.63 -3.32
C ASN E 248 -12.91 16.72 -4.21
N ILE E 249 -11.82 16.37 -4.88
CA ILE E 249 -11.12 17.21 -5.84
C ILE E 249 -11.33 16.64 -7.21
N GLN E 250 -11.88 17.45 -8.10
CA GLN E 250 -12.11 17.01 -9.45
C GLN E 250 -11.19 17.72 -10.43
N LEU E 251 -10.58 16.92 -11.26
CA LEU E 251 -9.55 17.36 -12.17
C LEU E 251 -9.96 17.20 -13.61
N SER E 252 -9.49 18.11 -14.46
CA SER E 252 -9.67 17.97 -15.90
C SER E 252 -8.57 18.68 -16.65
N GLY E 253 -8.16 18.09 -17.77
CA GLY E 253 -7.15 18.66 -18.62
C GLY E 253 -5.82 18.87 -17.94
N ILE E 254 -5.51 17.99 -17.00
CA ILE E 254 -4.24 18.05 -16.29
C ILE E 254 -3.08 17.63 -17.18
N THR E 255 -2.01 18.41 -17.20
CA THR E 255 -0.94 18.15 -18.14
C THR E 255 0.34 17.52 -17.63
N ASP E 256 0.64 17.62 -16.32
CA ASP E 256 1.88 17.06 -15.78
C ASP E 256 1.62 16.01 -14.71
N TYR E 257 0.91 16.35 -13.65
CA TYR E 257 0.63 15.39 -12.58
C TYR E 257 -0.75 15.47 -12.00
N GLY E 258 -1.47 14.36 -11.82
CA GLY E 258 -2.69 14.45 -11.10
C GLY E 258 -2.44 14.74 -9.64
N ILE E 259 -1.69 13.84 -9.03
CA ILE E 259 -1.25 13.96 -7.63
C ILE E 259 0.27 13.83 -7.65
N VAL E 260 0.96 14.78 -7.03
CA VAL E 260 2.42 14.70 -6.97
C VAL E 260 2.87 15.15 -5.58
N ILE E 261 3.66 14.29 -4.93
CA ILE E 261 4.17 14.54 -3.59
C ILE E 261 5.64 14.17 -3.69
N GLU E 262 6.55 15.14 -3.55
CA GLU E 262 7.98 14.84 -3.74
C GLU E 262 8.83 15.67 -2.80
N GLN E 263 9.96 15.08 -2.38
CA GLN E 263 10.83 15.66 -1.39
C GLN E 263 12.22 16.02 -1.97
N ASP E 264 12.27 16.33 -3.27
CA ASP E 264 13.54 16.47 -3.99
C ASP E 264 13.76 17.82 -4.67
N TYR E 265 13.07 18.85 -4.20
CA TYR E 265 13.23 20.18 -4.80
C TYR E 265 14.53 20.88 -4.43
N GLU E 266 15.19 21.49 -5.42
CA GLU E 266 16.35 22.33 -5.17
C GLU E 266 16.32 23.44 -6.22
N ASN E 267 16.45 24.69 -5.79
CA ASN E 267 16.44 25.81 -6.72
C ASN E 267 15.14 25.92 -7.51
N GLY E 268 14.04 25.44 -6.92
CA GLY E 268 12.74 25.52 -7.56
C GLY E 268 12.47 24.48 -8.62
N SER E 269 13.26 23.43 -8.68
CA SER E 269 13.08 22.38 -9.69
C SER E 269 13.41 21.02 -9.07
N PRO E 270 12.78 19.95 -9.54
CA PRO E 270 13.05 18.61 -9.02
C PRO E 270 14.40 18.10 -9.44
N THR E 271 15.03 17.36 -8.56
CA THR E 271 16.32 16.79 -8.89
C THR E 271 16.30 15.31 -9.00
N GLY E 272 15.22 14.66 -8.58
CA GLY E 272 15.11 13.22 -8.67
C GLY E 272 15.61 12.49 -7.44
N THR E 273 16.20 13.22 -6.50
CA THR E 273 16.74 12.62 -5.27
C THR E 273 16.10 13.25 -4.03
N PRO E 274 15.29 12.52 -3.29
CA PRO E 274 14.67 13.11 -2.10
C PRO E 274 15.59 13.04 -0.90
N SER E 275 15.21 13.72 0.17
CA SER E 275 15.89 13.65 1.44
C SER E 275 14.80 13.46 2.51
N THR E 276 15.19 13.34 3.76
CA THR E 276 14.24 12.96 4.82
C THR E 276 14.00 13.93 5.96
N GLY E 277 14.52 15.15 5.86
CA GLY E 277 14.38 16.15 6.90
C GLY E 277 13.03 16.84 7.04
N ILE E 278 12.12 16.61 6.09
CA ILE E 278 10.78 17.18 6.21
C ILE E 278 9.76 16.07 6.09
N PRO E 279 9.46 15.42 7.20
CA PRO E 279 8.41 14.40 7.24
C PRO E 279 7.09 14.88 6.64
N ILE E 280 6.40 13.98 5.93
CA ILE E 280 5.07 14.24 5.41
C ILE E 280 4.20 13.07 5.95
N THR E 281 3.41 13.38 6.96
CA THR E 281 2.67 12.40 7.72
C THR E 281 1.21 12.75 7.87
N ASP E 282 0.39 11.72 8.10
CA ASP E 282 -1.03 11.89 8.30
C ASP E 282 -1.65 12.69 7.16
N VAL E 283 -1.39 12.19 5.96
CA VAL E 283 -2.04 12.70 4.77
C VAL E 283 -3.21 11.80 4.41
N THR E 284 -4.37 12.41 4.27
CA THR E 284 -5.56 11.70 3.82
C THR E 284 -5.94 12.20 2.44
N VAL E 285 -6.02 11.27 1.49
CA VAL E 285 -6.59 11.55 0.17
C VAL E 285 -7.89 10.79 0.09
N ASP E 286 -8.99 11.49 -0.14
CA ASP E 286 -10.30 10.87 -0.17
C ASP E 286 -11.14 11.49 -1.29
N GLY E 287 -11.05 10.90 -2.48
CA GLY E 287 -11.79 11.34 -3.65
C GLY E 287 -11.06 12.40 -4.46
N VAL E 288 -10.28 11.93 -5.42
CA VAL E 288 -9.61 12.72 -6.43
C VAL E 288 -9.92 12.03 -7.73
N THR E 289 -10.71 12.70 -8.55
CA THR E 289 -11.19 12.12 -9.78
C THR E 289 -11.03 13.07 -10.93
N GLY E 290 -11.18 12.52 -12.12
CA GLY E 290 -11.15 13.35 -13.31
C GLY E 290 -10.18 12.87 -14.35
N THR E 291 -9.88 13.77 -15.28
CA THR E 291 -9.16 13.42 -16.47
C THR E 291 -7.85 14.13 -16.70
N LEU E 292 -6.93 13.37 -17.29
CA LEU E 292 -5.58 13.78 -17.61
C LEU E 292 -5.30 13.78 -19.09
N GLU E 293 -4.45 14.69 -19.52
CA GLU E 293 -3.96 14.71 -20.90
C GLU E 293 -2.93 13.62 -21.11
N ASP E 294 -2.58 13.33 -22.37
CA ASP E 294 -1.83 12.11 -22.71
C ASP E 294 -0.43 12.01 -22.14
N ASP E 295 0.18 13.15 -21.84
CA ASP E 295 1.55 13.16 -21.37
C ASP E 295 1.61 13.40 -19.87
N ALA E 296 0.47 13.42 -19.20
CA ALA E 296 0.45 13.65 -17.76
C ALA E 296 0.67 12.31 -17.06
N THR E 297 1.13 12.39 -15.83
CA THR E 297 1.33 11.21 -14.98
C THR E 297 0.30 11.22 -13.90
N GLN E 298 -0.43 10.11 -13.68
CA GLN E 298 -1.53 10.10 -12.72
C GLN E 298 -1.11 10.51 -11.33
N VAL E 299 -0.16 9.75 -10.81
CA VAL E 299 0.32 9.91 -9.43
C VAL E 299 1.84 9.75 -9.41
N TYR E 300 2.55 10.67 -8.76
CA TYR E 300 4.01 10.59 -8.65
C TYR E 300 4.37 10.89 -7.19
N ILE E 301 4.94 9.90 -6.51
CA ILE E 301 5.29 10.03 -5.10
C ILE E 301 6.76 9.70 -5.00
N LEU E 302 7.54 10.69 -4.57
CA LEU E 302 8.98 10.57 -4.50
C LEU E 302 9.38 10.99 -3.09
N CYS E 303 9.33 10.02 -2.17
CA CYS E 303 9.69 10.24 -0.75
C CYS E 303 11.04 9.64 -0.42
N GLY E 304 11.71 10.20 0.57
CA GLY E 304 12.96 9.62 1.03
C GLY E 304 12.60 8.38 1.87
N ASP E 305 13.63 7.61 2.21
CA ASP E 305 13.49 6.43 3.07
C ASP E 305 12.94 6.78 4.44
N GLY E 306 11.69 6.44 4.68
CA GLY E 306 11.05 6.64 5.96
C GLY E 306 10.38 7.95 6.27
N SER E 307 10.43 8.90 5.34
CA SER E 307 9.97 10.25 5.62
C SER E 307 8.52 10.58 5.20
N CYS E 308 7.79 9.61 4.68
CA CYS E 308 6.38 9.78 4.40
C CYS E 308 5.71 8.60 5.06
N SER E 309 4.79 8.87 5.99
CA SER E 309 4.12 7.79 6.70
C SER E 309 2.72 8.13 7.19
N ASP E 310 1.94 7.11 7.54
CA ASP E 310 0.57 7.30 8.02
C ASP E 310 -0.26 8.07 6.98
N TRP E 311 -0.38 7.50 5.79
CA TRP E 311 -1.30 8.07 4.80
C TRP E 311 -2.56 7.22 4.63
N THR E 312 -3.69 7.89 4.44
CA THR E 312 -4.95 7.21 4.23
C THR E 312 -5.44 7.66 2.87
N TRP E 313 -5.60 6.71 1.96
CA TRP E 313 -5.78 6.97 0.52
C TRP E 313 -6.96 6.22 -0.06
N SER E 314 -7.98 6.91 -0.54
CA SER E 314 -9.08 6.22 -1.18
C SER E 314 -9.69 7.12 -2.22
N GLY E 315 -10.53 6.53 -3.06
CA GLY E 315 -11.29 7.29 -4.06
C GLY E 315 -10.47 7.96 -5.14
N VAL E 316 -9.27 7.49 -5.39
CA VAL E 316 -8.45 8.08 -6.44
C VAL E 316 -8.81 7.35 -7.72
N ASP E 317 -9.48 8.05 -8.62
CA ASP E 317 -9.95 7.48 -9.86
C ASP E 317 -9.72 8.46 -11.00
N LEU E 318 -8.56 8.37 -11.58
CA LEU E 318 -8.13 9.25 -12.63
C LEU E 318 -8.15 8.47 -13.93
N SER E 319 -8.53 9.14 -15.00
CA SER E 319 -8.45 8.53 -16.31
C SER E 319 -7.57 9.35 -17.22
N GLY E 320 -6.88 8.66 -18.11
CA GLY E 320 -5.98 9.29 -19.04
C GLY E 320 -4.57 9.37 -18.47
N GLY E 321 -3.64 9.79 -19.32
CA GLY E 321 -2.26 9.95 -18.91
C GLY E 321 -1.58 8.63 -18.68
N LYS E 322 -0.50 8.66 -17.92
CA LYS E 322 0.25 7.44 -17.73
C LYS E 322 0.53 7.19 -16.26
N THR E 323 0.84 5.95 -15.96
CA THR E 323 1.18 5.53 -14.60
C THR E 323 2.69 5.63 -14.42
N SER E 324 3.12 6.14 -13.27
CA SER E 324 4.51 6.33 -13.01
C SER E 324 5.22 5.02 -12.68
N ASP E 325 6.43 4.84 -13.19
CA ASP E 325 7.22 3.72 -12.73
C ASP E 325 8.45 4.24 -11.98
N LYS E 326 8.37 5.50 -11.51
CA LYS E 326 9.48 6.16 -10.84
C LYS E 326 9.24 6.50 -9.38
N CYS E 327 8.13 6.06 -8.81
CA CYS E 327 7.84 6.42 -7.42
C CYS E 327 8.84 5.73 -6.44
N GLU E 328 9.05 6.38 -5.30
CA GLU E 328 9.99 5.93 -4.25
C GLU E 328 9.41 6.04 -2.85
N ASN E 329 9.62 4.96 -2.07
CA ASN E 329 9.21 4.94 -0.69
C ASN E 329 7.78 5.40 -0.46
N VAL E 330 6.88 4.83 -1.26
CA VAL E 330 5.47 5.11 -1.12
C VAL E 330 4.89 4.58 0.18
N PRO E 331 4.27 5.42 0.99
CA PRO E 331 3.60 4.98 2.21
C PRO E 331 2.60 3.87 2.00
N SER E 332 2.58 2.94 2.95
CA SER E 332 1.65 1.83 2.88
C SER E 332 0.24 2.32 2.69
N GLY E 333 -0.46 1.71 1.76
CA GLY E 333 -1.84 2.08 1.55
C GLY E 333 -1.99 3.13 0.47
N ALA E 334 -0.93 3.86 0.14
CA ALA E 334 -1.01 4.74 -1.01
C ALA E 334 -0.49 3.98 -2.17
N SER E 335 -0.70 4.52 -3.36
CA SER E 335 -0.17 3.88 -4.52
C SER E 335 -0.06 4.82 -5.72
N CYS E 336 0.94 4.57 -6.55
CA CYS E 336 1.06 5.32 -7.82
C CYS E 336 0.27 4.58 -8.88
N SER F 1 -17.55 -4.69 -13.34
CA SER F 1 -17.55 -6.08 -12.78
C SER F 1 -16.27 -6.34 -11.98
N THR F 2 -16.31 -6.00 -10.67
CA THR F 2 -15.25 -6.35 -9.72
C THR F 2 -15.36 -7.74 -9.07
N CYS F 3 -14.62 -8.69 -9.64
CA CYS F 3 -14.69 -10.07 -9.17
C CYS F 3 -13.57 -10.45 -8.20
N THR F 4 -13.93 -11.04 -7.06
CA THR F 4 -12.97 -11.53 -6.08
C THR F 4 -13.00 -13.07 -6.11
N PHE F 5 -11.85 -13.69 -6.42
CA PHE F 5 -11.72 -15.12 -6.54
C PHE F 5 -10.85 -15.61 -5.38
N THR F 6 -11.33 -16.63 -4.66
CA THR F 6 -10.57 -17.23 -3.56
C THR F 6 -10.04 -18.59 -3.93
N SER F 7 -10.26 -19.02 -5.15
CA SER F 7 -9.74 -20.30 -5.58
C SER F 7 -9.34 -20.25 -7.03
N ALA F 8 -8.42 -21.14 -7.38
CA ALA F 8 -7.94 -21.20 -8.76
C ALA F 8 -9.01 -21.58 -9.77
N SER F 9 -9.88 -22.51 -9.40
CA SER F 9 -10.95 -22.97 -10.26
C SER F 9 -11.90 -21.81 -10.58
N GLU F 10 -12.21 -21.01 -9.57
CA GLU F 10 -13.05 -19.84 -9.77
C GLU F 10 -12.45 -18.89 -10.78
N ALA F 11 -11.16 -18.63 -10.61
CA ALA F 11 -10.48 -17.71 -11.49
C ALA F 11 -10.52 -18.15 -12.95
N SER F 12 -10.17 -19.39 -13.24
CA SER F 12 -10.11 -19.78 -14.64
C SER F 12 -11.51 -19.84 -15.20
N GLU F 13 -12.48 -20.18 -14.37
CA GLU F 13 -13.85 -20.26 -14.83
C GLU F 13 -14.45 -18.91 -15.16
N SER F 14 -14.13 -17.89 -14.37
CA SER F 14 -14.83 -16.61 -14.43
C SER F 14 -14.02 -15.38 -14.78
N ILE F 15 -12.70 -15.51 -14.90
CA ILE F 15 -11.90 -14.32 -15.14
C ILE F 15 -12.32 -13.55 -16.40
N SER F 16 -12.70 -14.27 -17.46
CA SER F 16 -13.01 -13.67 -18.76
C SER F 16 -14.25 -12.78 -18.73
N SER F 17 -15.07 -12.90 -17.70
CA SER F 17 -16.28 -12.09 -17.57
C SER F 17 -16.08 -10.89 -16.66
N CYS F 18 -14.83 -10.64 -16.29
CA CYS F 18 -14.52 -9.61 -15.33
C CYS F 18 -13.54 -8.58 -15.84
N SER F 19 -13.78 -7.31 -15.50
CA SER F 19 -12.86 -6.25 -15.91
C SER F 19 -11.93 -5.84 -14.76
N ASP F 20 -12.27 -6.25 -13.55
CA ASP F 20 -11.48 -5.87 -12.42
C ASP F 20 -11.45 -7.07 -11.51
N VAL F 21 -10.29 -7.70 -11.41
CA VAL F 21 -10.14 -8.98 -10.73
C VAL F 21 -9.28 -8.91 -9.50
N VAL F 22 -9.73 -9.53 -8.42
CA VAL F 22 -8.94 -9.62 -7.20
C VAL F 22 -8.72 -11.09 -6.89
N LEU F 23 -7.44 -11.46 -6.74
CA LEU F 23 -7.07 -12.85 -6.49
C LEU F 23 -6.71 -12.87 -5.01
N SER F 24 -7.64 -13.39 -4.20
CA SER F 24 -7.53 -13.27 -2.76
C SER F 24 -6.98 -14.52 -2.04
N SER F 25 -5.71 -14.45 -1.65
CA SER F 25 -5.02 -15.49 -0.87
C SER F 25 -5.28 -16.89 -1.42
N ILE F 26 -5.17 -17.05 -2.74
CA ILE F 26 -5.44 -18.33 -3.37
C ILE F 26 -4.37 -19.38 -3.05
N GLU F 27 -4.85 -20.54 -2.55
CA GLU F 27 -4.05 -21.73 -2.36
C GLU F 27 -4.30 -22.61 -3.61
N VAL F 28 -3.38 -22.55 -4.58
CA VAL F 28 -3.51 -23.33 -5.79
C VAL F 28 -3.26 -24.80 -5.47
N PRO F 29 -4.16 -25.67 -5.90
CA PRO F 29 -3.97 -27.09 -5.63
C PRO F 29 -2.67 -27.60 -6.23
N ALA F 30 -2.07 -28.57 -5.55
CA ALA F 30 -0.90 -29.24 -6.09
C ALA F 30 -1.15 -29.74 -7.53
N GLY F 31 -0.15 -29.53 -8.39
CA GLY F 31 -0.18 -30.01 -9.75
C GLY F 31 -1.07 -29.24 -10.71
N GLU F 32 -1.53 -28.08 -10.28
CA GLU F 32 -2.38 -27.23 -11.07
C GLU F 32 -1.77 -25.87 -11.35
N THR F 33 -2.18 -25.30 -12.47
CA THR F 33 -1.75 -23.97 -12.84
C THR F 33 -2.84 -23.00 -12.43
N LEU F 34 -2.46 -21.89 -11.83
CA LEU F 34 -3.38 -20.80 -11.63
C LEU F 34 -3.46 -20.15 -13.03
N ASP F 35 -4.53 -20.48 -13.76
CA ASP F 35 -4.67 -20.12 -15.17
C ASP F 35 -5.47 -18.86 -15.39
N LEU F 36 -4.75 -17.78 -15.59
CA LEU F 36 -5.34 -16.50 -15.84
C LEU F 36 -5.29 -16.11 -17.34
N SER F 37 -5.12 -17.10 -18.21
CA SER F 37 -4.85 -16.84 -19.62
C SER F 37 -6.09 -16.34 -20.36
N ASP F 38 -7.28 -16.56 -19.83
CA ASP F 38 -8.47 -16.10 -20.52
C ASP F 38 -8.95 -14.72 -19.99
N ALA F 39 -8.05 -13.98 -19.34
CA ALA F 39 -8.36 -12.65 -18.84
C ALA F 39 -8.91 -11.75 -19.95
N ALA F 40 -9.89 -10.93 -19.59
CA ALA F 40 -10.54 -10.02 -20.53
C ALA F 40 -9.60 -8.90 -20.95
N ASP F 41 -9.64 -8.59 -22.23
CA ASP F 41 -8.85 -7.50 -22.75
C ASP F 41 -9.17 -6.20 -21.98
N GLY F 42 -8.11 -5.51 -21.54
CA GLY F 42 -8.20 -4.26 -20.82
C GLY F 42 -8.48 -4.39 -19.33
N SER F 43 -8.37 -5.59 -18.76
CA SER F 43 -8.70 -5.78 -17.36
C SER F 43 -7.54 -5.47 -16.40
N THR F 44 -7.89 -5.33 -15.12
CA THR F 44 -6.93 -5.20 -14.05
C THR F 44 -7.00 -6.44 -13.17
N ILE F 45 -5.85 -6.97 -12.83
CA ILE F 45 -5.74 -8.13 -11.96
C ILE F 45 -4.87 -7.71 -10.78
N THR F 46 -5.38 -7.89 -9.55
CA THR F 46 -4.64 -7.55 -8.37
C THR F 46 -4.49 -8.78 -7.45
N PHE F 47 -3.26 -9.07 -7.07
CA PHE F 47 -2.99 -10.14 -6.11
C PHE F 47 -3.08 -9.58 -4.68
N GLU F 48 -3.83 -10.27 -3.83
CA GLU F 48 -3.98 -9.92 -2.43
C GLU F 48 -3.55 -11.11 -1.57
N GLY F 49 -3.05 -10.77 -0.41
CA GLY F 49 -2.60 -11.74 0.57
C GLY F 49 -1.43 -12.55 0.05
N THR F 50 -1.38 -13.80 0.49
CA THR F 50 -0.34 -14.72 0.02
C THR F 50 -0.93 -15.70 -0.95
N THR F 51 -0.35 -15.76 -2.14
CA THR F 51 -0.72 -16.76 -3.12
C THR F 51 0.25 -17.92 -2.89
N SER F 52 -0.28 -19.14 -2.77
CA SER F 52 0.57 -20.32 -2.51
C SER F 52 0.18 -21.48 -3.41
N PHE F 53 1.00 -22.54 -3.38
CA PHE F 53 0.87 -23.65 -4.25
C PHE F 53 1.14 -24.95 -3.54
N GLY F 54 0.35 -25.95 -3.87
CA GLY F 54 0.48 -27.26 -3.26
C GLY F 54 1.69 -27.97 -3.85
N TYR F 55 2.22 -28.91 -3.10
CA TYR F 55 3.39 -29.65 -3.55
C TYR F 55 3.12 -30.83 -4.45
N LYS F 56 3.73 -30.80 -5.62
CA LYS F 56 3.81 -31.94 -6.56
C LYS F 56 5.09 -31.75 -7.36
N GLU F 57 5.75 -32.87 -7.67
CA GLU F 57 6.91 -32.87 -8.51
C GLU F 57 6.42 -32.99 -9.94
N TRP F 58 6.25 -31.82 -10.56
CA TRP F 58 5.72 -31.71 -11.91
C TRP F 58 6.33 -30.50 -12.57
N LYS F 59 6.03 -30.30 -13.86
CA LYS F 59 6.72 -29.26 -14.66
C LYS F 59 6.17 -27.86 -14.66
N GLY F 60 4.95 -27.67 -14.14
CA GLY F 60 4.34 -26.36 -14.10
C GLY F 60 3.73 -26.00 -15.47
N PRO F 61 3.45 -24.73 -15.72
CA PRO F 61 3.76 -23.62 -14.83
C PRO F 61 2.79 -23.47 -13.68
N LEU F 62 3.23 -22.81 -12.61
CA LEU F 62 2.33 -22.56 -11.46
C LEU F 62 1.34 -21.45 -11.74
N ILE F 63 1.72 -20.46 -12.55
CA ILE F 63 0.85 -19.34 -12.88
C ILE F 63 1.03 -19.04 -14.37
N ARG F 64 -0.11 -18.91 -15.07
CA ARG F 64 -0.07 -18.58 -16.48
C ARG F 64 -0.90 -17.33 -16.76
N PHE F 65 -0.27 -16.33 -17.39
CA PHE F 65 -0.99 -15.13 -17.83
C PHE F 65 -1.32 -15.27 -19.30
N GLY F 66 -2.20 -14.39 -19.74
CA GLY F 66 -2.58 -14.29 -21.15
C GLY F 66 -3.51 -13.13 -21.32
N GLY F 67 -3.43 -12.45 -22.48
CA GLY F 67 -4.34 -11.33 -22.74
C GLY F 67 -3.69 -10.07 -23.29
N LYS F 68 -4.53 -9.06 -23.53
CA LYS F 68 -4.11 -7.80 -24.13
C LYS F 68 -4.54 -6.63 -23.27
N ASP F 69 -3.69 -5.61 -23.19
CA ASP F 69 -4.01 -4.40 -22.43
C ASP F 69 -4.35 -4.66 -20.97
N LEU F 70 -3.59 -5.57 -20.36
CA LEU F 70 -3.81 -5.90 -18.98
C LEU F 70 -3.00 -4.99 -18.08
N THR F 71 -3.51 -4.79 -16.88
CA THR F 71 -2.77 -4.14 -15.82
C THR F 71 -2.69 -5.14 -14.67
N VAL F 72 -1.48 -5.54 -14.27
CA VAL F 72 -1.36 -6.53 -13.18
C VAL F 72 -0.61 -5.94 -12.00
N THR F 73 -1.13 -6.10 -10.79
CA THR F 73 -0.54 -5.50 -9.66
C THR F 73 -0.75 -6.30 -8.37
N MET F 74 -0.15 -5.81 -7.30
CA MET F 74 -0.22 -6.41 -5.95
C MET F 74 -0.81 -5.42 -4.95
N ALA F 75 -1.70 -5.90 -4.09
CA ALA F 75 -2.14 -5.10 -2.97
C ALA F 75 -1.00 -5.00 -1.97
N ASP F 76 -1.06 -4.01 -1.11
CA ASP F 76 -0.03 -3.84 -0.12
C ASP F 76 0.16 -5.11 0.69
N GLY F 77 1.41 -5.53 0.83
CA GLY F 77 1.79 -6.68 1.61
C GLY F 77 1.65 -8.02 0.90
N ALA F 78 1.07 -8.03 -0.29
CA ALA F 78 0.80 -9.27 -0.97
C ALA F 78 2.11 -9.89 -1.50
N VAL F 79 2.09 -11.19 -1.65
CA VAL F 79 3.25 -11.93 -2.14
C VAL F 79 2.79 -13.20 -2.85
N ILE F 80 3.56 -13.63 -3.86
CA ILE F 80 3.30 -14.88 -4.51
C ILE F 80 4.46 -15.71 -4.01
N ASP F 81 4.12 -16.74 -3.22
CA ASP F 81 5.13 -17.53 -2.50
C ASP F 81 5.20 -18.92 -3.08
N GLY F 82 6.27 -19.24 -3.78
CA GLY F 82 6.42 -20.58 -4.35
C GLY F 82 6.80 -21.62 -3.32
N ASP F 83 7.27 -21.18 -2.16
CA ASP F 83 7.76 -22.09 -1.10
C ASP F 83 8.63 -23.16 -1.75
N GLY F 84 9.57 -22.68 -2.57
CA GLY F 84 10.44 -23.52 -3.36
C GLY F 84 11.34 -24.49 -2.65
N SER F 85 11.63 -24.23 -1.37
CA SER F 85 12.54 -25.04 -0.61
C SER F 85 11.99 -26.48 -0.55
N ARG F 86 10.67 -26.62 -0.74
CA ARG F 86 10.10 -27.99 -0.79
C ARG F 86 10.72 -28.85 -1.89
N TRP F 87 11.01 -28.23 -3.03
CA TRP F 87 11.64 -28.95 -4.15
C TRP F 87 13.17 -28.82 -4.15
N TRP F 88 13.71 -27.71 -3.67
CA TRP F 88 15.15 -27.46 -3.80
C TRP F 88 16.00 -28.65 -3.28
N ASP F 89 17.01 -29.04 -4.06
CA ASP F 89 17.80 -30.25 -3.78
C ASP F 89 19.21 -30.11 -4.36
N SER F 90 19.60 -28.85 -4.61
CA SER F 90 20.90 -28.45 -5.15
C SER F 90 21.09 -28.83 -6.63
N LYS F 91 20.08 -29.41 -7.28
CA LYS F 91 20.21 -29.84 -8.66
C LYS F 91 19.33 -29.10 -9.65
N GLY F 92 18.35 -28.36 -9.14
CA GLY F 92 17.52 -27.53 -10.00
C GLY F 92 16.95 -28.25 -11.21
N THR F 93 17.15 -27.67 -12.40
CA THR F 93 16.60 -28.29 -13.61
C THR F 93 17.42 -29.40 -14.19
N ASN F 94 18.58 -29.66 -13.64
CA ASN F 94 19.46 -30.64 -14.29
C ASN F 94 19.42 -32.04 -13.71
N GLY F 95 18.70 -32.21 -12.61
CA GLY F 95 18.59 -33.51 -11.99
C GLY F 95 17.70 -33.43 -10.78
N GLY F 96 17.70 -34.51 -10.01
CA GLY F 96 16.90 -34.58 -8.79
C GLY F 96 15.40 -34.58 -9.07
N LYS F 97 14.64 -33.90 -8.22
CA LYS F 97 13.19 -33.85 -8.41
C LYS F 97 12.79 -33.07 -9.65
N THR F 98 11.65 -33.44 -10.22
CA THR F 98 11.01 -32.60 -11.25
C THR F 98 10.45 -31.37 -10.52
N LYS F 99 10.76 -30.17 -11.03
CA LYS F 99 10.43 -28.89 -10.38
C LYS F 99 9.64 -28.02 -11.32
N PRO F 100 8.53 -27.47 -10.85
CA PRO F 100 7.66 -26.73 -11.76
C PRO F 100 8.15 -25.33 -12.05
N LYS F 101 8.00 -24.94 -13.32
CA LYS F 101 8.24 -23.58 -13.73
C LYS F 101 7.20 -22.74 -13.00
N PHE F 102 7.54 -21.47 -12.76
CA PHE F 102 6.77 -20.60 -11.88
C PHE F 102 5.73 -19.75 -12.63
N MET F 103 6.18 -18.65 -13.22
CA MET F 103 5.28 -17.69 -13.85
C MET F 103 5.54 -17.57 -15.34
N TYR F 104 4.51 -17.85 -16.11
CA TYR F 104 4.55 -17.66 -17.56
C TYR F 104 3.87 -16.35 -17.91
N ILE F 105 4.63 -15.43 -18.48
CA ILE F 105 4.03 -14.24 -19.08
C ILE F 105 4.19 -14.48 -20.58
N HIS F 106 3.33 -15.34 -21.09
CA HIS F 106 3.30 -15.76 -22.48
C HIS F 106 1.98 -15.30 -23.11
N ASP F 107 1.98 -15.09 -24.41
CA ASP F 107 0.71 -14.75 -25.08
C ASP F 107 0.05 -13.52 -24.43
N VAL F 108 0.91 -12.58 -24.05
CA VAL F 108 0.54 -11.32 -23.46
C VAL F 108 1.07 -10.19 -24.32
N GLU F 109 0.20 -9.23 -24.62
CA GLU F 109 0.65 -8.05 -25.35
C GLU F 109 0.12 -6.75 -24.75
N ASP F 110 0.88 -5.68 -24.95
CA ASP F 110 0.47 -4.33 -24.55
C ASP F 110 -0.03 -4.23 -23.12
N SER F 111 0.70 -4.84 -22.20
CA SER F 111 0.27 -4.89 -20.82
C SER F 111 1.39 -4.45 -19.88
N THR F 112 1.01 -4.07 -18.67
CA THR F 112 1.94 -3.63 -17.62
C THR F 112 1.76 -4.39 -16.33
N PHE F 113 2.85 -4.97 -15.84
CA PHE F 113 2.85 -5.66 -14.58
C PHE F 113 3.62 -4.74 -13.62
N LYS F 114 3.05 -4.47 -12.46
CA LYS F 114 3.72 -3.58 -11.54
C LYS F 114 3.77 -4.07 -10.11
N GLY F 115 4.95 -3.94 -9.53
CA GLY F 115 5.21 -4.28 -8.13
C GLY F 115 5.06 -5.74 -7.80
N ILE F 116 5.13 -6.60 -8.80
CA ILE F 116 4.97 -8.05 -8.58
C ILE F 116 6.00 -8.53 -7.60
N ASN F 117 5.53 -9.14 -6.50
CA ASN F 117 6.35 -9.49 -5.38
C ASN F 117 6.34 -11.01 -5.22
N ILE F 118 7.48 -11.63 -5.48
CA ILE F 118 7.63 -13.09 -5.57
C ILE F 118 8.70 -13.60 -4.59
N LYS F 119 8.44 -14.76 -3.98
CA LYS F 119 9.40 -15.35 -3.07
C LYS F 119 9.54 -16.85 -3.31
N ASN F 120 10.78 -17.32 -3.34
CA ASN F 120 11.12 -18.74 -3.39
C ASN F 120 10.48 -19.61 -4.46
N THR F 121 10.86 -19.34 -5.70
CA THR F 121 10.38 -20.12 -6.83
C THR F 121 11.12 -21.45 -6.84
N PRO F 122 10.44 -22.53 -7.28
CA PRO F 122 11.10 -23.83 -7.36
C PRO F 122 12.35 -23.86 -8.21
N VAL F 123 12.26 -23.33 -9.42
CA VAL F 123 13.38 -23.17 -10.34
C VAL F 123 13.22 -21.79 -10.95
N GLN F 124 13.12 -21.66 -12.26
CA GLN F 124 13.08 -20.30 -12.83
C GLN F 124 11.82 -19.56 -12.46
N ALA F 125 11.96 -18.27 -12.20
CA ALA F 125 10.82 -17.45 -11.75
C ALA F 125 9.89 -16.95 -12.86
N ILE F 126 10.38 -16.13 -13.79
CA ILE F 126 9.50 -15.58 -14.84
C ILE F 126 9.96 -15.96 -16.25
N SER F 127 9.07 -16.58 -17.03
CA SER F 127 9.32 -16.86 -18.43
C SER F 127 8.52 -15.85 -19.26
N VAL F 128 9.20 -15.04 -20.08
CA VAL F 128 8.56 -13.96 -20.79
C VAL F 128 8.61 -14.27 -22.28
N GLN F 129 7.42 -14.30 -22.90
CA GLN F 129 7.24 -14.52 -24.33
C GLN F 129 6.08 -13.58 -24.64
N ALA F 130 6.43 -12.33 -24.91
CA ALA F 130 5.44 -11.30 -25.01
C ALA F 130 5.81 -10.15 -25.92
N THR F 131 4.80 -9.37 -26.23
CA THR F 131 5.00 -8.24 -27.12
C THR F 131 4.54 -6.97 -26.44
N ASN F 132 5.46 -6.02 -26.29
CA ASN F 132 5.14 -4.73 -25.74
C ASN F 132 4.59 -4.79 -24.29
N VAL F 133 5.40 -5.33 -23.39
CA VAL F 133 5.00 -5.40 -21.99
C VAL F 133 6.02 -4.63 -21.16
N HIS F 134 5.53 -4.02 -20.11
CA HIS F 134 6.34 -3.36 -19.13
C HIS F 134 6.28 -4.18 -17.85
N LEU F 135 7.45 -4.47 -17.27
CA LEU F 135 7.54 -5.27 -16.05
C LEU F 135 8.27 -4.41 -15.05
N ASN F 136 7.50 -3.76 -14.21
CA ASN F 136 8.02 -2.76 -13.33
C ASN F 136 8.08 -3.07 -11.86
N ASP F 137 9.17 -2.69 -11.22
CA ASP F 137 9.34 -2.83 -9.79
C ASP F 137 9.08 -4.25 -9.27
N PHE F 138 9.51 -5.26 -10.03
CA PHE F 138 9.39 -6.62 -9.57
C PHE F 138 10.39 -6.91 -8.44
N THR F 139 9.99 -7.76 -7.49
CA THR F 139 10.92 -8.31 -6.50
C THR F 139 10.86 -9.83 -6.59
N ILE F 140 12.00 -10.45 -6.93
CA ILE F 140 12.07 -11.89 -7.04
C ILE F 140 13.07 -12.34 -5.99
N ASP F 141 12.56 -12.68 -4.83
CA ASP F 141 13.41 -13.00 -3.73
C ASP F 141 13.62 -14.50 -3.54
N ASN F 142 14.68 -15.01 -4.13
CA ASN F 142 15.03 -16.40 -3.99
C ASN F 142 16.28 -16.55 -3.09
N SER F 143 16.50 -15.58 -2.19
CA SER F 143 17.69 -15.56 -1.33
C SER F 143 17.73 -16.78 -0.43
N ASP F 144 16.57 -17.30 -0.03
CA ASP F 144 16.54 -18.50 0.81
C ASP F 144 17.22 -19.68 0.10
N GLY F 145 17.27 -19.62 -1.23
CA GLY F 145 17.94 -20.62 -1.98
C GLY F 145 19.43 -20.78 -1.73
N ASP F 146 20.09 -19.76 -1.18
CA ASP F 146 21.52 -19.86 -1.01
C ASP F 146 21.92 -20.98 -0.04
N ASP F 147 21.15 -21.10 1.03
CA ASP F 147 21.41 -22.08 2.07
C ASP F 147 20.45 -23.28 2.02
N ASN F 148 19.49 -23.27 1.11
CA ASN F 148 18.46 -24.31 1.10
C ASN F 148 18.40 -25.09 -0.22
N GLY F 149 19.45 -24.98 -1.02
CA GLY F 149 19.59 -25.84 -2.19
C GLY F 149 19.03 -25.29 -3.50
N GLY F 150 18.80 -24.00 -3.58
CA GLY F 150 18.28 -23.39 -4.83
C GLY F 150 19.27 -23.56 -5.98
N HIS F 151 18.76 -23.79 -7.18
CA HIS F 151 19.61 -23.93 -8.37
C HIS F 151 18.75 -23.63 -9.59
N ASN F 152 19.30 -22.95 -10.60
CA ASN F 152 18.51 -22.56 -11.77
C ASN F 152 17.28 -21.71 -11.39
N THR F 153 17.46 -20.79 -10.44
CA THR F 153 16.38 -19.94 -9.98
C THR F 153 16.40 -18.57 -10.66
N ASP F 154 16.56 -18.63 -11.98
CA ASP F 154 16.61 -17.43 -12.84
C ASP F 154 15.55 -16.43 -12.53
N GLY F 155 15.88 -15.14 -12.61
CA GLY F 155 14.88 -14.10 -12.47
C GLY F 155 13.94 -14.01 -13.69
N PHE F 156 14.45 -13.52 -14.82
CA PHE F 156 13.68 -13.38 -16.03
C PHE F 156 14.34 -14.14 -17.17
N ASP F 157 13.62 -15.07 -17.75
CA ASP F 157 14.10 -15.77 -18.93
C ASP F 157 13.23 -15.24 -20.07
N ILE F 158 13.88 -14.69 -21.10
CA ILE F 158 13.17 -13.99 -22.19
C ILE F 158 13.46 -14.64 -23.55
N SER F 159 12.40 -14.91 -24.30
CA SER F 159 12.56 -15.47 -25.63
C SER F 159 11.34 -15.06 -26.46
N GLU F 160 11.49 -15.15 -27.79
CA GLU F 160 10.38 -14.88 -28.69
C GLU F 160 9.56 -13.69 -28.25
N SER F 161 10.23 -12.58 -27.94
CA SER F 161 9.60 -11.37 -27.48
C SER F 161 10.04 -10.15 -28.27
N THR F 162 9.15 -9.17 -28.35
CA THR F 162 9.43 -7.88 -28.98
C THR F 162 8.93 -6.78 -28.08
N GLY F 163 9.82 -5.94 -27.58
CA GLY F 163 9.39 -4.85 -26.73
C GLY F 163 9.05 -5.24 -25.29
N VAL F 164 10.10 -5.62 -24.56
CA VAL F 164 9.99 -6.04 -23.16
C VAL F 164 10.84 -5.09 -22.39
N TYR F 165 10.22 -4.32 -21.50
CA TYR F 165 10.87 -3.27 -20.78
C TYR F 165 10.80 -3.55 -19.29
N ILE F 166 11.92 -3.93 -18.71
CA ILE F 166 12.02 -4.25 -17.28
C ILE F 166 12.67 -3.09 -16.57
N SER F 167 12.00 -2.58 -15.55
CA SER F 167 12.49 -1.44 -14.80
C SER F 167 12.40 -1.73 -13.31
N GLY F 168 13.44 -1.33 -12.60
CA GLY F 168 13.45 -1.40 -11.14
C GLY F 168 13.32 -2.80 -10.54
N ALA F 169 13.78 -3.81 -11.26
CA ALA F 169 13.69 -5.16 -10.69
C ALA F 169 14.71 -5.40 -9.61
N THR F 170 14.33 -6.20 -8.62
CA THR F 170 15.29 -6.69 -7.61
C THR F 170 15.21 -8.20 -7.72
N VAL F 171 16.36 -8.83 -7.92
CA VAL F 171 16.41 -10.28 -8.12
C VAL F 171 17.54 -10.82 -7.26
N LYS F 172 17.18 -11.65 -6.28
CA LYS F 172 18.14 -12.31 -5.37
C LYS F 172 18.02 -13.82 -5.61
N ASN F 173 19.04 -14.45 -6.14
CA ASN F 173 18.87 -15.82 -6.59
C ASN F 173 20.19 -16.59 -6.76
N GLN F 174 20.15 -17.69 -7.52
CA GLN F 174 21.25 -18.61 -7.69
C GLN F 174 21.58 -18.85 -9.19
N ASP F 175 20.99 -18.07 -10.07
CA ASP F 175 21.26 -18.20 -11.47
C ASP F 175 21.15 -16.81 -12.13
N ASP F 176 20.98 -16.77 -13.45
CA ASP F 176 20.89 -15.52 -14.13
C ASP F 176 19.87 -14.57 -13.53
N CYS F 177 20.26 -13.31 -13.44
CA CYS F 177 19.32 -12.25 -13.12
C CYS F 177 18.30 -12.11 -14.24
N ILE F 178 18.82 -11.98 -15.48
CA ILE F 178 18.03 -12.05 -16.68
C ILE F 178 18.86 -12.91 -17.62
N ALA F 179 18.16 -13.64 -18.46
CA ALA F 179 18.78 -14.44 -19.52
C ALA F 179 17.93 -14.20 -20.77
N ILE F 180 18.50 -13.55 -21.78
CA ILE F 180 17.79 -13.24 -23.02
C ILE F 180 18.19 -14.27 -24.04
N ASN F 181 17.36 -15.26 -24.25
CA ASN F 181 17.68 -16.30 -25.17
C ASN F 181 17.37 -15.87 -26.61
N SER F 182 16.36 -15.01 -26.75
CA SER F 182 16.00 -14.42 -28.03
C SER F 182 15.10 -13.22 -27.74
N GLY F 183 15.06 -12.28 -28.69
CA GLY F 183 14.18 -11.15 -28.56
C GLY F 183 14.66 -9.93 -29.30
N GLU F 184 13.75 -9.00 -29.43
CA GLU F 184 14.05 -7.75 -30.08
C GLU F 184 13.51 -6.64 -29.24
N SER F 185 14.32 -5.62 -29.01
CA SER F 185 13.90 -4.47 -28.27
C SER F 185 13.54 -4.83 -26.83
N ILE F 186 14.58 -5.28 -26.12
CA ILE F 186 14.50 -5.69 -24.73
C ILE F 186 15.33 -4.73 -23.89
N SER F 187 14.78 -4.27 -22.80
CA SER F 187 15.51 -3.33 -21.96
C SER F 187 15.36 -3.69 -20.49
N PHE F 188 16.46 -3.56 -19.75
CA PHE F 188 16.48 -3.83 -18.32
C PHE F 188 17.25 -2.65 -17.75
N THR F 189 16.60 -1.89 -16.87
CA THR F 189 17.24 -0.73 -16.28
C THR F 189 16.84 -0.55 -14.84
N GLY F 190 17.72 0.09 -14.10
CA GLY F 190 17.51 0.37 -12.70
C GLY F 190 17.34 -0.89 -11.87
N GLY F 191 18.04 -1.94 -12.26
CA GLY F 191 17.89 -3.22 -11.58
C GLY F 191 18.93 -3.44 -10.49
N THR F 192 18.58 -4.34 -9.59
CA THR F 192 19.48 -4.73 -8.50
C THR F 192 19.55 -6.25 -8.53
N CYS F 193 20.69 -6.82 -8.91
CA CYS F 193 20.85 -8.25 -9.05
C CYS F 193 21.83 -8.71 -7.99
N SER F 194 21.50 -9.78 -7.29
CA SER F 194 22.44 -10.32 -6.32
C SER F 194 22.39 -11.82 -6.22
N GLY F 195 23.54 -12.39 -5.90
CA GLY F 195 23.66 -13.81 -5.66
C GLY F 195 23.81 -14.71 -6.86
N GLY F 196 23.38 -14.27 -8.00
CA GLY F 196 23.25 -15.27 -9.09
C GLY F 196 24.41 -15.33 -10.07
N HIS F 197 24.06 -15.29 -11.36
CA HIS F 197 25.05 -15.37 -12.44
C HIS F 197 25.10 -14.15 -13.33
N GLY F 198 24.39 -13.09 -12.93
CA GLY F 198 24.47 -11.82 -13.65
C GLY F 198 23.47 -11.54 -14.74
N LEU F 199 23.81 -10.56 -15.55
CA LEU F 199 22.93 -10.06 -16.59
C LEU F 199 23.36 -10.67 -17.90
N SER F 200 22.63 -11.69 -18.33
CA SER F 200 23.07 -12.49 -19.50
C SER F 200 22.26 -12.39 -20.79
N ILE F 201 22.98 -12.23 -21.89
CA ILE F 201 22.39 -12.45 -23.20
C ILE F 201 22.74 -13.92 -23.49
N GLY F 202 21.77 -14.78 -23.78
CA GLY F 202 22.04 -16.17 -24.06
C GLY F 202 21.65 -17.10 -22.93
N SER F 203 21.86 -18.40 -23.09
CA SER F 203 22.48 -19.00 -24.27
C SER F 203 21.65 -18.78 -25.53
N VAL F 204 22.37 -18.47 -26.61
CA VAL F 204 21.74 -18.26 -27.88
C VAL F 204 22.08 -19.42 -28.78
N GLY F 205 21.06 -19.95 -29.44
CA GLY F 205 21.23 -21.02 -30.39
C GLY F 205 20.43 -22.29 -30.12
N GLY F 206 20.18 -23.04 -31.20
CA GLY F 206 19.47 -24.32 -31.14
C GLY F 206 18.00 -24.25 -30.75
N ARG F 207 17.40 -23.07 -30.81
CA ARG F 207 16.00 -22.87 -30.45
C ARG F 207 15.18 -22.45 -31.67
N ASP F 208 13.86 -22.27 -31.48
CA ASP F 208 12.99 -21.84 -32.55
C ASP F 208 13.36 -20.44 -32.95
N ASP F 209 13.91 -19.68 -31.99
CA ASP F 209 14.32 -18.32 -32.26
C ASP F 209 15.73 -18.14 -31.70
N ASN F 210 16.66 -17.71 -32.56
CA ASN F 210 18.05 -17.51 -32.19
C ASN F 210 18.62 -16.14 -32.51
N THR F 211 17.74 -15.16 -32.55
CA THR F 211 18.09 -13.81 -32.78
C THR F 211 17.86 -12.94 -31.55
N VAL F 212 18.90 -12.25 -31.15
CA VAL F 212 18.81 -11.19 -30.18
C VAL F 212 19.22 -9.88 -30.85
N LYS F 213 18.35 -8.88 -30.76
CA LYS F 213 18.64 -7.56 -31.37
C LYS F 213 18.05 -6.40 -30.63
N ASN F 214 18.84 -5.35 -30.45
CA ASN F 214 18.41 -4.13 -29.81
C ASN F 214 18.06 -4.33 -28.34
N VAL F 215 19.11 -4.48 -27.55
CA VAL F 215 18.99 -4.78 -26.12
C VAL F 215 19.77 -3.72 -25.37
N THR F 216 19.13 -3.13 -24.35
CA THR F 216 19.81 -2.14 -23.57
C THR F 216 19.73 -2.56 -22.12
N ILE F 217 20.87 -2.81 -21.54
CA ILE F 217 20.93 -3.18 -20.11
C ILE F 217 21.74 -2.07 -19.44
N SER F 218 21.07 -1.32 -18.58
CA SER F 218 21.69 -0.12 -18.01
C SER F 218 21.34 0.22 -16.56
N ASP F 219 22.16 1.07 -15.96
CA ASP F 219 21.91 1.68 -14.62
C ASP F 219 21.50 0.62 -13.62
N SER F 220 22.32 -0.43 -13.52
CA SER F 220 21.97 -1.56 -12.67
C SER F 220 23.19 -2.02 -11.93
N THR F 221 22.97 -2.72 -10.84
CA THR F 221 24.05 -3.33 -10.10
C THR F 221 23.96 -4.85 -10.06
N VAL F 222 25.13 -5.48 -10.01
CA VAL F 222 25.26 -6.90 -9.87
C VAL F 222 26.26 -7.15 -8.74
N SER F 223 25.82 -7.83 -7.72
CA SER F 223 26.63 -8.07 -6.54
C SER F 223 26.60 -9.50 -6.10
N ASN F 224 27.71 -9.96 -5.56
CA ASN F 224 27.85 -11.32 -5.09
C ASN F 224 27.33 -12.34 -6.10
N SER F 225 27.80 -12.20 -7.34
CA SER F 225 27.40 -13.04 -8.49
C SER F 225 28.59 -13.64 -9.21
N ALA F 226 28.38 -14.71 -9.97
CA ALA F 226 29.47 -15.33 -10.70
C ALA F 226 30.00 -14.41 -11.80
N ASN F 227 29.06 -13.75 -12.42
CA ASN F 227 29.35 -12.90 -13.55
C ASN F 227 28.64 -11.55 -13.40
N GLY F 228 29.20 -10.54 -14.06
CA GLY F 228 28.65 -9.21 -14.15
C GLY F 228 27.74 -9.13 -15.40
N VAL F 229 28.40 -8.95 -16.54
CA VAL F 229 27.82 -8.83 -17.88
C VAL F 229 28.22 -10.09 -18.64
N ARG F 230 27.26 -10.76 -19.30
CA ARG F 230 27.58 -11.95 -20.06
C ARG F 230 26.83 -12.08 -21.37
N ILE F 231 27.54 -12.49 -22.42
CA ILE F 231 26.94 -12.93 -23.67
C ILE F 231 27.47 -14.34 -23.96
N LYS F 232 26.55 -15.30 -24.09
CA LYS F 232 26.91 -16.66 -24.39
C LYS F 232 26.19 -17.19 -25.60
N THR F 233 26.94 -17.73 -26.55
CA THR F 233 26.34 -18.39 -27.71
C THR F 233 26.86 -19.81 -27.79
N ILE F 234 26.01 -20.67 -28.37
CA ILE F 234 26.23 -22.11 -28.43
C ILE F 234 27.08 -22.58 -29.61
N TYR F 235 28.03 -23.45 -29.30
CA TYR F 235 28.98 -24.00 -30.26
C TYR F 235 28.30 -24.68 -31.44
N LYS F 236 28.73 -24.29 -32.63
CA LYS F 236 28.24 -24.86 -33.89
C LYS F 236 26.75 -24.63 -34.11
N GLU F 237 26.18 -23.62 -33.49
CA GLU F 237 24.80 -23.26 -33.79
C GLU F 237 24.76 -21.95 -34.60
N THR F 238 23.57 -21.54 -35.01
CA THR F 238 23.41 -20.35 -35.82
C THR F 238 22.42 -19.45 -35.14
N GLY F 239 22.52 -18.18 -35.47
CA GLY F 239 21.70 -17.14 -34.92
C GLY F 239 22.41 -15.81 -35.14
N ASP F 240 22.00 -14.77 -34.42
CA ASP F 240 22.56 -13.43 -34.56
C ASP F 240 22.34 -12.66 -33.27
N VAL F 241 23.40 -12.02 -32.76
CA VAL F 241 23.33 -11.13 -31.60
C VAL F 241 23.85 -9.76 -32.04
N SER F 242 23.02 -8.75 -32.01
CA SER F 242 23.49 -7.45 -32.46
C SER F 242 22.78 -6.34 -31.73
N GLU F 243 23.43 -5.17 -31.71
CA GLU F 243 22.87 -3.94 -31.15
C GLU F 243 22.59 -4.12 -29.68
N ILE F 244 23.66 -4.39 -28.94
CA ILE F 244 23.57 -4.67 -27.52
C ILE F 244 24.30 -3.55 -26.82
N THR F 245 23.68 -3.01 -25.80
CA THR F 245 24.32 -2.00 -25.02
C THR F 245 24.26 -2.31 -23.54
N TYR F 246 25.42 -2.30 -22.92
CA TYR F 246 25.57 -2.38 -21.47
C TYR F 246 26.14 -1.01 -21.05
N SER F 247 25.38 -0.30 -20.21
CA SER F 247 25.72 1.06 -19.81
C SER F 247 25.53 1.27 -18.31
N ASN F 248 26.55 1.80 -17.64
CA ASN F 248 26.51 2.14 -16.23
C ASN F 248 26.07 0.95 -15.37
N ILE F 249 26.86 -0.12 -15.48
CA ILE F 249 26.69 -1.35 -14.70
C ILE F 249 27.76 -1.33 -13.63
N GLN F 250 27.34 -1.50 -12.38
CA GLN F 250 28.25 -1.55 -11.32
C GLN F 250 28.29 -2.94 -10.69
N LEU F 251 29.49 -3.41 -10.43
CA LEU F 251 29.71 -4.75 -9.97
C LEU F 251 30.35 -4.80 -8.63
N SER F 252 29.97 -5.77 -7.81
CA SER F 252 30.66 -6.03 -6.53
C SER F 252 30.68 -7.49 -6.16
N GLY F 253 31.81 -7.90 -5.60
CA GLY F 253 32.00 -9.27 -5.18
C GLY F 253 31.80 -10.29 -6.28
N ILE F 254 32.25 -9.95 -7.48
CA ILE F 254 32.11 -10.87 -8.61
C ILE F 254 33.13 -12.00 -8.50
N THR F 255 32.71 -13.26 -8.62
CA THR F 255 33.57 -14.40 -8.33
C THR F 255 34.17 -15.12 -9.55
N ASP F 256 33.56 -15.01 -10.75
CA ASP F 256 34.10 -15.71 -11.93
C ASP F 256 34.53 -14.77 -13.04
N TYR F 257 33.61 -13.96 -13.57
CA TYR F 257 33.95 -13.03 -14.64
C TYR F 257 33.28 -11.70 -14.52
N GLY F 258 34.03 -10.64 -14.71
CA GLY F 258 33.47 -9.31 -14.76
C GLY F 258 32.59 -9.13 -15.99
N ILE F 259 33.24 -9.29 -17.14
CA ILE F 259 32.55 -9.27 -18.45
C ILE F 259 33.01 -10.53 -19.14
N VAL F 260 32.06 -11.34 -19.60
CA VAL F 260 32.40 -12.58 -20.30
C VAL F 260 31.53 -12.69 -21.55
N ILE F 261 32.19 -12.80 -22.70
CA ILE F 261 31.49 -12.96 -23.95
C ILE F 261 32.15 -14.13 -24.64
N GLU F 262 31.42 -15.25 -24.80
CA GLU F 262 32.01 -16.46 -25.35
C GLU F 262 31.07 -17.22 -26.26
N GLN F 263 31.67 -17.79 -27.30
CA GLN F 263 30.91 -18.45 -28.36
C GLN F 263 31.11 -19.96 -28.36
N ASP F 264 31.39 -20.52 -27.19
CA ASP F 264 31.76 -21.94 -27.05
C ASP F 264 30.87 -22.78 -26.13
N TYR F 265 29.64 -22.39 -25.93
CA TYR F 265 28.79 -23.23 -25.07
C TYR F 265 28.25 -24.47 -25.76
N GLU F 266 28.40 -25.63 -25.10
CA GLU F 266 27.81 -26.86 -25.61
C GLU F 266 27.19 -27.55 -24.41
N ASN F 267 25.96 -28.02 -24.57
CA ASN F 267 25.25 -28.71 -23.47
C ASN F 267 25.37 -28.01 -22.12
N GLY F 268 25.26 -26.68 -22.12
CA GLY F 268 25.29 -25.88 -20.91
C GLY F 268 26.65 -25.54 -20.33
N SER F 269 27.74 -26.00 -20.93
CA SER F 269 29.07 -25.73 -20.40
C SER F 269 30.01 -25.27 -21.50
N PRO F 270 31.00 -24.46 -21.16
CA PRO F 270 31.98 -24.02 -22.15
C PRO F 270 32.96 -25.11 -22.57
N THR F 271 33.12 -25.29 -23.88
CA THR F 271 34.06 -26.23 -24.45
C THR F 271 35.48 -25.72 -24.54
N GLY F 272 35.67 -24.39 -24.58
CA GLY F 272 37.00 -23.82 -24.78
C GLY F 272 37.29 -23.49 -26.23
N THR F 273 36.44 -23.97 -27.13
CA THR F 273 36.60 -23.73 -28.59
C THR F 273 35.38 -23.01 -29.15
N PRO F 274 35.53 -21.76 -29.63
CA PRO F 274 34.39 -21.02 -30.18
C PRO F 274 34.08 -21.41 -31.60
N SER F 275 32.87 -21.12 -32.05
CA SER F 275 32.50 -21.29 -33.46
C SER F 275 32.03 -19.93 -33.98
N THR F 276 31.69 -19.85 -35.26
CA THR F 276 31.43 -18.56 -35.90
C THR F 276 30.04 -18.32 -36.49
N GLY F 277 29.12 -19.23 -36.26
CA GLY F 277 27.76 -19.14 -36.79
C GLY F 277 26.77 -18.25 -36.06
N ILE F 278 27.17 -17.69 -34.94
CA ILE F 278 26.34 -16.74 -34.25
C ILE F 278 27.11 -15.45 -34.06
N PRO F 279 27.10 -14.56 -35.06
CA PRO F 279 27.82 -13.30 -34.97
C PRO F 279 27.35 -12.43 -33.83
N ILE F 280 28.29 -11.78 -33.17
CA ILE F 280 28.02 -10.84 -32.10
C ILE F 280 28.57 -9.49 -32.57
N THR F 281 27.68 -8.63 -33.01
CA THR F 281 28.12 -7.35 -33.58
C THR F 281 27.42 -6.17 -32.98
N ASP F 282 28.03 -5.01 -33.14
CA ASP F 282 27.46 -3.74 -32.70
C ASP F 282 27.13 -3.85 -31.21
N VAL F 283 28.13 -4.19 -30.44
CA VAL F 283 28.03 -4.30 -28.97
C VAL F 283 28.66 -3.06 -28.42
N THR F 284 27.92 -2.35 -27.58
CA THR F 284 28.46 -1.19 -26.91
C THR F 284 28.55 -1.47 -25.43
N VAL F 285 29.76 -1.28 -24.90
CA VAL F 285 29.98 -1.38 -23.46
C VAL F 285 30.43 0.01 -23.02
N ASP F 286 29.65 0.63 -22.15
CA ASP F 286 29.91 2.01 -21.76
C ASP F 286 29.74 2.21 -20.27
N GLY F 287 30.83 2.03 -19.55
CA GLY F 287 30.84 2.22 -18.10
C GLY F 287 30.44 0.96 -17.36
N VAL F 288 31.42 0.11 -17.11
CA VAL F 288 31.22 -1.09 -16.29
C VAL F 288 32.33 -1.01 -15.26
N THR F 289 31.93 -0.82 -14.00
CA THR F 289 32.90 -0.61 -12.94
C THR F 289 32.64 -1.52 -11.76
N GLY F 290 33.61 -1.63 -10.88
CA GLY F 290 33.38 -2.32 -9.63
C GLY F 290 34.47 -3.26 -9.23
N THR F 291 34.11 -4.15 -8.32
CA THR F 291 35.06 -5.03 -7.68
C THR F 291 34.89 -6.48 -7.94
N LEU F 292 36.04 -7.15 -8.10
CA LEU F 292 36.10 -8.58 -8.30
C LEU F 292 36.85 -9.27 -7.18
N GLU F 293 36.48 -10.51 -6.90
CA GLU F 293 37.19 -11.32 -5.91
C GLU F 293 38.49 -11.85 -6.51
N ASP F 294 39.38 -12.41 -5.69
CA ASP F 294 40.74 -12.72 -6.20
C ASP F 294 40.86 -13.83 -7.24
N ASP F 295 39.90 -14.72 -7.30
CA ASP F 295 39.87 -15.78 -8.32
C ASP F 295 39.02 -15.46 -9.55
N ALA F 296 38.46 -14.27 -9.62
CA ALA F 296 37.66 -13.86 -10.79
C ALA F 296 38.59 -13.33 -11.88
N THR F 297 38.08 -13.39 -13.12
CA THR F 297 38.79 -12.84 -14.29
C THR F 297 38.03 -11.59 -14.72
N GLN F 298 38.74 -10.49 -14.97
CA GLN F 298 38.16 -9.22 -15.31
C GLN F 298 37.29 -9.31 -16.55
N VAL F 299 37.94 -9.66 -17.67
CA VAL F 299 37.27 -9.72 -18.96
C VAL F 299 37.71 -11.01 -19.66
N TYR F 300 36.77 -11.78 -20.20
CA TYR F 300 37.09 -12.98 -20.96
C TYR F 300 36.25 -12.91 -22.24
N ILE F 301 36.91 -12.80 -23.37
CA ILE F 301 36.25 -12.71 -24.66
C ILE F 301 36.79 -13.91 -25.47
N LEU F 302 35.89 -14.81 -25.84
CA LEU F 302 36.27 -16.02 -26.56
C LEU F 302 35.42 -16.07 -27.81
N CYS F 303 35.88 -15.36 -28.85
CA CYS F 303 35.17 -15.31 -30.11
C CYS F 303 35.82 -16.22 -31.19
N GLY F 304 34.99 -16.71 -32.08
CA GLY F 304 35.44 -17.41 -33.25
C GLY F 304 36.15 -16.41 -34.16
N ASP F 305 36.89 -16.87 -35.18
CA ASP F 305 37.61 -15.92 -36.02
C ASP F 305 36.64 -15.20 -36.92
N GLY F 306 36.59 -13.89 -36.75
CA GLY F 306 35.73 -13.06 -37.54
C GLY F 306 34.31 -12.94 -37.07
N SER F 307 33.94 -13.59 -35.96
CA SER F 307 32.50 -13.60 -35.63
C SER F 307 32.04 -12.58 -34.58
N CYS F 308 32.97 -11.81 -34.05
CA CYS F 308 32.64 -10.69 -33.21
C CYS F 308 33.24 -9.45 -33.84
N SER F 309 32.41 -8.45 -34.08
CA SER F 309 32.92 -7.23 -34.71
C SER F 309 32.09 -6.00 -34.44
N ASP F 310 32.69 -4.84 -34.69
CA ASP F 310 32.04 -3.55 -34.47
C ASP F 310 31.59 -3.40 -33.01
N TRP F 311 32.53 -3.50 -32.10
CA TRP F 311 32.26 -3.23 -30.70
C TRP F 311 32.82 -1.85 -30.33
N THR F 312 32.12 -1.17 -29.42
CA THR F 312 32.54 0.11 -28.84
C THR F 312 32.62 -0.09 -27.32
N TRP F 313 33.80 0.09 -26.79
CA TRP F 313 34.18 -0.31 -25.45
C TRP F 313 34.85 0.85 -24.73
N SER F 314 34.22 1.33 -23.68
CA SER F 314 34.78 2.41 -22.90
C SER F 314 34.32 2.36 -21.46
N GLY F 315 35.08 3.03 -20.62
CA GLY F 315 34.77 3.10 -19.21
C GLY F 315 34.72 1.79 -18.47
N VAL F 316 35.45 0.79 -18.94
CA VAL F 316 35.59 -0.46 -18.19
C VAL F 316 36.70 -0.28 -17.13
N ASP F 317 36.31 -0.18 -15.87
CA ASP F 317 37.25 0.08 -14.81
C ASP F 317 36.95 -0.83 -13.63
N LEU F 318 37.63 -1.97 -13.61
CA LEU F 318 37.38 -2.97 -12.61
C LEU F 318 38.55 -3.08 -11.67
N SER F 319 38.28 -3.31 -10.39
CA SER F 319 39.37 -3.50 -9.42
C SER F 319 39.31 -4.92 -8.92
N GLY F 320 40.45 -5.59 -8.85
CA GLY F 320 40.54 -6.93 -8.31
C GLY F 320 40.53 -7.96 -9.43
N GLY F 321 40.84 -9.21 -9.12
CA GLY F 321 40.72 -10.27 -10.10
C GLY F 321 41.94 -10.36 -11.02
N LYS F 322 41.90 -11.31 -11.94
CA LYS F 322 43.03 -11.59 -12.80
C LYS F 322 42.76 -11.05 -14.20
N THR F 323 43.83 -10.86 -14.98
CA THR F 323 43.66 -10.48 -16.39
C THR F 323 43.73 -11.79 -17.17
N SER F 324 42.84 -11.97 -18.14
CA SER F 324 42.79 -13.23 -18.86
C SER F 324 43.96 -13.30 -19.84
N ASP F 325 44.57 -14.45 -19.94
CA ASP F 325 45.56 -14.66 -20.99
C ASP F 325 45.01 -15.63 -22.04
N LYS F 326 43.69 -15.84 -22.05
CA LYS F 326 43.06 -16.83 -22.91
C LYS F 326 42.03 -16.30 -23.90
N CYS F 327 41.94 -14.98 -24.03
CA CYS F 327 40.97 -14.37 -24.94
C CYS F 327 41.34 -14.70 -26.38
N GLU F 328 40.33 -14.75 -27.23
CA GLU F 328 40.53 -15.16 -28.63
C GLU F 328 39.72 -14.27 -29.55
N ASN F 329 40.38 -13.76 -30.58
CA ASN F 329 39.73 -12.98 -31.62
C ASN F 329 38.94 -11.80 -31.09
N VAL F 330 39.59 -11.05 -30.21
CA VAL F 330 38.96 -9.91 -29.61
C VAL F 330 38.74 -8.79 -30.64
N PRO F 331 37.52 -8.29 -30.74
CA PRO F 331 37.26 -7.16 -31.65
C PRO F 331 38.14 -5.94 -31.37
N SER F 332 38.52 -5.27 -32.44
CA SER F 332 39.40 -4.11 -32.32
C SER F 332 38.95 -3.07 -31.30
N GLY F 333 37.67 -2.78 -31.23
CA GLY F 333 37.22 -1.84 -30.19
C GLY F 333 37.50 -2.21 -28.70
N ALA F 334 37.82 -3.48 -28.43
CA ALA F 334 37.81 -4.06 -27.09
C ALA F 334 39.13 -4.57 -26.58
N SER F 335 39.14 -4.97 -25.30
CA SER F 335 40.31 -5.50 -24.70
C SER F 335 40.01 -6.34 -23.49
N CYS F 336 40.82 -7.37 -23.29
CA CYS F 336 40.74 -8.16 -22.06
C CYS F 336 41.60 -7.51 -21.01
#